data_2OBI
# 
_entry.id   2OBI 
# 
_audit_conform.dict_name       mmcif_pdbx.dic 
_audit_conform.dict_version    5.377 
_audit_conform.dict_location   http://mmcif.pdb.org/dictionaries/ascii/mmcif_pdbx.dic 
# 
loop_
_database_2.database_id 
_database_2.database_code 
_database_2.pdbx_database_accession 
_database_2.pdbx_DOI 
PDB   2OBI         pdb_00002obi 10.2210/pdb2obi/pdb 
RCSB  RCSB040927   ?            ?                   
WWPDB D_1000040927 ?            ?                   
# 
_pdbx_database_status.status_code                     REL 
_pdbx_database_status.entry_id                        2OBI 
_pdbx_database_status.recvd_initial_deposition_date   2006-12-19 
_pdbx_database_status.deposit_site                    RCSB 
_pdbx_database_status.process_site                    RCSB 
_pdbx_database_status.status_code_sf                  REL 
_pdbx_database_status.status_code_mr                  ? 
_pdbx_database_status.SG_entry                        ? 
_pdbx_database_status.pdb_format_compatible           Y 
_pdbx_database_status.status_code_cs                  ? 
_pdbx_database_status.status_code_nmr_data            ? 
_pdbx_database_status.methods_development_category    ? 
# 
loop_
_audit_author.name 
_audit_author.pdbx_ordinal 
'Scheerer, P.' 1 
'Krauss, N.'   2 
'Hoehne, W.'   3 
# 
_citation.id                        primary 
_citation.title                     
'Structural basis for catalytic activity and enzyme polymerization of phospholipid hydroperoxide glutathione peroxidase-4 (GPx4).' 
_citation.journal_abbrev            Biochemistry 
_citation.journal_volume            46 
_citation.page_first                9041 
_citation.page_last                 9049 
_citation.year                      2007 
_citation.journal_id_ASTM           BICHAW 
_citation.country                   US 
_citation.journal_id_ISSN           0006-2960 
_citation.journal_id_CSD            0033 
_citation.book_publisher            ? 
_citation.pdbx_database_id_PubMed   17630701 
_citation.pdbx_database_id_DOI      10.1021/bi700840d 
# 
loop_
_citation_author.citation_id 
_citation_author.name 
_citation_author.ordinal 
_citation_author.identifier_ORCID 
primary 'Scheerer, P.' 1 ? 
primary 'Borchert, A.' 2 ? 
primary 'Krauss, N.'   3 ? 
primary 'Wessner, H.'  4 ? 
primary 'Gerth, C.'    5 ? 
primary 'Hohne, W.'    6 ? 
primary 'Kuhn, H.'     7 ? 
# 
_cell.entry_id           2OBI 
_cell.length_a           61.362 
_cell.length_b           61.362 
_cell.length_c           113.891 
_cell.angle_alpha        90.00 
_cell.angle_beta         90.00 
_cell.angle_gamma        120.00 
_cell.Z_PDB              6 
_cell.pdbx_unique_axis   ? 
_cell.length_a_esd       ? 
_cell.length_b_esd       ? 
_cell.length_c_esd       ? 
_cell.angle_alpha_esd    ? 
_cell.angle_beta_esd     ? 
_cell.angle_gamma_esd    ? 
# 
_symmetry.entry_id                         2OBI 
_symmetry.space_group_name_H-M             'P 31 2 1' 
_symmetry.pdbx_full_space_group_name_H-M   ? 
_symmetry.cell_setting                     ? 
_symmetry.Int_Tables_number                152 
_symmetry.space_group_name_Hall            ? 
# 
loop_
_entity.id 
_entity.type 
_entity.src_method 
_entity.pdbx_description 
_entity.formula_weight 
_entity.pdbx_number_of_molecules 
_entity.pdbx_ec 
_entity.pdbx_mutation 
_entity.pdbx_fragment 
_entity.details 
1 polymer man 'Phospholipid hydroperoxide glutathione peroxidase (GPX4)' 20955.078 1   1.11.1.12 ? ? ? 
2 water   nat water                                                      18.015    151 ?         ? ? ? 
# 
_entity_name_com.entity_id   1 
_entity_name_com.name        'PHGPx, GPX-4' 
# 
_entity_poly.entity_id                      1 
_entity_poly.type                           'polypeptide(L)' 
_entity_poly.nstd_linkage                   no 
_entity_poly.nstd_monomer                   no 
_entity_poly.pdbx_seq_one_letter_code       
;MRGSHHHHHHGSACCASRDDWRCARSMHEFSAKDIDGHMVNLDKYRGFVCIVTNVASQCGKTEVNYTQLVDLHARYAECG
LRILAFPCNQFGKQEPGSNEEIKEFAAGYNVKFDMFSKICVNGDDAHPLWKWMKIQPKGKGILGNAIKWNFTKFLIDKNG
CVVKRYGPMEEPLVIEKDLPHYF
;
_entity_poly.pdbx_seq_one_letter_code_can   
;MRGSHHHHHHGSACCASRDDWRCARSMHEFSAKDIDGHMVNLDKYRGFVCIVTNVASQCGKTEVNYTQLVDLHARYAECG
LRILAFPCNQFGKQEPGSNEEIKEFAAGYNVKFDMFSKICVNGDDAHPLWKWMKIQPKGKGILGNAIKWNFTKFLIDKNG
CVVKRYGPMEEPLVIEKDLPHYF
;
_entity_poly.pdbx_strand_id                 A 
_entity_poly.pdbx_target_identifier         ? 
# 
loop_
_entity_poly_seq.entity_id 
_entity_poly_seq.num 
_entity_poly_seq.mon_id 
_entity_poly_seq.hetero 
1 1   MET n 
1 2   ARG n 
1 3   GLY n 
1 4   SER n 
1 5   HIS n 
1 6   HIS n 
1 7   HIS n 
1 8   HIS n 
1 9   HIS n 
1 10  HIS n 
1 11  GLY n 
1 12  SER n 
1 13  ALA n 
1 14  CYS n 
1 15  CYS n 
1 16  ALA n 
1 17  SER n 
1 18  ARG n 
1 19  ASP n 
1 20  ASP n 
1 21  TRP n 
1 22  ARG n 
1 23  CYS n 
1 24  ALA n 
1 25  ARG n 
1 26  SER n 
1 27  MET n 
1 28  HIS n 
1 29  GLU n 
1 30  PHE n 
1 31  SER n 
1 32  ALA n 
1 33  LYS n 
1 34  ASP n 
1 35  ILE n 
1 36  ASP n 
1 37  GLY n 
1 38  HIS n 
1 39  MET n 
1 40  VAL n 
1 41  ASN n 
1 42  LEU n 
1 43  ASP n 
1 44  LYS n 
1 45  TYR n 
1 46  ARG n 
1 47  GLY n 
1 48  PHE n 
1 49  VAL n 
1 50  CYS n 
1 51  ILE n 
1 52  VAL n 
1 53  THR n 
1 54  ASN n 
1 55  VAL n 
1 56  ALA n 
1 57  SER n 
1 58  GLN n 
1 59  CYS n 
1 60  GLY n 
1 61  LYS n 
1 62  THR n 
1 63  GLU n 
1 64  VAL n 
1 65  ASN n 
1 66  TYR n 
1 67  THR n 
1 68  GLN n 
1 69  LEU n 
1 70  VAL n 
1 71  ASP n 
1 72  LEU n 
1 73  HIS n 
1 74  ALA n 
1 75  ARG n 
1 76  TYR n 
1 77  ALA n 
1 78  GLU n 
1 79  CYS n 
1 80  GLY n 
1 81  LEU n 
1 82  ARG n 
1 83  ILE n 
1 84  LEU n 
1 85  ALA n 
1 86  PHE n 
1 87  PRO n 
1 88  CYS n 
1 89  ASN n 
1 90  GLN n 
1 91  PHE n 
1 92  GLY n 
1 93  LYS n 
1 94  GLN n 
1 95  GLU n 
1 96  PRO n 
1 97  GLY n 
1 98  SER n 
1 99  ASN n 
1 100 GLU n 
1 101 GLU n 
1 102 ILE n 
1 103 LYS n 
1 104 GLU n 
1 105 PHE n 
1 106 ALA n 
1 107 ALA n 
1 108 GLY n 
1 109 TYR n 
1 110 ASN n 
1 111 VAL n 
1 112 LYS n 
1 113 PHE n 
1 114 ASP n 
1 115 MET n 
1 116 PHE n 
1 117 SER n 
1 118 LYS n 
1 119 ILE n 
1 120 CYS n 
1 121 VAL n 
1 122 ASN n 
1 123 GLY n 
1 124 ASP n 
1 125 ASP n 
1 126 ALA n 
1 127 HIS n 
1 128 PRO n 
1 129 LEU n 
1 130 TRP n 
1 131 LYS n 
1 132 TRP n 
1 133 MET n 
1 134 LYS n 
1 135 ILE n 
1 136 GLN n 
1 137 PRO n 
1 138 LYS n 
1 139 GLY n 
1 140 LYS n 
1 141 GLY n 
1 142 ILE n 
1 143 LEU n 
1 144 GLY n 
1 145 ASN n 
1 146 ALA n 
1 147 ILE n 
1 148 LYS n 
1 149 TRP n 
1 150 ASN n 
1 151 PHE n 
1 152 THR n 
1 153 LYS n 
1 154 PHE n 
1 155 LEU n 
1 156 ILE n 
1 157 ASP n 
1 158 LYS n 
1 159 ASN n 
1 160 GLY n 
1 161 CYS n 
1 162 VAL n 
1 163 VAL n 
1 164 LYS n 
1 165 ARG n 
1 166 TYR n 
1 167 GLY n 
1 168 PRO n 
1 169 MET n 
1 170 GLU n 
1 171 GLU n 
1 172 PRO n 
1 173 LEU n 
1 174 VAL n 
1 175 ILE n 
1 176 GLU n 
1 177 LYS n 
1 178 ASP n 
1 179 LEU n 
1 180 PRO n 
1 181 HIS n 
1 182 TYR n 
1 183 PHE n 
# 
_entity_src_gen.entity_id                          1 
_entity_src_gen.pdbx_src_id                        1 
_entity_src_gen.pdbx_alt_source_flag               sample 
_entity_src_gen.pdbx_seq_type                      ? 
_entity_src_gen.pdbx_beg_seq_num                   ? 
_entity_src_gen.pdbx_end_seq_num                   ? 
_entity_src_gen.gene_src_common_name               human 
_entity_src_gen.gene_src_genus                     Homo 
_entity_src_gen.pdbx_gene_src_gene                 GPX4 
_entity_src_gen.gene_src_species                   ? 
_entity_src_gen.gene_src_strain                    ? 
_entity_src_gen.gene_src_tissue                    ? 
_entity_src_gen.gene_src_tissue_fraction           ? 
_entity_src_gen.gene_src_details                   ? 
_entity_src_gen.pdbx_gene_src_fragment             ? 
_entity_src_gen.pdbx_gene_src_scientific_name      'Homo sapiens' 
_entity_src_gen.pdbx_gene_src_ncbi_taxonomy_id     9606 
_entity_src_gen.pdbx_gene_src_variant              ? 
_entity_src_gen.pdbx_gene_src_cell_line            ? 
_entity_src_gen.pdbx_gene_src_atcc                 ? 
_entity_src_gen.pdbx_gene_src_organ                ? 
_entity_src_gen.pdbx_gene_src_organelle            ? 
_entity_src_gen.pdbx_gene_src_cell                 ? 
_entity_src_gen.pdbx_gene_src_cellular_location    ? 
_entity_src_gen.host_org_common_name               ? 
_entity_src_gen.pdbx_host_org_scientific_name      'Escherichia coli' 
_entity_src_gen.pdbx_host_org_ncbi_taxonomy_id     562 
_entity_src_gen.host_org_genus                     Escherichia 
_entity_src_gen.pdbx_host_org_gene                 ? 
_entity_src_gen.pdbx_host_org_organ                ? 
_entity_src_gen.host_org_species                   ? 
_entity_src_gen.pdbx_host_org_tissue               ? 
_entity_src_gen.pdbx_host_org_tissue_fraction      ? 
_entity_src_gen.pdbx_host_org_strain               M15 
_entity_src_gen.pdbx_host_org_variant              ? 
_entity_src_gen.pdbx_host_org_cell_line            ? 
_entity_src_gen.pdbx_host_org_atcc                 ? 
_entity_src_gen.pdbx_host_org_culture_collection   ? 
_entity_src_gen.pdbx_host_org_cell                 ? 
_entity_src_gen.pdbx_host_org_organelle            ? 
_entity_src_gen.pdbx_host_org_cellular_location    ? 
_entity_src_gen.pdbx_host_org_vector_type          PLASMID 
_entity_src_gen.pdbx_host_org_vector               ? 
_entity_src_gen.host_org_details                   ? 
_entity_src_gen.expression_system_id               ? 
_entity_src_gen.plasmid_name                       pQE30 
_entity_src_gen.plasmid_details                    ? 
_entity_src_gen.pdbx_description                   ? 
# 
_struct_ref.id                         1 
_struct_ref.db_name                    UNP 
_struct_ref.db_code                    GPX4_HUMAN 
_struct_ref.pdbx_db_accession          P36969 
_struct_ref.entity_id                  1 
_struct_ref.pdbx_seq_one_letter_code   
;MCASRDDWRCARSMHEFSAKDIDGHMVNLDKYRGFVCIVTNVASQCGKTEVNYTQLVDLHARYAECGLRILAFPCNQFGK
QEPGSNEEIKEFAAGYNVKFDMFSKICVNGDDAHPLWKWMKIQPKGKGILGNAIKWNFTKFLIDKNGCVVKRYGPMEEPL
VIEKDLPHYF
;
_struct_ref.pdbx_align_begin           29 
_struct_ref.pdbx_db_isoform            ? 
# 
_struct_ref_seq.align_id                      1 
_struct_ref_seq.ref_id                        1 
_struct_ref_seq.pdbx_PDB_id_code              2OBI 
_struct_ref_seq.pdbx_strand_id                A 
_struct_ref_seq.seq_align_beg                 15 
_struct_ref_seq.pdbx_seq_align_beg_ins_code   ? 
_struct_ref_seq.seq_align_end                 183 
_struct_ref_seq.pdbx_seq_align_end_ins_code   ? 
_struct_ref_seq.pdbx_db_accession             P36969 
_struct_ref_seq.db_align_beg                  29 
_struct_ref_seq.pdbx_db_align_beg_ins_code    ? 
_struct_ref_seq.db_align_end                  197 
_struct_ref_seq.pdbx_db_align_end_ins_code    ? 
_struct_ref_seq.pdbx_auth_seq_align_beg       2 
_struct_ref_seq.pdbx_auth_seq_align_end       170 
# 
loop_
_struct_ref_seq_dif.align_id 
_struct_ref_seq_dif.pdbx_pdb_id_code 
_struct_ref_seq_dif.mon_id 
_struct_ref_seq_dif.pdbx_pdb_strand_id 
_struct_ref_seq_dif.seq_num 
_struct_ref_seq_dif.pdbx_pdb_ins_code 
_struct_ref_seq_dif.pdbx_seq_db_name 
_struct_ref_seq_dif.pdbx_seq_db_accession_code 
_struct_ref_seq_dif.db_mon_id 
_struct_ref_seq_dif.pdbx_seq_db_seq_num 
_struct_ref_seq_dif.details 
_struct_ref_seq_dif.pdbx_auth_seq_num 
_struct_ref_seq_dif.pdbx_ordinal 
1 2OBI MET A 1  ? UNP P36969 ? ? 'expression tag' -12 1  
1 2OBI ARG A 2  ? UNP P36969 ? ? 'expression tag' -11 2  
1 2OBI GLY A 3  ? UNP P36969 ? ? 'expression tag' -10 3  
1 2OBI SER A 4  ? UNP P36969 ? ? 'expression tag' -9  4  
1 2OBI HIS A 5  ? UNP P36969 ? ? 'expression tag' -8  5  
1 2OBI HIS A 6  ? UNP P36969 ? ? 'expression tag' -7  6  
1 2OBI HIS A 7  ? UNP P36969 ? ? 'expression tag' -6  7  
1 2OBI HIS A 8  ? UNP P36969 ? ? 'expression tag' -5  8  
1 2OBI HIS A 9  ? UNP P36969 ? ? 'expression tag' -4  9  
1 2OBI HIS A 10 ? UNP P36969 ? ? 'expression tag' -3  10 
1 2OBI GLY A 11 ? UNP P36969 ? ? 'expression tag' -2  11 
1 2OBI SER A 12 ? UNP P36969 ? ? 'expression tag' -1  12 
1 2OBI ALA A 13 ? UNP P36969 ? ? 'expression tag' 0   13 
1 2OBI CYS A 14 ? UNP P36969 ? ? 'expression tag' 1   14 
# 
loop_
_chem_comp.id 
_chem_comp.type 
_chem_comp.mon_nstd_flag 
_chem_comp.name 
_chem_comp.pdbx_synonyms 
_chem_comp.formula 
_chem_comp.formula_weight 
ALA 'L-peptide linking' y ALANINE         ? 'C3 H7 N O2'     89.093  
ARG 'L-peptide linking' y ARGININE        ? 'C6 H15 N4 O2 1' 175.209 
ASN 'L-peptide linking' y ASPARAGINE      ? 'C4 H8 N2 O3'    132.118 
ASP 'L-peptide linking' y 'ASPARTIC ACID' ? 'C4 H7 N O4'     133.103 
CYS 'L-peptide linking' y CYSTEINE        ? 'C3 H7 N O2 S'   121.158 
GLN 'L-peptide linking' y GLUTAMINE       ? 'C5 H10 N2 O3'   146.144 
GLU 'L-peptide linking' y 'GLUTAMIC ACID' ? 'C5 H9 N O4'     147.129 
GLY 'peptide linking'   y GLYCINE         ? 'C2 H5 N O2'     75.067  
HIS 'L-peptide linking' y HISTIDINE       ? 'C6 H10 N3 O2 1' 156.162 
HOH non-polymer         . WATER           ? 'H2 O'           18.015  
ILE 'L-peptide linking' y ISOLEUCINE      ? 'C6 H13 N O2'    131.173 
LEU 'L-peptide linking' y LEUCINE         ? 'C6 H13 N O2'    131.173 
LYS 'L-peptide linking' y LYSINE          ? 'C6 H15 N2 O2 1' 147.195 
MET 'L-peptide linking' y METHIONINE      ? 'C5 H11 N O2 S'  149.211 
PHE 'L-peptide linking' y PHENYLALANINE   ? 'C9 H11 N O2'    165.189 
PRO 'L-peptide linking' y PROLINE         ? 'C5 H9 N O2'     115.130 
SER 'L-peptide linking' y SERINE          ? 'C3 H7 N O3'     105.093 
THR 'L-peptide linking' y THREONINE       ? 'C4 H9 N O3'     119.119 
TRP 'L-peptide linking' y TRYPTOPHAN      ? 'C11 H12 N2 O2'  204.225 
TYR 'L-peptide linking' y TYROSINE        ? 'C9 H11 N O3'    181.189 
VAL 'L-peptide linking' y VALINE          ? 'C5 H11 N O2'    117.146 
# 
_exptl.entry_id          2OBI 
_exptl.method            'X-RAY DIFFRACTION' 
_exptl.crystals_number   1 
# 
_exptl_crystal.id                    1 
_exptl_crystal.density_meas          ? 
_exptl_crystal.density_Matthews      3.17 
_exptl_crystal.density_percent_sol   61.22 
_exptl_crystal.description           ? 
_exptl_crystal.F_000                 ? 
_exptl_crystal.preparation           ? 
# 
_exptl_crystal_grow.crystal_id      1 
_exptl_crystal_grow.method          'VAPOR DIFFUSION, HANGING DROP' 
_exptl_crystal_grow.temp            295 
_exptl_crystal_grow.temp_details    ? 
_exptl_crystal_grow.pH              6.5 
_exptl_crystal_grow.pdbx_details    '15% PEG 8000, 0.1M MES buffer, pH 6.5, VAPOR DIFFUSION, HANGING DROP, temperature 295K' 
_exptl_crystal_grow.pdbx_pH_range   . 
# 
_diffrn.id                     1 
_diffrn.ambient_temp           100 
_diffrn.ambient_temp_details   ? 
_diffrn.crystal_id             1 
# 
_diffrn_detector.diffrn_id              1 
_diffrn_detector.detector               CCD 
_diffrn_detector.type                   'MARMOSAIC 225 mm CCD' 
_diffrn_detector.pdbx_collection_date   2006-08-29 
_diffrn_detector.details                mirrors 
# 
_diffrn_radiation.diffrn_id                        1 
_diffrn_radiation.wavelength_id                    1 
_diffrn_radiation.pdbx_monochromatic_or_laue_m_l   M 
_diffrn_radiation.monochromator                    'Si 111 CRYSTAL' 
_diffrn_radiation.pdbx_diffrn_protocol             'SINGLE WAVELENGTH' 
_diffrn_radiation.pdbx_scattering_type             x-ray 
# 
_diffrn_radiation_wavelength.id           1 
_diffrn_radiation_wavelength.wavelength   0.9537 
_diffrn_radiation_wavelength.wt           1.0 
# 
_diffrn_source.diffrn_id                   1 
_diffrn_source.source                      SYNCHROTRON 
_diffrn_source.type                        'BESSY BEAMLINE 14.1' 
_diffrn_source.pdbx_synchrotron_site       BESSY 
_diffrn_source.pdbx_synchrotron_beamline   14.1 
_diffrn_source.pdbx_wavelength             ? 
_diffrn_source.pdbx_wavelength_list        0.9537 
# 
_reflns.entry_id                     2OBI 
_reflns.observed_criterion_sigma_F   0 
_reflns.observed_criterion_sigma_I   -3 
_reflns.d_resolution_high            1.55 
_reflns.d_resolution_low             50.0 
_reflns.number_all                   35135 
_reflns.number_obs                   35135 
_reflns.percent_possible_obs         95.6 
_reflns.pdbx_Rmerge_I_obs            0.068 
_reflns.pdbx_Rsym_value              0.068 
_reflns.pdbx_netI_over_sigmaI        32.07 
_reflns.B_iso_Wilson_estimate        18.68 
_reflns.pdbx_redundancy              9.4 
_reflns.R_free_details               ? 
_reflns.limit_h_max                  ? 
_reflns.limit_h_min                  ? 
_reflns.limit_k_max                  ? 
_reflns.limit_k_min                  ? 
_reflns.limit_l_max                  ? 
_reflns.limit_l_min                  ? 
_reflns.observed_criterion_F_max     ? 
_reflns.observed_criterion_F_min     ? 
_reflns.pdbx_chi_squared             ? 
_reflns.pdbx_scaling_rejects         ? 
_reflns.pdbx_diffrn_id               1 
_reflns.pdbx_ordinal                 1 
# 
_reflns_shell.d_res_high             1.55 
_reflns_shell.d_res_low              1.61 
_reflns_shell.percent_possible_all   66.6 
_reflns_shell.Rmerge_I_obs           0.0364 
_reflns_shell.pdbx_Rsym_value        0.0364 
_reflns_shell.meanI_over_sigI_obs    2.48 
_reflns_shell.pdbx_redundancy        3.4 
_reflns_shell.percent_possible_obs   ? 
_reflns_shell.number_unique_all      2429 
_reflns_shell.number_measured_all    ? 
_reflns_shell.number_measured_obs    ? 
_reflns_shell.number_unique_obs      ? 
_reflns_shell.pdbx_chi_squared       ? 
_reflns_shell.pdbx_diffrn_id         ? 
_reflns_shell.pdbx_ordinal           1 
# 
_refine.entry_id                                 2OBI 
_refine.ls_d_res_high                            1.55 
_refine.ls_d_res_low                             30.69 
_refine.pdbx_ls_sigma_F                          ? 
_refine.pdbx_ls_sigma_I                          ? 
_refine.ls_number_reflns_all                     33339 
_refine.ls_number_reflns_obs                     33339 
_refine.ls_number_reflns_R_free                  1761 
_refine.ls_percent_reflns_obs                    95.6 
_refine.ls_R_factor_all                          0.1652 
_refine.ls_R_factor_obs                          0.1652 
_refine.ls_R_factor_R_work                       0.1641 
_refine.ls_R_factor_R_free                       0.1859 
_refine.ls_redundancy_reflns_obs                 ? 
_refine.pdbx_data_cutoff_high_absF               ? 
_refine.pdbx_data_cutoff_low_absF                ? 
_refine.ls_number_parameters                     ? 
_refine.ls_number_restraints                     ? 
_refine.ls_percent_reflns_R_free                 ? 
_refine.ls_R_factor_R_free_error                 ? 
_refine.ls_R_factor_R_free_error_details         ? 
_refine.pdbx_method_to_determine_struct          'MOLECULAR REPLACEMENT' 
_refine.pdbx_starting_model                      'PDB ENTRY 1GP1' 
_refine.pdbx_ls_cross_valid_method               THROUGHOUT 
_refine.pdbx_R_Free_selection_details            RANDOM 
_refine.pdbx_stereochem_target_val_spec_case     ? 
_refine.pdbx_stereochemistry_target_values       'Engh & Huber' 
_refine.solvent_model_details                    ? 
_refine.solvent_model_param_bsol                 ? 
_refine.solvent_model_param_ksol                 ? 
_refine.occupancy_max                            ? 
_refine.occupancy_min                            ? 
_refine.pdbx_isotropic_thermal_model             Isotropic 
_refine.B_iso_mean                               8.514 
_refine.aniso_B[1][1]                            0.00 
_refine.aniso_B[1][2]                            0.00 
_refine.aniso_B[1][3]                            0.00 
_refine.aniso_B[2][2]                            0.00 
_refine.aniso_B[2][3]                            0.00 
_refine.aniso_B[3][3]                            -0.01 
_refine.details                                  ? 
_refine.B_iso_min                                ? 
_refine.B_iso_max                                ? 
_refine.correlation_coeff_Fo_to_Fc               ? 
_refine.correlation_coeff_Fo_to_Fc_free          ? 
_refine.pdbx_solvent_vdw_probe_radii             ? 
_refine.pdbx_solvent_ion_probe_radii             ? 
_refine.pdbx_solvent_shrinkage_radii             ? 
_refine.overall_SU_R_Cruickshank_DPI             ? 
_refine.overall_SU_R_free                        ? 
_refine.overall_SU_ML                            ? 
_refine.overall_SU_B                             ? 
_refine.pdbx_overall_ESU_R_Free                  ? 
_refine.pdbx_data_cutoff_high_rms_absF           ? 
_refine.pdbx_overall_ESU_R                       ? 
_refine.ls_wR_factor_R_free                      ? 
_refine.ls_wR_factor_R_work                      ? 
_refine.overall_FOM_free_R_set                   ? 
_refine.overall_FOM_work_R_set                   ? 
_refine.pdbx_refine_id                           'X-RAY DIFFRACTION' 
_refine.pdbx_diffrn_id                           1 
_refine.pdbx_TLS_residual_ADP_flag               ? 
_refine.pdbx_overall_phase_error                 ? 
_refine.pdbx_overall_SU_R_free_Cruickshank_DPI   ? 
_refine.pdbx_overall_SU_R_Blow_DPI               ? 
_refine.pdbx_overall_SU_R_free_Blow_DPI          ? 
# 
_refine_analyze.entry_id                        2OBI 
_refine_analyze.Luzzati_coordinate_error_obs    0.062 
_refine_analyze.Luzzati_sigma_a_obs             0.041 
_refine_analyze.Luzzati_d_res_low_obs           6.0 
_refine_analyze.Luzzati_coordinate_error_free   0.063 
_refine_analyze.Luzzati_sigma_a_free            ? 
_refine_analyze.Luzzati_d_res_low_free          ? 
_refine_analyze.number_disordered_residues      ? 
_refine_analyze.occupancy_sum_non_hydrogen      ? 
_refine_analyze.occupancy_sum_hydrogen          ? 
_refine_analyze.pdbx_Luzzati_d_res_high_obs     ? 
_refine_analyze.pdbx_refine_id                  'X-RAY DIFFRACTION' 
# 
_refine_hist.pdbx_refine_id                   'X-RAY DIFFRACTION' 
_refine_hist.cycle_id                         LAST 
_refine_hist.pdbx_number_atoms_protein        1347 
_refine_hist.pdbx_number_atoms_nucleic_acid   0 
_refine_hist.pdbx_number_atoms_ligand         0 
_refine_hist.number_atoms_solvent             151 
_refine_hist.number_atoms_total               1498 
_refine_hist.d_res_high                       1.55 
_refine_hist.d_res_low                        30.69 
# 
loop_
_refine_ls_restr.type 
_refine_ls_restr.dev_ideal 
_refine_ls_restr.dev_ideal_target 
_refine_ls_restr.weight 
_refine_ls_restr.number 
_refine_ls_restr.pdbx_refine_id 
_refine_ls_restr.pdbx_restraint_function 
r_bond_refined_d    0.015 ? ? ? 'X-RAY DIFFRACTION' ? 
r_angle_refined_deg 1.276 ? ? ? 'X-RAY DIFFRACTION' ? 
# 
_refine_ls_shell.pdbx_total_number_of_bins_used   ? 
_refine_ls_shell.d_res_high                       1.55 
_refine_ls_shell.d_res_low                        1.59 
_refine_ls_shell.number_reflns_R_work             ? 
_refine_ls_shell.R_factor_R_work                  0.25 
_refine_ls_shell.percent_reflns_obs               94 
_refine_ls_shell.R_factor_R_free                  0.293 
_refine_ls_shell.R_factor_R_free_error            ? 
_refine_ls_shell.percent_reflns_R_free            ? 
_refine_ls_shell.number_reflns_R_free             1599 
_refine_ls_shell.number_reflns_all                ? 
_refine_ls_shell.R_factor_all                     ? 
_refine_ls_shell.number_reflns_obs                1599 
_refine_ls_shell.redundancy_reflns_obs            ? 
_refine_ls_shell.pdbx_refine_id                   'X-RAY DIFFRACTION' 
# 
_struct.entry_id                  2OBI 
_struct.title                     
'Crystal structure of the Selenocysteine to Cysteine Mutant of human phospholipid hydroperoxide glutathione peroxidase (GPx4)' 
_struct.pdbx_model_details        ? 
_struct.pdbx_CASP_flag            ? 
_struct.pdbx_model_type_details   ? 
# 
_struct_keywords.entry_id        2OBI 
_struct_keywords.pdbx_keywords   OXIDOREDUCTASE 
_struct_keywords.text            
'HUMAN GPX4, PEROXIDASE, SELENOPROTEIN, THIOREDOXIN-FOLD, ANTI-OXIDATVE DEFENSE SYSTEM, Oxidoreductase' 
# 
loop_
_struct_asym.id 
_struct_asym.pdbx_blank_PDB_chainid_flag 
_struct_asym.pdbx_modified 
_struct_asym.entity_id 
_struct_asym.details 
A N N 1 ? 
B N N 2 ? 
# 
loop_
_struct_conf.conf_type_id 
_struct_conf.id 
_struct_conf.pdbx_PDB_helix_id 
_struct_conf.beg_label_comp_id 
_struct_conf.beg_label_asym_id 
_struct_conf.beg_label_seq_id 
_struct_conf.pdbx_beg_PDB_ins_code 
_struct_conf.end_label_comp_id 
_struct_conf.end_label_asym_id 
_struct_conf.end_label_seq_id 
_struct_conf.pdbx_end_PDB_ins_code 
_struct_conf.beg_auth_comp_id 
_struct_conf.beg_auth_asym_id 
_struct_conf.beg_auth_seq_id 
_struct_conf.end_auth_comp_id 
_struct_conf.end_auth_asym_id 
_struct_conf.end_auth_seq_id 
_struct_conf.pdbx_PDB_helix_class 
_struct_conf.details 
_struct_conf.pdbx_PDB_helix_length 
HELX_P HELX_P1 1 ASP A 20  ? ALA A 24  ? ASP A 7   ALA A 11  5 ? 5  
HELX_P HELX_P2 2 SER A 26  ? GLU A 29  ? SER A 13  GLU A 16  5 ? 4  
HELX_P HELX_P3 3 ASP A 43  ? ARG A 46  ? ASP A 30  ARG A 33  5 ? 4  
HELX_P HELX_P4 4 LYS A 61  ? ALA A 77  ? LYS A 48  ALA A 64  1 ? 17 
HELX_P HELX_P5 5 SER A 98  ? GLY A 108 ? SER A 85  GLY A 95  1 ? 11 
HELX_P HELX_P6 6 HIS A 127 ? ILE A 135 ? HIS A 114 ILE A 122 1 ? 9  
HELX_P HELX_P7 7 PRO A 172 ? LYS A 177 ? PRO A 159 LYS A 164 1 ? 6  
HELX_P HELX_P8 8 ASP A 178 ? PHE A 183 ? ASP A 165 PHE A 170 5 ? 6  
# 
_struct_conf_type.id          HELX_P 
_struct_conf_type.criteria    ? 
_struct_conf_type.reference   ? 
# 
_struct_mon_prot_cis.pdbx_id                1 
_struct_mon_prot_cis.label_comp_id          ASP 
_struct_mon_prot_cis.label_seq_id           19 
_struct_mon_prot_cis.label_asym_id          A 
_struct_mon_prot_cis.label_alt_id           . 
_struct_mon_prot_cis.pdbx_PDB_ins_code      ? 
_struct_mon_prot_cis.auth_comp_id           ASP 
_struct_mon_prot_cis.auth_seq_id            6 
_struct_mon_prot_cis.auth_asym_id           A 
_struct_mon_prot_cis.pdbx_label_comp_id_2   ASP 
_struct_mon_prot_cis.pdbx_label_seq_id_2    20 
_struct_mon_prot_cis.pdbx_label_asym_id_2   A 
_struct_mon_prot_cis.pdbx_PDB_ins_code_2    ? 
_struct_mon_prot_cis.pdbx_auth_comp_id_2    ASP 
_struct_mon_prot_cis.pdbx_auth_seq_id_2     7 
_struct_mon_prot_cis.pdbx_auth_asym_id_2    A 
_struct_mon_prot_cis.pdbx_PDB_model_num     1 
_struct_mon_prot_cis.pdbx_omega_angle       20.37 
# 
loop_
_struct_sheet.id 
_struct_sheet.type 
_struct_sheet.number_strands 
_struct_sheet.details 
A ? 2 ? 
B ? 5 ? 
# 
loop_
_struct_sheet_order.sheet_id 
_struct_sheet_order.range_id_1 
_struct_sheet_order.range_id_2 
_struct_sheet_order.offset 
_struct_sheet_order.sense 
A 1 2 ? anti-parallel 
B 1 2 ? parallel      
B 2 3 ? parallel      
B 3 4 ? anti-parallel 
B 4 5 ? anti-parallel 
# 
loop_
_struct_sheet_range.sheet_id 
_struct_sheet_range.id 
_struct_sheet_range.beg_label_comp_id 
_struct_sheet_range.beg_label_asym_id 
_struct_sheet_range.beg_label_seq_id 
_struct_sheet_range.pdbx_beg_PDB_ins_code 
_struct_sheet_range.end_label_comp_id 
_struct_sheet_range.end_label_asym_id 
_struct_sheet_range.end_label_seq_id 
_struct_sheet_range.pdbx_end_PDB_ins_code 
_struct_sheet_range.beg_auth_comp_id 
_struct_sheet_range.beg_auth_asym_id 
_struct_sheet_range.beg_auth_seq_id 
_struct_sheet_range.end_auth_comp_id 
_struct_sheet_range.end_auth_asym_id 
_struct_sheet_range.end_auth_seq_id 
A 1 SER A 31  ? LYS A 33  ? SER A 18  LYS A 20  
A 2 MET A 39  ? ASN A 41  ? MET A 26  ASN A 28  
B 1 ASP A 114 ? MET A 115 ? ASP A 101 MET A 102 
B 2 LEU A 81  ? PRO A 87  ? LEU A 68  PRO A 74  
B 3 VAL A 49  ? VAL A 55  ? VAL A 36  VAL A 42  
B 4 LYS A 153 ? ILE A 156 ? LYS A 140 ILE A 143 
B 5 VAL A 162 ? TYR A 166 ? VAL A 149 TYR A 153 
# 
loop_
_pdbx_struct_sheet_hbond.sheet_id 
_pdbx_struct_sheet_hbond.range_id_1 
_pdbx_struct_sheet_hbond.range_id_2 
_pdbx_struct_sheet_hbond.range_1_label_atom_id 
_pdbx_struct_sheet_hbond.range_1_label_comp_id 
_pdbx_struct_sheet_hbond.range_1_label_asym_id 
_pdbx_struct_sheet_hbond.range_1_label_seq_id 
_pdbx_struct_sheet_hbond.range_1_PDB_ins_code 
_pdbx_struct_sheet_hbond.range_1_auth_atom_id 
_pdbx_struct_sheet_hbond.range_1_auth_comp_id 
_pdbx_struct_sheet_hbond.range_1_auth_asym_id 
_pdbx_struct_sheet_hbond.range_1_auth_seq_id 
_pdbx_struct_sheet_hbond.range_2_label_atom_id 
_pdbx_struct_sheet_hbond.range_2_label_comp_id 
_pdbx_struct_sheet_hbond.range_2_label_asym_id 
_pdbx_struct_sheet_hbond.range_2_label_seq_id 
_pdbx_struct_sheet_hbond.range_2_PDB_ins_code 
_pdbx_struct_sheet_hbond.range_2_auth_atom_id 
_pdbx_struct_sheet_hbond.range_2_auth_comp_id 
_pdbx_struct_sheet_hbond.range_2_auth_asym_id 
_pdbx_struct_sheet_hbond.range_2_auth_seq_id 
A 1 2 N ALA A 32  ? N ALA A 19  O VAL A 40  ? O VAL A 27  
B 1 2 O ASP A 114 ? O ASP A 101 N ALA A 85  ? N ALA A 72  
B 2 3 O PHE A 86  ? O PHE A 73  N THR A 53  ? N THR A 40  
B 3 4 N CYS A 50  ? N CYS A 37  O ILE A 156 ? O ILE A 143 
B 4 5 N LEU A 155 ? N LEU A 142 O VAL A 163 ? O VAL A 150 
# 
_atom_sites.entry_id                    2OBI 
_atom_sites.fract_transf_matrix[1][1]   0.01133859 
_atom_sites.fract_transf_matrix[1][2]   0.01459150 
_atom_sites.fract_transf_matrix[1][3]   -0.00355613 
_atom_sites.fract_transf_matrix[2][1]   0.00998548 
_atom_sites.fract_transf_matrix[2][2]   0.00776981 
_atom_sites.fract_transf_matrix[2][3]   0.01392973 
_atom_sites.fract_transf_matrix[3][1]   0.00661015 
_atom_sites.fract_transf_matrix[3][2]   -0.00553846 
_atom_sites.fract_transf_matrix[3][3]   -0.00164919 
_atom_sites.fract_transf_vector[1]      0.241447 
_atom_sites.fract_transf_vector[2]      -0.353980 
_atom_sites.fract_transf_vector[3]      -0.139030 
# 
loop_
_atom_type.symbol 
C 
N 
O 
S 
# 
loop_
_atom_site.group_PDB 
_atom_site.id 
_atom_site.type_symbol 
_atom_site.label_atom_id 
_atom_site.label_alt_id 
_atom_site.label_comp_id 
_atom_site.label_asym_id 
_atom_site.label_entity_id 
_atom_site.label_seq_id 
_atom_site.pdbx_PDB_ins_code 
_atom_site.Cartn_x 
_atom_site.Cartn_y 
_atom_site.Cartn_z 
_atom_site.occupancy 
_atom_site.B_iso_or_equiv 
_atom_site.pdbx_formal_charge 
_atom_site.auth_seq_id 
_atom_site.auth_comp_id 
_atom_site.auth_asym_id 
_atom_site.auth_atom_id 
_atom_site.pdbx_PDB_model_num 
ATOM   1    N N   . ASP A 1 19  ? 20.104  -5.654  2.483   1.00 34.54 ? 6   ASP A N   1 
ATOM   2    C CA  . ASP A 1 19  ? 19.282  -6.912  2.519   1.00 33.79 ? 6   ASP A CA  1 
ATOM   3    C C   . ASP A 1 19  ? 19.025  -7.323  3.973   1.00 31.82 ? 6   ASP A C   1 
ATOM   4    O O   . ASP A 1 19  ? 19.381  -6.563  4.883   1.00 34.71 ? 6   ASP A O   1 
ATOM   5    C CB  . ASP A 1 19  ? 19.978  -8.006  1.721   1.00 33.79 ? 6   ASP A CB  1 
ATOM   6    C CG  . ASP A 1 19  ? 19.520  -8.041  0.269   1.00 34.95 ? 6   ASP A CG  1 
ATOM   7    O OD1 . ASP A 1 19  ? 18.519  -8.750  -0.007  1.00 13.93 ? 6   ASP A OD1 1 
ATOM   8    O OD2 . ASP A 1 19  ? 20.159  -7.368  -0.596  1.00 45.48 ? 6   ASP A OD2 1 
ATOM   9    N N   . ASP A 1 20  ? 18.425  -8.497  4.227   1.00 28.44 ? 7   ASP A N   1 
ATOM   10   C CA  . ASP A 1 20  ? 18.351  -9.635  3.294   1.00 23.51 ? 7   ASP A CA  1 
ATOM   11   C C   . ASP A 1 20  ? 16.936  -9.796  2.712   1.00 20.28 ? 7   ASP A C   1 
ATOM   12   O O   . ASP A 1 20  ? 16.385  -10.917 2.608   1.00 15.04 ? 7   ASP A O   1 
ATOM   13   C CB  . ASP A 1 20  ? 18.737  -10.907 4.041   1.00 25.29 ? 7   ASP A CB  1 
ATOM   14   C CG  . ASP A 1 20  ? 18.138  -10.969 5.458   1.00 32.46 ? 7   ASP A CG  1 
ATOM   15   O OD1 . ASP A 1 20  ? 17.296  -10.105 5.797   1.00 44.18 ? 7   ASP A OD1 1 
ATOM   16   O OD2 . ASP A 1 20  ? 18.517  -11.883 6.233   1.00 42.70 ? 7   ASP A OD2 1 
ATOM   17   N N   . TRP A 1 21  ? 16.362  -8.669  2.341   1.00 15.08 ? 8   TRP A N   1 
ATOM   18   C CA  . TRP A 1 21  ? 14.969  -8.607  1.896   1.00 13.62 ? 8   TRP A CA  1 
ATOM   19   C C   . TRP A 1 21  ? 14.691  -9.508  0.687   1.00 11.64 ? 8   TRP A C   1 
ATOM   20   O O   . TRP A 1 21  ? 13.577  -10.028 0.512   1.00 8.85  ? 8   TRP A O   1 
ATOM   21   C CB  . TRP A 1 21  ? 14.598  -7.166  1.594   1.00 12.47 ? 8   TRP A CB  1 
ATOM   22   C CG  . TRP A 1 21  ? 15.496  -6.507  0.576   1.00 9.42  ? 8   TRP A CG  1 
ATOM   23   C CD1 . TRP A 1 21  ? 16.615  -5.749  0.829   1.00 10.76 ? 8   TRP A CD1 1 
ATOM   24   C CD2 . TRP A 1 21  ? 15.333  -6.523  -0.837  1.00 10.26 ? 8   TRP A CD2 1 
ATOM   25   N NE1 . TRP A 1 21  ? 17.165  -5.324  -0.350  1.00 12.54 ? 8   TRP A NE1 1 
ATOM   26   C CE2 . TRP A 1 21  ? 16.393  -5.785  -1.391  1.00 8.32  ? 8   TRP A CE2 1 
ATOM   27   C CE3 . TRP A 1 21  ? 14.395  -7.099  -1.693  1.00 9.68  ? 8   TRP A CE3 1 
ATOM   28   C CZ2 . TRP A 1 21  ? 16.549  -5.627  -2.755  1.00 9.49  ? 8   TRP A CZ2 1 
ATOM   29   C CZ3 . TRP A 1 21  ? 14.542  -6.935  -3.031  1.00 9.98  ? 8   TRP A CZ3 1 
ATOM   30   C CH2 . TRP A 1 21  ? 15.616  -6.214  -3.558  1.00 9.84  ? 8   TRP A CH2 1 
ATOM   31   N N   . ARG A 1 22  ? 15.696  -9.705  -0.148  1.00 10.92 ? 9   ARG A N   1 
ATOM   32   C CA  . ARG A 1 22  ? 15.477  -10.418 -1.388  1.00 9.84  ? 9   ARG A CA  1 
ATOM   33   C C   . ARG A 1 22  ? 15.116  -11.878 -1.163  1.00 10.68 ? 9   ARG A C   1 
ATOM   34   O O   . ARG A 1 22  ? 14.444  -12.493 -1.990  1.00 12.30 ? 9   ARG A O   1 
ATOM   35   C CB  . ARG A 1 22  ? 16.692  -10.291 -2.287  1.00 11.06 ? 9   ARG A CB  1 
ATOM   36   C CG  . ARG A 1 22  ? 16.381  -10.518 -3.700  1.00 12.76 ? 9   ARG A CG  1 
ATOM   37   C CD  . ARG A 1 22  ? 17.614  -10.332 -4.548  1.00 9.97  ? 9   ARG A CD  1 
ATOM   38   N NE  . ARG A 1 22  ? 17.776  -8.970  -5.026  1.00 9.35  ? 9   ARG A NE  1 
ATOM   39   C CZ  . ARG A 1 22  ? 17.233  -8.511  -6.148  1.00 7.23  ? 9   ARG A CZ  1 
ATOM   40   N NH1 . ARG A 1 22  ? 16.465  -9.299  -6.884  1.00 5.46  ? 9   ARG A NH1 1 
ATOM   41   N NH2 . ARG A 1 22  ? 17.476  -7.290  -6.556  1.00 10.51 ? 9   ARG A NH2 1 
ATOM   42   N N   . CYS A 1 23  ? 15.541  -12.442 -0.031  1.00 8.29  ? 10  CYS A N   1 
ATOM   43   C CA  . CYS A 1 23  ? 15.288  -13.848 0.246   1.00 9.87  ? 10  CYS A CA  1 
ATOM   44   C C   . CYS A 1 23  ? 13.981  -14.084 1.005   1.00 8.32  ? 10  CYS A C   1 
ATOM   45   O O   . CYS A 1 23  ? 13.629  -15.227 1.275   1.00 9.35  ? 10  CYS A O   1 
ATOM   46   C CB  . CYS A 1 23  ? 16.420  -14.428 1.063   1.00 7.61  ? 10  CYS A CB  1 
ATOM   47   S SG  . CYS A 1 23  ? 17.979  -14.482 0.162   1.00 14.21 ? 10  CYS A SG  1 
ATOM   48   N N   . ALA A 1 24  ? 13.242  -13.014 1.320   1.00 9.55  ? 11  ALA A N   1 
ATOM   49   C CA  . ALA A 1 24  ? 11.926  -13.163 1.956   1.00 8.98  ? 11  ALA A CA  1 
ATOM   50   C C   . ALA A 1 24  ? 10.976  -13.823 0.967   1.00 10.64 ? 11  ALA A C   1 
ATOM   51   O O   . ALA A 1 24  ? 11.137  -13.676 -0.250  1.00 8.61  ? 11  ALA A O   1 
ATOM   52   C CB  . ALA A 1 24  ? 11.394  -11.803 2.436   1.00 7.97  ? 11  ALA A CB  1 
ATOM   53   N N   . ARG A 1 25  ? 10.016  -14.575 1.486   1.00 10.74 ? 12  ARG A N   1 
ATOM   54   C CA  . ARG A 1 25  ? 9.063   -15.291 0.662   1.00 13.13 ? 12  ARG A CA  1 
ATOM   55   C C   . ARG A 1 25  ? 7.635   -14.739 0.848   1.00 10.62 ? 12  ARG A C   1 
ATOM   56   O O   . ARG A 1 25  ? 6.705   -15.165 0.161   1.00 12.13 ? 12  ARG A O   1 
ATOM   57   C CB  . ARG A 1 25  ? 9.077   -16.788 1.000   1.00 15.99 ? 12  ARG A CB  1 
ATOM   58   C CG  . ARG A 1 25  ? 8.082   -17.625 0.131   1.00 23.05 ? 12  ARG A CG  1 
ATOM   59   C CD  . ARG A 1 25  ? 8.295   -19.151 0.256   1.00 28.74 ? 12  ARG A CD  1 
ATOM   60   N NE  . ARG A 1 25  ? 7.059   -19.859 0.634   1.00 35.63 ? 12  ARG A NE  1 
ATOM   61   C CZ  . ARG A 1 25  ? 6.859   -21.168 0.458   1.00 41.39 ? 12  ARG A CZ  1 
ATOM   62   N NH1 . ARG A 1 25  ? 7.810   -21.921 -0.095  1.00 47.81 ? 12  ARG A NH1 1 
ATOM   63   N NH2 . ARG A 1 25  ? 5.707   -21.735 0.837   1.00 44.29 ? 12  ARG A NH2 1 
ATOM   64   N N   . SER A 1 26  ? 7.469   -13.760 1.726   1.00 9.15  ? 13  SER A N   1 
ATOM   65   C CA  . SER A 1 26  ? 6.109   -13.255 2.047   1.00 8.79  ? 13  SER A CA  1 
ATOM   66   C C   . SER A 1 26  ? 6.185   -11.857 2.606   1.00 8.36  ? 13  SER A C   1 
ATOM   67   O O   . SER A 1 26  ? 7.146   -11.542 3.316   1.00 7.85  ? 13  SER A O   1 
ATOM   68   C CB  . SER A 1 26  ? 5.443   -14.163 3.098   1.00 8.81  ? 13  SER A CB  1 
ATOM   69   O OG  . SER A 1 26  ? 4.187   -13.683 3.536   1.00 10.08 ? 13  SER A OG  1 
ATOM   70   N N   . MET A 1 27  ? 5.124   -11.049 2.376   1.00 7.38  ? 14  MET A N   1 
ATOM   71   C CA  . MET A 1 27  ? 4.965   -9.775  3.080   1.00 7.23  ? 14  MET A CA  1 
ATOM   72   C C   . MET A 1 27  ? 5.038   -9.991  4.597   1.00 7.92  ? 14  MET A C   1 
ATOM   73   O O   . MET A 1 27  ? 5.487   -9.126  5.328   1.00 9.35  ? 14  MET A O   1 
ATOM   74   C CB  . MET A 1 27  ? 3.626   -9.125  2.705   1.00 7.86  ? 14  MET A CB  1 
ATOM   75   C CG  . MET A 1 27  ? 3.335   -7.849  3.455   1.00 7.96  ? 14  MET A CG  1 
ATOM   76   S SD  . MET A 1 27  ? 1.726   -7.109  3.067   1.00 10.76 ? 14  MET A SD  1 
ATOM   77   C CE  . MET A 1 27  ? 0.640   -8.151  4.086   1.00 11.78 ? 14  MET A CE  1 
ATOM   78   N N   . HIS A 1 28  ? 4.597   -11.144 5.058   1.00 9.20  ? 15  HIS A N   1 
ATOM   79   C CA  . HIS A 1 28  ? 4.491   -11.385 6.485   1.00 8.24  ? 15  HIS A CA  1 
ATOM   80   C C   . HIS A 1 28  ? 5.840   -11.399 7.210   1.00 7.37  ? 15  HIS A C   1 
ATOM   81   O O   . HIS A 1 28  ? 5.883   -11.421 8.444   1.00 11.01 ? 15  HIS A O   1 
ATOM   82   C CB  . HIS A 1 28  ? 3.781   -12.703 6.711   1.00 5.28  ? 15  HIS A CB  1 
ATOM   83   C CG  . HIS A 1 28  ? 2.423   -12.756 6.097   1.00 5.06  ? 15  HIS A CG  1 
ATOM   84   N ND1 . HIS A 1 28  ? 1.819   -13.960 5.770   1.00 9.48  ? 15  HIS A ND1 1 
ATOM   85   C CD2 . HIS A 1 28  ? 1.570   -11.785 5.728   1.00 9.32  ? 15  HIS A CD2 1 
ATOM   86   C CE1 . HIS A 1 28  ? 0.637   -13.704 5.236   1.00 7.87  ? 15  HIS A CE1 1 
ATOM   87   N NE2 . HIS A 1 28  ? 0.473   -12.397 5.172   1.00 11.50 ? 15  HIS A NE2 1 
ATOM   88   N N   . GLU A 1 29  ? 6.927   -11.488 6.445   1.00 8.08  ? 16  GLU A N   1 
ATOM   89   C CA  . GLU A 1 29  ? 8.284   -11.466 6.995   1.00 9.15  ? 16  GLU A CA  1 
ATOM   90   C C   . GLU A 1 29  ? 8.785   -10.047 7.316   1.00 9.71  ? 16  GLU A C   1 
ATOM   91   O O   . GLU A 1 29  ? 9.891   -9.884  7.873   1.00 11.05 ? 16  GLU A O   1 
ATOM   92   C CB  . GLU A 1 29  ? 9.255   -12.136 6.017   1.00 8.67  ? 16  GLU A CB  1 
ATOM   93   C CG  . GLU A 1 29  ? 8.981   -13.621 5.809   1.00 10.97 ? 16  GLU A CG  1 
ATOM   94   C CD  . GLU A 1 29  ? 10.047  -14.303 4.986   1.00 14.18 ? 16  GLU A CD  1 
ATOM   95   O OE1 . GLU A 1 29  ? 11.247  -14.031 5.216   1.00 13.65 ? 16  GLU A OE1 1 
ATOM   96   O OE2 . GLU A 1 29  ? 9.682   -15.132 4.131   1.00 17.50 ? 16  GLU A OE2 1 
ATOM   97   N N   . PHE A 1 30  ? 7.995   -9.033  6.977   1.00 8.29  ? 17  PHE A N   1 
ATOM   98   C CA  . PHE A 1 30  ? 8.424   -7.630  7.087   1.00 8.62  ? 17  PHE A CA  1 
ATOM   99   C C   . PHE A 1 30  ? 7.679   -6.929  8.223   1.00 9.34  ? 17  PHE A C   1 
ATOM   100  O O   . PHE A 1 30  ? 6.651   -7.438  8.717   1.00 8.34  ? 17  PHE A O   1 
ATOM   101  C CB  . PHE A 1 30  ? 8.178   -6.892  5.767   1.00 7.74  ? 17  PHE A CB  1 
ATOM   102  C CG  . PHE A 1 30  ? 9.047   -7.384  4.644   1.00 9.19  ? 17  PHE A CG  1 
ATOM   103  C CD1 . PHE A 1 30  ? 10.343  -6.910  4.501   1.00 11.66 ? 17  PHE A CD1 1 
ATOM   104  C CD2 . PHE A 1 30  ? 8.606   -8.366  3.784   1.00 10.00 ? 17  PHE A CD2 1 
ATOM   105  C CE1 . PHE A 1 30  ? 11.167  -7.390  3.504   1.00 8.90  ? 17  PHE A CE1 1 
ATOM   106  C CE2 . PHE A 1 30  ? 9.433   -8.841  2.778   1.00 9.50  ? 17  PHE A CE2 1 
ATOM   107  C CZ  . PHE A 1 30  ? 10.717  -8.354  2.649   1.00 10.38 ? 17  PHE A CZ  1 
ATOM   108  N N   . SER A 1 31  ? 8.217   -5.781  8.650   1.00 8.46  ? 18  SER A N   1 
ATOM   109  C CA  . SER A 1 31  ? 7.597   -4.947  9.653   1.00 9.13  ? 18  SER A CA  1 
ATOM   110  C C   . SER A 1 31  ? 7.703   -3.501  9.178   1.00 8.48  ? 18  SER A C   1 
ATOM   111  O O   . SER A 1 31  ? 8.606   -3.170  8.399   1.00 9.50  ? 18  SER A O   1 
ATOM   112  C CB  . SER A 1 31  ? 8.309   -5.078  11.004  1.00 8.94  ? 18  SER A CB  1 
ATOM   113  O OG  . SER A 1 31  ? 8.129   -6.366  11.586  1.00 16.36 ? 18  SER A OG  1 
ATOM   114  N N   . ALA A 1 32  ? 6.794   -2.640  9.641   1.00 8.10  ? 19  ALA A N   1 
ATOM   115  C CA  . ALA A 1 32  ? 6.884   -1.225  9.292   1.00 8.23  ? 19  ALA A CA  1 
ATOM   116  C C   . ALA A 1 32  ? 6.250   -0.375  10.367  1.00 9.22  ? 19  ALA A C   1 
ATOM   117  O O   . ALA A 1 32  ? 5.354   -0.846  11.070  1.00 9.81  ? 19  ALA A O   1 
ATOM   118  C CB  . ALA A 1 32  ? 6.193   -0.963  7.937   1.00 7.75  ? 19  ALA A CB  1 
ATOM   119  N N   . LYS A 1 33  ? 6.757   0.854   10.546  1.00 7.82  ? 20  LYS A N   1 
ATOM   120  C CA  . LYS A 1 33  ? 6.170   1.776   11.510  1.00 8.78  ? 20  LYS A CA  1 
ATOM   121  C C   . LYS A 1 33  ? 4.846   2.320   11.015  1.00 8.08  ? 20  LYS A C   1 
ATOM   122  O O   . LYS A 1 33  ? 4.751   2.865   9.896   1.00 6.86  ? 20  LYS A O   1 
ATOM   123  C CB  . LYS A 1 33  ? 7.120   2.958   11.795  1.00 8.77  ? 20  LYS A CB  1 
ATOM   124  C CG  . LYS A 1 33  ? 8.281   2.604   12.645  1.00 14.36 ? 20  LYS A CG  1 
ATOM   125  C CD  . LYS A 1 33  ? 9.091   3.853   13.033  1.00 14.17 ? 20  LYS A CD  1 
ATOM   126  C CE  . LYS A 1 33  ? 10.315  3.468   13.883  1.00 20.24 ? 20  LYS A CE  1 
ATOM   127  N NZ  . LYS A 1 33  ? 11.236  4.629   14.141  1.00 20.70 ? 20  LYS A NZ  1 
ATOM   128  N N   . ASP A 1 34  ? 3.810   2.182   11.827  1.00 8.46  ? 21  ASP A N   1 
ATOM   129  C CA  . ASP A 1 34  ? 2.549   2.835   11.526  1.00 8.38  ? 21  ASP A CA  1 
ATOM   130  C C   . ASP A 1 34  ? 2.689   4.333   11.672  1.00 7.50  ? 21  ASP A C   1 
ATOM   131  O O   . ASP A 1 34  ? 3.752   4.827   12.055  1.00 9.50  ? 21  ASP A O   1 
ATOM   132  C CB  . ASP A 1 34  ? 1.377   2.265   12.355  1.00 9.96  ? 21  ASP A CB  1 
ATOM   133  C CG  . ASP A 1 34  ? 1.369   2.712   13.841  1.00 12.80 ? 21  ASP A CG  1 
ATOM   134  O OD1 . ASP A 1 34  ? 2.064   3.699   14.250  1.00 11.80 ? 21  ASP A OD1 1 
ATOM   135  O OD2 . ASP A 1 34  ? 0.625   2.041   14.605  1.00 15.89 ? 21  ASP A OD2 1 
ATOM   136  N N   . ILE A 1 35  ? 1.631   5.065   11.326  1.00 8.76  ? 22  ILE A N   1 
ATOM   137  C CA  . ILE A 1 35  ? 1.720   6.521   11.201  1.00 8.87  ? 22  ILE A CA  1 
ATOM   138  C C   . ILE A 1 35  ? 1.855   7.214   12.574  1.00 11.92 ? 22  ILE A C   1 
ATOM   139  O O   . ILE A 1 35  ? 2.267   8.391   12.643  1.00 14.38 ? 22  ILE A O   1 
ATOM   140  C CB  . ILE A 1 35  ? 0.512   7.080   10.383  1.00 7.95  ? 22  ILE A CB  1 
ATOM   141  C CG1 . ILE A 1 35  ? 0.811   8.465   9.838   1.00 9.29  ? 22  ILE A CG1 1 
ATOM   142  C CG2 . ILE A 1 35  ? -0.791  7.081   11.230  1.00 11.05 ? 22  ILE A CG2 1 
ATOM   143  C CD1 . ILE A 1 35  ? -0.023  8.786   8.603   1.00 9.79  ? 22  ILE A CD1 1 
ATOM   144  N N   . ASP A 1 36  ? 1.575   6.440   13.628  1.00 14.04 ? 23  ASP A N   1 
ATOM   145  C CA  . ASP A 1 36  ? 1.730   6.867   15.035  1.00 14.82 ? 23  ASP A CA  1 
ATOM   146  C C   . ASP A 1 36  ? 3.069   6.382   15.626  1.00 18.41 ? 23  ASP A C   1 
ATOM   147  O O   . ASP A 1 36  ? 3.282   6.479   16.877  1.00 18.41 ? 23  ASP A O   1 
ATOM   148  C CB  . ASP A 1 36  ? 0.589   6.298   15.888  1.00 17.28 ? 23  ASP A CB  1 
ATOM   149  C CG  . ASP A 1 36  ? -0.769  6.782   15.440  1.00 19.44 ? 23  ASP A CG  1 
ATOM   150  O OD1 . ASP A 1 36  ? -0.922  7.996   15.274  1.00 21.86 ? 23  ASP A OD1 1 
ATOM   151  O OD2 . ASP A 1 36  ? -1.672  5.938   15.221  1.00 22.61 ? 23  ASP A OD2 1 
ATOM   152  N N   . GLY A 1 37  ? 3.936   5.830   14.764  1.00 17.45 ? 24  GLY A N   1 
ATOM   153  C CA  . GLY A 1 37  ? 5.328   5.498   15.136  1.00 17.92 ? 24  GLY A CA  1 
ATOM   154  C C   . GLY A 1 37  ? 5.537   4.103   15.723  1.00 18.38 ? 24  GLY A C   1 
ATOM   155  O O   . GLY A 1 37  ? 6.672   3.718   16.029  1.00 20.77 ? 24  GLY A O   1 
ATOM   156  N N   . HIS A 1 38  ? 4.454   3.356   15.889  1.00 17.69 ? 25  HIS A N   1 
ATOM   157  C CA  . HIS A 1 38  ? 4.499   2.011   16.473  1.00 16.49 ? 25  HIS A CA  1 
ATOM   158  C C   . HIS A 1 38  ? 4.877   0.982   15.377  1.00 14.63 ? 25  HIS A C   1 
ATOM   159  O O   . HIS A 1 38  ? 4.263   0.928   14.312  1.00 11.43 ? 25  HIS A O   1 
ATOM   160  C CB  . HIS A 1 38  ? 3.136   1.692   17.141  1.00 19.20 ? 25  HIS A CB  1 
ATOM   161  C CG  . HIS A 1 38  ? 2.723   0.244   17.087  1.00 28.15 ? 25  HIS A CG  1 
ATOM   162  N ND1 . HIS A 1 38  ? 1.662   -0.201  16.315  1.00 42.06 ? 25  HIS A ND1 1 
ATOM   163  C CD2 . HIS A 1 38  ? 3.174   -0.845  17.763  1.00 38.81 ? 25  HIS A CD2 1 
ATOM   164  C CE1 . HIS A 1 38  ? 1.505   -1.505  16.489  1.00 41.85 ? 25  HIS A CE1 1 
ATOM   165  N NE2 . HIS A 1 38  ? 2.410   -1.921  17.359  1.00 42.62 ? 25  HIS A NE2 1 
ATOM   166  N N   . MET A 1 39  ? 5.917   0.195   15.646  1.00 11.42 ? 26  MET A N   1 
ATOM   167  C CA  . MET A 1 39  ? 6.311   -0.855  14.740  1.00 12.52 ? 26  MET A CA  1 
ATOM   168  C C   . MET A 1 39  ? 5.237   -1.937  14.694  1.00 11.38 ? 26  MET A C   1 
ATOM   169  O O   . MET A 1 39  ? 4.773   -2.441  15.715  1.00 13.99 ? 26  MET A O   1 
ATOM   170  C CB  . MET A 1 39  ? 7.659   -1.450  15.156  1.00 10.99 ? 26  MET A CB  1 
ATOM   171  C CG  . MET A 1 39  ? 8.299   -2.406  14.117  1.00 14.56 ? 26  MET A CG  1 
ATOM   172  S SD  . MET A 1 39  ? 8.841   -1.602  12.586  1.00 17.53 ? 26  MET A SD  1 
ATOM   173  C CE  . MET A 1 39  ? 9.789   -0.226  13.247  1.00 18.06 ? 26  MET A CE  1 
ATOM   174  N N   . VAL A 1 40  ? 4.873   -2.297  13.479  1.00 10.49 ? 27  VAL A N   1 
ATOM   175  C CA  . VAL A 1 40  ? 3.848   -3.294  13.204  1.00 10.73 ? 27  VAL A CA  1 
ATOM   176  C C   . VAL A 1 40  ? 4.482   -4.485  12.476  1.00 10.22 ? 27  VAL A C   1 
ATOM   177  O O   . VAL A 1 40  ? 5.127   -4.308  11.449  1.00 10.84 ? 27  VAL A O   1 
ATOM   178  C CB  . VAL A 1 40  ? 2.781   -2.676  12.277  1.00 10.17 ? 27  VAL A CB  1 
ATOM   179  C CG1 . VAL A 1 40  ? 1.751   -3.724  11.843  1.00 13.42 ? 27  VAL A CG1 1 
ATOM   180  C CG2 . VAL A 1 40  ? 2.103   -1.509  12.981  1.00 14.51 ? 27  VAL A CG2 1 
ATOM   181  N N   . ASN A 1 41  ? 4.295   -5.682  13.007  1.00 9.67  ? 28  ASN A N   1 
ATOM   182  C CA  A ASN A 1 41  ? 4.700   -6.919  12.320  0.50 8.56  ? 28  ASN A CA  1 
ATOM   183  C CA  B ASN A 1 41  ? 4.710   -6.886  12.293  0.50 9.08  ? 28  ASN A CA  1 
ATOM   184  C C   . ASN A 1 41  ? 3.631   -7.274  11.298  1.00 7.50  ? 28  ASN A C   1 
ATOM   185  O O   . ASN A 1 41  ? 2.485   -7.520  11.675  1.00 9.07  ? 28  ASN A O   1 
ATOM   186  C CB  A ASN A 1 41  ? 4.837   -8.064  13.332  0.50 7.69  ? 28  ASN A CB  1 
ATOM   187  C CB  B ASN A 1 41  ? 4.990   -8.022  13.268  0.50 8.46  ? 28  ASN A CB  1 
ATOM   188  C CG  A ASN A 1 41  ? 5.380   -9.345  12.711  0.50 7.32  ? 28  ASN A CG  1 
ATOM   189  C CG  B ASN A 1 41  ? 6.194   -7.748  14.132  0.50 11.53 ? 28  ASN A CG  1 
ATOM   190  O OD1 A ASN A 1 41  ? 5.436   -9.491  11.483  0.50 10.77 ? 28  ASN A OD1 1 
ATOM   191  O OD1 B ASN A 1 41  ? 7.124   -7.054  13.717  0.50 10.41 ? 28  ASN A OD1 1 
ATOM   192  N ND2 A ASN A 1 41  ? 5.806   -10.279 13.570  0.50 13.15 ? 28  ASN A ND2 1 
ATOM   193  N ND2 B ASN A 1 41  ? 6.181   -8.277  15.346  0.50 15.31 ? 28  ASN A ND2 1 
ATOM   194  N N   . LEU A 1 42  ? 3.991   -7.272  10.010  1.00 7.34  ? 29  LEU A N   1 
ATOM   195  C CA  . LEU A 1 42  ? 3.016   -7.482  8.942   1.00 6.83  ? 29  LEU A CA  1 
ATOM   196  C C   . LEU A 1 42  ? 2.495   -8.903  8.857   1.00 7.98  ? 29  LEU A C   1 
ATOM   197  O O   . LEU A 1 42  ? 1.577   -9.172  8.077   1.00 8.61  ? 29  LEU A O   1 
ATOM   198  C CB  . LEU A 1 42  ? 3.571   -7.006  7.587   1.00 7.98  ? 29  LEU A CB  1 
ATOM   199  C CG  . LEU A 1 42  ? 4.014   -5.533  7.549   1.00 7.37  ? 29  LEU A CG  1 
ATOM   200  C CD1 . LEU A 1 42  ? 4.423   -5.168  6.124   1.00 7.77  ? 29  LEU A CD1 1 
ATOM   201  C CD2 . LEU A 1 42  ? 2.941   -4.567  8.078   1.00 9.30  ? 29  LEU A CD2 1 
ATOM   202  N N   . ASP A 1 43  ? 3.021   -9.811  9.679   1.00 8.67  ? 30  ASP A N   1 
ATOM   203  C CA  . ASP A 1 43  ? 2.396   -11.156 9.773   1.00 9.03  ? 30  ASP A CA  1 
ATOM   204  C C   . ASP A 1 43  ? 0.986   -11.129 10.391  1.00 8.15  ? 30  ASP A C   1 
ATOM   205  O O   . ASP A 1 43  ? 0.245   -12.096 10.273  1.00 10.64 ? 30  ASP A O   1 
ATOM   206  C CB  . ASP A 1 43  ? 3.303   -12.193 10.480  1.00 9.07  ? 30  ASP A CB  1 
ATOM   207  C CG  . ASP A 1 43  ? 3.541   -11.895 11.955  1.00 11.24 ? 30  ASP A CG  1 
ATOM   208  O OD1 . ASP A 1 43  ? 3.030   -10.891 12.501  1.00 12.80 ? 30  ASP A OD1 1 
ATOM   209  O OD2 . ASP A 1 43  ? 4.245   -12.730 12.611  1.00 15.21 ? 30  ASP A OD2 1 
ATOM   210  N N   . LYS A 1 44  ? 0.608   -10.001 10.993  1.00 8.96  ? 31  LYS A N   1 
ATOM   211  C CA  . LYS A 1 44  ? -0.761  -9.788  11.423  1.00 10.26 ? 31  LYS A CA  1 
ATOM   212  C C   . LYS A 1 44  ? -1.777  -9.887  10.303  1.00 8.26  ? 31  LYS A C   1 
ATOM   213  O O   . LYS A 1 44  ? -2.972  -10.144 10.564  1.00 11.12 ? 31  LYS A O   1 
ATOM   214  C CB  . LYS A 1 44  ? -0.901  -8.425  12.121  1.00 9.64  ? 31  LYS A CB  1 
ATOM   215  C CG  . LYS A 1 44  ? -0.803  -7.228  11.225  1.00 15.49 ? 31  LYS A CG  1 
ATOM   216  C CD  . LYS A 1 44  ? -0.972  -5.909  12.037  1.00 20.51 ? 31  LYS A CD  1 
ATOM   217  C CE  . LYS A 1 44  ? -2.432  -5.445  12.137  1.00 25.34 ? 31  LYS A CE  1 
ATOM   218  N NZ  . LYS A 1 44  ? -2.532  -3.972  12.523  1.00 25.63 ? 31  LYS A NZ  1 
ATOM   219  N N   . TYR A 1 45  ? -1.299  -9.705  9.067   1.00 8.24  ? 32  TYR A N   1 
ATOM   220  C CA  . TYR A 1 45  ? -2.148  -9.734  7.905   1.00 7.61  ? 32  TYR A CA  1 
ATOM   221  C C   . TYR A 1 45  ? -2.333  -11.136 7.339   1.00 7.21  ? 32  TYR A C   1 
ATOM   222  O O   . TYR A 1 45  ? -3.055  -11.299 6.367   1.00 8.30  ? 32  TYR A O   1 
ATOM   223  C CB  . TYR A 1 45  ? -1.626  -8.769  6.855   1.00 7.28  ? 32  TYR A CB  1 
ATOM   224  C CG  . TYR A 1 45  ? -1.722  -7.350  7.294   1.00 5.25  ? 32  TYR A CG  1 
ATOM   225  C CD1 . TYR A 1 45  ? -2.966  -6.699  7.348   1.00 8.62  ? 32  TYR A CD1 1 
ATOM   226  C CD2 . TYR A 1 45  ? -0.586  -6.639  7.676   1.00 9.60  ? 32  TYR A CD2 1 
ATOM   227  C CE1 . TYR A 1 45  ? -3.083  -5.375  7.792   1.00 9.55  ? 32  TYR A CE1 1 
ATOM   228  C CE2 . TYR A 1 45  ? -0.689  -5.332  8.093   1.00 10.45 ? 32  TYR A CE2 1 
ATOM   229  C CZ  . TYR A 1 45  ? -1.947  -4.700  8.164   1.00 9.66  ? 32  TYR A CZ  1 
ATOM   230  O OH  . TYR A 1 45  ? -2.050  -3.365  8.566   1.00 10.09 ? 32  TYR A OH  1 
ATOM   231  N N   . ARG A 1 46  ? -1.766  -12.163 7.989   1.00 7.91  ? 33  ARG A N   1 
ATOM   232  C CA  . ARG A 1 46  ? -1.988  -13.542 7.512   1.00 7.48  ? 33  ARG A CA  1 
ATOM   233  C C   . ARG A 1 46  ? -3.488  -13.842 7.515   1.00 6.27  ? 33  ARG A C   1 
ATOM   234  O O   . ARG A 1 46  ? -4.168  -13.639 8.538   1.00 8.44  ? 33  ARG A O   1 
ATOM   235  C CB  . ARG A 1 46  ? -1.201  -14.557 8.340   1.00 10.84 ? 33  ARG A CB  1 
ATOM   236  C CG  . ARG A 1 46  ? -1.205  -15.952 7.729   1.00 11.61 ? 33  ARG A CG  1 
ATOM   237  C CD  . ARG A 1 46  ? -0.152  -16.870 8.397   1.00 17.88 ? 33  ARG A CD  1 
ATOM   238  N NE  . ARG A 1 46  ? 0.230   -16.346 9.699   1.00 30.21 ? 33  ARG A NE  1 
ATOM   239  C CZ  . ARG A 1 46  ? 1.465   -15.978 10.029  1.00 27.34 ? 33  ARG A CZ  1 
ATOM   240  N NH1 . ARG A 1 46  ? 2.457   -16.105 9.163   1.00 20.56 ? 33  ARG A NH1 1 
ATOM   241  N NH2 . ARG A 1 46  ? 1.709   -15.503 11.244  1.00 32.40 ? 33  ARG A NH2 1 
ATOM   242  N N   . GLY A 1 47  ? -3.984  -14.372 6.401   1.00 6.13  ? 34  GLY A N   1 
ATOM   243  C CA  . GLY A 1 47  ? -5.414  -14.688 6.233   1.00 7.80  ? 34  GLY A CA  1 
ATOM   244  C C   . GLY A 1 47  ? -6.195  -13.642 5.517   1.00 8.73  ? 34  GLY A C   1 
ATOM   245  O O   . GLY A 1 47  ? -7.270  -13.898 4.983   1.00 9.58  ? 34  GLY A O   1 
ATOM   246  N N   . PHE A 1 48  ? -5.611  -12.441 5.430   1.00 7.21  ? 35  PHE A N   1 
ATOM   247  C CA  . PHE A 1 48  ? -6.265  -11.306 4.826   1.00 6.47  ? 35  PHE A CA  1 
ATOM   248  C C   . PHE A 1 48  ? -5.693  -11.007 3.455   1.00 6.33  ? 35  PHE A C   1 
ATOM   249  O O   . PHE A 1 48  ? -4.502  -11.250 3.192   1.00 7.79  ? 35  PHE A O   1 
ATOM   250  C CB  . PHE A 1 48  ? -6.131  -10.058 5.723   1.00 5.86  ? 35  PHE A CB  1 
ATOM   251  C CG  . PHE A 1 48  ? -6.770  -10.217 7.080   1.00 6.21  ? 35  PHE A CG  1 
ATOM   252  C CD1 . PHE A 1 48  ? -8.103  -9.883  7.279   1.00 9.22  ? 35  PHE A CD1 1 
ATOM   253  C CD2 . PHE A 1 48  ? -6.056  -10.731 8.135   1.00 8.48  ? 35  PHE A CD2 1 
ATOM   254  C CE1 . PHE A 1 48  ? -8.698  -10.076 8.529   1.00 6.83  ? 35  PHE A CE1 1 
ATOM   255  C CE2 . PHE A 1 48  ? -6.648  -10.927 9.377   1.00 10.91 ? 35  PHE A CE2 1 
ATOM   256  C CZ  . PHE A 1 48  ? -7.964  -10.585 9.574   1.00 8.82  ? 35  PHE A CZ  1 
ATOM   257  N N   . VAL A 1 49  ? -6.557  -10.507 2.589   1.00 7.65  ? 36  VAL A N   1 
ATOM   258  C CA  . VAL A 1 49  ? -6.158  -10.031 1.281   1.00 7.05  ? 36  VAL A CA  1 
ATOM   259  C C   . VAL A 1 49  ? -5.878  -8.555  1.432   1.00 8.24  ? 36  VAL A C   1 
ATOM   260  O O   . VAL A 1 49  ? -6.704  -7.825  1.975   1.00 7.05  ? 36  VAL A O   1 
ATOM   261  C CB  . VAL A 1 49  ? -7.280  -10.264 0.248   1.00 8.90  ? 36  VAL A CB  1 
ATOM   262  C CG1 . VAL A 1 49  ? -6.869  -9.748  -1.179  1.00 9.58  ? 36  VAL A CG1 1 
ATOM   263  C CG2 . VAL A 1 49  ? -7.621  -11.747 0.201   1.00 14.44 ? 36  VAL A CG2 1 
ATOM   264  N N   . CYS A 1 50  ? -4.726  -8.102  0.947   1.00 7.59  ? 37  CYS A N   1 
ATOM   265  C CA  . CYS A 1 50  ? -4.305  -6.709  1.228   1.00 6.81  ? 37  CYS A CA  1 
ATOM   266  C C   . CYS A 1 50  ? -4.058  -5.930  -0.064  1.00 7.54  ? 37  CYS A C   1 
ATOM   267  O O   . CYS A 1 50  ? -3.482  -6.481  -1.028  1.00 7.71  ? 37  CYS A O   1 
ATOM   268  C CB  . CYS A 1 50  ? -3.036  -6.694  2.108   1.00 7.57  ? 37  CYS A CB  1 
ATOM   269  S SG  . CYS A 1 50  ? -3.167  -7.555  3.663   1.00 8.72  ? 37  CYS A SG  1 
ATOM   270  N N   . ILE A 1 51  ? -4.478  -4.669  -0.065  1.00 5.67  ? 38  ILE A N   1 
ATOM   271  C CA  . ILE A 1 51  ? -3.984  -3.680  -1.040  1.00 6.80  ? 38  ILE A CA  1 
ATOM   272  C C   . ILE A 1 51  ? -2.922  -2.866  -0.318  1.00 5.51  ? 38  ILE A C   1 
ATOM   273  O O   . ILE A 1 51  ? -3.167  -2.243  0.711   1.00 8.18  ? 38  ILE A O   1 
ATOM   274  C CB  . ILE A 1 51  ? -5.104  -2.781  -1.529  1.00 5.82  ? 38  ILE A CB  1 
ATOM   275  C CG1 . ILE A 1 51  ? -6.135  -3.587  -2.279  1.00 6.80  ? 38  ILE A CG1 1 
ATOM   276  C CG2 . ILE A 1 51  ? -4.528  -1.619  -2.403  1.00 6.77  ? 38  ILE A CG2 1 
ATOM   277  C CD1 . ILE A 1 51  ? -7.434  -2.852  -2.531  1.00 8.58  ? 38  ILE A CD1 1 
ATOM   278  N N   . VAL A 1 52  ? -1.706  -2.919  -0.868  1.00 7.71  ? 39  VAL A N   1 
ATOM   279  C CA  . VAL A 1 52  ? -0.597  -2.105  -0.386  1.00 5.92  ? 39  VAL A CA  1 
ATOM   280  C C   . VAL A 1 52  ? -0.316  -0.997  -1.405  1.00 6.19  ? 39  VAL A C   1 
ATOM   281  O O   . VAL A 1 52  ? -0.116  -1.278  -2.583  1.00 6.74  ? 39  VAL A O   1 
ATOM   282  C CB  . VAL A 1 52  ? 0.690   -2.981  -0.192  1.00 7.26  ? 39  VAL A CB  1 
ATOM   283  C CG1 . VAL A 1 52  ? 1.813   -2.092  0.315   1.00 10.32 ? 39  VAL A CG1 1 
ATOM   284  C CG2 . VAL A 1 52  ? 0.447   -4.181  0.783   1.00 7.85  ? 39  VAL A CG2 1 
ATOM   285  N N   . THR A 1 53  ? -0.369  0.251   -0.942  1.00 7.03  ? 40  THR A N   1 
ATOM   286  C CA  . THR A 1 53  ? -0.322  1.379   -1.882  1.00 6.68  ? 40  THR A CA  1 
ATOM   287  C C   . THR A 1 53  ? 0.495   2.526   -1.308  1.00 7.32  ? 40  THR A C   1 
ATOM   288  O O   . THR A 1 53  ? 0.548   2.716   -0.102  1.00 8.26  ? 40  THR A O   1 
ATOM   289  C CB  . THR A 1 53  ? -1.739  1.850   -2.217  1.00 7.81  ? 40  THR A CB  1 
ATOM   290  O OG1 . THR A 1 53  ? -1.687  2.835   -3.258  1.00 7.58  ? 40  THR A OG1 1 
ATOM   291  C CG2 . THR A 1 53  ? -2.485  2.399   -0.970  1.00 8.50  ? 40  THR A CG2 1 
ATOM   292  N N   . ASN A 1 54  ? 1.182   3.259   -2.182  1.00 7.52  ? 41  ASN A N   1 
ATOM   293  C CA  . ASN A 1 54  ? 1.927   4.453   -1.799  1.00 6.30  ? 41  ASN A CA  1 
ATOM   294  C C   . ASN A 1 54  ? 1.055   5.641   -2.054  1.00 7.65  ? 41  ASN A C   1 
ATOM   295  O O   . ASN A 1 54  ? 0.449   5.753   -3.126  1.00 6.64  ? 41  ASN A O   1 
ATOM   296  C CB  . ASN A 1 54  ? 3.266   4.557   -2.545  1.00 6.64  ? 41  ASN A CB  1 
ATOM   297  C CG  . ASN A 1 54  ? 3.126   4.602   -4.052  1.00 5.48  ? 41  ASN A CG  1 
ATOM   298  O OD1 . ASN A 1 54  ? 2.550   3.713   -4.674  1.00 6.46  ? 41  ASN A OD1 1 
ATOM   299  N ND2 . ASN A 1 54  ? 3.744   5.632   -4.667  1.00 7.34  ? 41  ASN A ND2 1 
ATOM   300  N N   . VAL A 1 55  ? 0.904   6.487   -1.046  1.00 6.81  ? 42  VAL A N   1 
ATOM   301  C CA  . VAL A 1 55  ? -0.077  7.601   -1.089  1.00 6.97  ? 42  VAL A CA  1 
ATOM   302  C C   . VAL A 1 55  ? 0.625   8.978   -1.068  1.00 6.87  ? 42  VAL A C   1 
ATOM   303  O O   . VAL A 1 55  ? 1.802   9.106   -0.739  1.00 9.01  ? 42  VAL A O   1 
ATOM   304  C CB  . VAL A 1 55  ? -1.160  7.465   0.035   1.00 6.44  ? 42  VAL A CB  1 
ATOM   305  C CG1 . VAL A 1 55  ? -1.842  6.100   -0.067  1.00 7.47  ? 42  VAL A CG1 1 
ATOM   306  C CG2 . VAL A 1 55  ? -0.528  7.716   1.429   1.00 8.09  ? 42  VAL A CG2 1 
ATOM   307  N N   . ALA A 1 56  ? -0.150  10.012  -1.418  1.00 7.12  ? 43  ALA A N   1 
ATOM   308  C CA  . ALA A 1 56  ? 0.286   11.376  -1.389  1.00 6.17  ? 43  ALA A CA  1 
ATOM   309  C C   . ALA A 1 56  ? -0.952  12.245  -1.275  1.00 5.77  ? 43  ALA A C   1 
ATOM   310  O O   . ALA A 1 56  ? -2.039  11.842  -1.771  1.00 7.93  ? 43  ALA A O   1 
ATOM   311  C CB  . ALA A 1 56  ? 1.053   11.737  -2.659  1.00 7.29  ? 43  ALA A CB  1 
ATOM   312  N N   . SER A 1 57  ? -0.804  13.404  -0.605  1.00 6.51  ? 44  SER A N   1 
ATOM   313  C CA  . SER A 1 57  ? -1.966  14.249  -0.294  1.00 6.79  ? 44  SER A CA  1 
ATOM   314  C C   . SER A 1 57  ? -2.226  15.317  -1.364  1.00 7.36  ? 44  SER A C   1 
ATOM   315  O O   . SER A 1 57  ? -3.343  15.859  -1.472  1.00 7.97  ? 44  SER A O   1 
ATOM   316  C CB  . SER A 1 57  ? -1.778  14.940  1.055   1.00 7.32  ? 44  SER A CB  1 
ATOM   317  O OG  . SER A 1 57  ? -1.567  14.008  2.084   1.00 9.09  ? 44  SER A OG  1 
ATOM   318  N N   . GLN A 1 58  ? -1.194  15.681  -2.124  1.00 6.53  ? 45  GLN A N   1 
ATOM   319  C CA  . GLN A 1 58  ? -1.274  16.819  -3.047  1.00 6.78  ? 45  GLN A CA  1 
ATOM   320  C C   . GLN A 1 58  ? -1.057  16.374  -4.489  1.00 8.04  ? 45  GLN A C   1 
ATOM   321  O O   . GLN A 1 58  ? -0.282  16.947  -5.207  1.00 10.08 ? 45  GLN A O   1 
ATOM   322  C CB  . GLN A 1 58  ? -0.261  17.905  -2.653  1.00 8.91  ? 45  GLN A CB  1 
ATOM   323  C CG  . GLN A 1 58  ? -0.516  18.480  -1.268  1.00 8.52  ? 45  GLN A CG  1 
ATOM   324  C CD  . GLN A 1 58  ? 0.517   19.535  -0.812  1.00 9.72  ? 45  GLN A CD  1 
ATOM   325  O OE1 . GLN A 1 58  ? 1.215   20.142  -1.623  1.00 19.89 ? 45  GLN A OE1 1 
ATOM   326  N NE2 . GLN A 1 58  ? 0.595   19.742  0.484   1.00 18.33 ? 45  GLN A NE2 1 
ATOM   327  N N   . CYS A 1 59  ? -1.804  15.360  -4.896  1.00 6.49  ? 46  CYS A N   1 
ATOM   328  C CA  . CYS A 1 59  ? -1.649  14.700  -6.175  1.00 7.11  ? 46  CYS A CA  1 
ATOM   329  C C   . CYS A 1 59  ? -2.992  14.732  -6.883  1.00 6.93  ? 46  CYS A C   1 
ATOM   330  O O   . CYS A 1 59  ? -4.064  14.651  -6.226  1.00 7.78  ? 46  CYS A O   1 
ATOM   331  C CB  . CYS A 1 59  ? -1.183  13.260  -5.951  1.00 8.82  ? 46  CYS A CB  1 
ATOM   332  S SG  . CYS A 1 59  ? -1.087  12.204  -7.425  1.00 9.97  ? 46  CYS A SG  1 
ATOM   333  N N   . GLY A 1 60  ? -2.987  14.765  -8.209  1.00 8.65  ? 47  GLY A N   1 
ATOM   334  C CA  . GLY A 1 60  ? -4.271  14.776  -8.943  1.00 8.92  ? 47  GLY A CA  1 
ATOM   335  C C   . GLY A 1 60  ? -5.100  13.479  -8.758  1.00 8.19  ? 47  GLY A C   1 
ATOM   336  O O   . GLY A 1 60  ? -6.325  13.483  -8.957  1.00 8.48  ? 47  GLY A O   1 
ATOM   337  N N   . LYS A 1 61  ? -4.430  12.400  -8.355  1.00 6.68  ? 48  LYS A N   1 
ATOM   338  C CA  . LYS A 1 61  ? -5.031  11.109  -8.149  1.00 7.59  ? 48  LYS A CA  1 
ATOM   339  C C   . LYS A 1 61  ? -5.535  10.959  -6.714  1.00 6.25  ? 48  LYS A C   1 
ATOM   340  O O   . LYS A 1 61  ? -6.207  9.983   -6.391  1.00 7.24  ? 48  LYS A O   1 
ATOM   341  C CB  . LYS A 1 61  ? -4.006  10.010  -8.440  1.00 7.65  ? 48  LYS A CB  1 
ATOM   342  C CG  . LYS A 1 61  ? -3.511  9.999   -9.875  1.00 8.62  ? 48  LYS A CG  1 
ATOM   343  C CD  . LYS A 1 61  ? -2.083  9.482   -10.046 1.00 7.37  ? 48  LYS A CD  1 
ATOM   344  C CE  . LYS A 1 61  ? -1.739  9.349   -11.545 1.00 10.70 ? 48  LYS A CE  1 
ATOM   345  N NZ  . LYS A 1 61  ? -1.928  10.650  -12.320 1.00 8.45  ? 48  LYS A NZ  1 
ATOM   346  N N   . THR A 1 62  ? -5.191  11.891  -5.844  1.00 6.96  ? 49  THR A N   1 
ATOM   347  C CA  . THR A 1 62  ? -5.479  11.738  -4.407  1.00 5.39  ? 49  THR A CA  1 
ATOM   348  C C   . THR A 1 62  ? -6.974  11.505  -4.116  1.00 4.93  ? 49  THR A C   1 
ATOM   349  O O   . THR A 1 62  ? -7.352  10.566  -3.354  1.00 6.36  ? 49  THR A O   1 
ATOM   350  C CB  . THR A 1 62  ? -4.938  12.975  -3.621  1.00 6.10  ? 49  THR A CB  1 
ATOM   351  O OG1 . THR A 1 62  ? -3.515  13.023  -3.730  1.00 6.17  ? 49  THR A OG1 1 
ATOM   352  C CG2 . THR A 1 62  ? -5.301  12.945  -2.116  1.00 5.44  ? 49  THR A CG2 1 
ATOM   353  N N   . GLU A 1 63  ? -7.831  12.357  -4.676  1.00 6.19  ? 50  GLU A N   1 
ATOM   354  C CA  . GLU A 1 63  ? -9.244  12.287  -4.344  1.00 7.30  ? 50  GLU A CA  1 
ATOM   355  C C   . GLU A 1 63  ? -9.871  10.952  -4.750  1.00 5.51  ? 50  GLU A C   1 
ATOM   356  O O   . GLU A 1 63  ? -10.544 10.283  -3.939  1.00 7.29  ? 50  GLU A O   1 
ATOM   357  C CB  . GLU A 1 63  ? -10.016 13.469  -4.929  1.00 6.68  ? 50  GLU A CB  1 
ATOM   358  C CG  . GLU A 1 63  ? -11.492 13.501  -4.501  1.00 10.99 ? 50  GLU A CG  1 
ATOM   359  C CD  . GLU A 1 63  ? -11.718 14.146  -3.141  1.00 16.11 ? 50  GLU A CD  1 
ATOM   360  O OE1 . GLU A 1 63  ? -10.778 14.742  -2.552  1.00 19.31 ? 50  GLU A OE1 1 
ATOM   361  O OE2 . GLU A 1 63  ? -12.872 14.093  -2.686  1.00 28.04 ? 50  GLU A OE2 1 
ATOM   362  N N   . VAL A 1 64  ? -9.675  10.541  -5.988  1.00 7.10  ? 51  VAL A N   1 
ATOM   363  C CA  . VAL A 1 64  ? -10.299 9.283   -6.415  1.00 7.16  ? 51  VAL A CA  1 
ATOM   364  C C   . VAL A 1 64  ? -9.707  8.072   -5.688  1.00 7.58  ? 51  VAL A C   1 
ATOM   365  O O   . VAL A 1 64  ? -10.435 7.121   -5.338  1.00 8.11  ? 51  VAL A O   1 
ATOM   366  C CB  . VAL A 1 64  ? -10.224 9.119   -7.940  1.00 8.61  ? 51  VAL A CB  1 
ATOM   367  C CG1 . VAL A 1 64  ? -8.808  8.920   -8.414  1.00 10.52 ? 51  VAL A CG1 1 
ATOM   368  C CG2 . VAL A 1 64  ? -11.118 7.972   -8.377  1.00 11.31 ? 51  VAL A CG2 1 
ATOM   369  N N   . ASN A 1 65  ? -8.401  8.115   -5.394  1.00 6.96  ? 52  ASN A N   1 
ATOM   370  C CA  . ASN A 1 65  ? -7.812  6.963   -4.730  1.00 6.94  ? 52  ASN A CA  1 
ATOM   371  C C   . ASN A 1 65  ? -8.270  6.831   -3.275  1.00 5.83  ? 52  ASN A C   1 
ATOM   372  O O   . ASN A 1 65  ? -8.694  5.742   -2.824  1.00 7.10  ? 52  ASN A O   1 
ATOM   373  C CB  . ASN A 1 65  ? -6.304  6.934   -4.839  1.00 6.52  ? 52  ASN A CB  1 
ATOM   374  C CG  . ASN A 1 65  ? -5.849  6.396   -6.184  1.00 8.88  ? 52  ASN A CG  1 
ATOM   375  O OD1 . ASN A 1 65  ? -5.585  5.200   -6.303  1.00 8.45  ? 52  ASN A OD1 1 
ATOM   376  N ND2 . ASN A 1 65  ? -5.853  7.254   -7.221  1.00 7.39  ? 52  ASN A ND2 1 
ATOM   377  N N   . TYR A 1 66  ? -8.190  7.932   -2.517  1.00 7.19  ? 53  TYR A N   1 
ATOM   378  C CA  . TYR A 1 66  ? -8.640  7.818   -1.122  1.00 7.10  ? 53  TYR A CA  1 
ATOM   379  C C   . TYR A 1 66  ? -10.111 7.478   -1.034  1.00 7.69  ? 53  TYR A C   1 
ATOM   380  O O   . TYR A 1 66  ? -10.499 6.616   -0.220  1.00 6.83  ? 53  TYR A O   1 
ATOM   381  C CB  . TYR A 1 66  ? -8.340  9.082   -0.340  1.00 7.98  ? 53  TYR A CB  1 
ATOM   382  C CG  . TYR A 1 66  ? -7.001  9.103   0.356   1.00 6.25  ? 53  TYR A CG  1 
ATOM   383  C CD1 . TYR A 1 66  ? -5.927  9.826   -0.142  1.00 6.65  ? 53  TYR A CD1 1 
ATOM   384  C CD2 . TYR A 1 66  ? -6.826  8.444   1.573   1.00 8.98  ? 53  TYR A CD2 1 
ATOM   385  C CE1 . TYR A 1 66  ? -4.725  9.851   0.531   1.00 7.65  ? 53  TYR A CE1 1 
ATOM   386  C CE2 . TYR A 1 66  ? -5.628  8.468   2.233   1.00 10.62 ? 53  TYR A CE2 1 
ATOM   387  C CZ  . TYR A 1 66  ? -4.594  9.179   1.729   1.00 8.28  ? 53  TYR A CZ  1 
ATOM   388  O OH  . TYR A 1 66  ? -3.403  9.218   2.455   1.00 8.42  ? 53  TYR A OH  1 
ATOM   389  N N   . THR A 1 67  ? -10.955 8.135   -1.838  1.00 7.14  ? 54  THR A N   1 
ATOM   390  C CA  . THR A 1 67  ? -12.393 7.867   -1.738  1.00 7.13  ? 54  THR A CA  1 
ATOM   391  C C   . THR A 1 67  ? -12.690 6.396   -2.059  1.00 7.32  ? 54  THR A C   1 
ATOM   392  O O   . THR A 1 67  ? -13.468 5.746   -1.341  1.00 7.88  ? 54  THR A O   1 
ATOM   393  C CB  . THR A 1 67  ? -13.222 8.818   -2.621  1.00 10.48 ? 54  THR A CB  1 
ATOM   394  O OG1 . THR A 1 67  ? -12.885 8.632   -3.967  1.00 15.59 ? 54  THR A OG1 1 
ATOM   395  C CG2 . THR A 1 67  ? -12.954 10.254  -2.310  1.00 5.00  ? 54  THR A CG2 1 
ATOM   396  N N   . GLN A 1 68  ? -12.072 5.874   -3.113  1.00 7.85  ? 55  GLN A N   1 
ATOM   397  C CA  . GLN A 1 68  ? -12.387 4.519   -3.546  1.00 7.27  ? 55  GLN A CA  1 
ATOM   398  C C   . GLN A 1 68  ? -11.769 3.476   -2.625  1.00 8.34  ? 55  GLN A C   1 
ATOM   399  O O   . GLN A 1 68  ? -12.359 2.433   -2.381  1.00 7.82  ? 55  GLN A O   1 
ATOM   400  C CB  . GLN A 1 68  ? -11.968 4.291   -4.986  1.00 7.70  ? 55  GLN A CB  1 
ATOM   401  C CG  . GLN A 1 68  ? -12.824 5.052   -5.959  1.00 6.19  ? 55  GLN A CG  1 
ATOM   402  C CD  . GLN A 1 68  ? -12.504 4.700   -7.389  1.00 8.45  ? 55  GLN A CD  1 
ATOM   403  O OE1 . GLN A 1 68  ? -11.633 3.869   -7.673  1.00 9.00  ? 55  GLN A OE1 1 
ATOM   404  N NE2 . GLN A 1 68  ? -13.216 5.350   -8.321  1.00 11.24 ? 55  GLN A NE2 1 
ATOM   405  N N   . LEU A 1 69  ? -10.614 3.766   -2.050  1.00 7.70  ? 56  LEU A N   1 
ATOM   406  C CA  . LEU A 1 69  ? -10.012 2.821   -1.087  1.00 6.20  ? 56  LEU A CA  1 
ATOM   407  C C   . LEU A 1 69  ? -10.886 2.766   0.164   1.00 7.36  ? 56  LEU A C   1 
ATOM   408  O O   . LEU A 1 69  ? -11.139 1.672   0.734   1.00 8.64  ? 56  LEU A O   1 
ATOM   409  C CB  . LEU A 1 69  ? -8.601  3.267   -0.708  1.00 8.13  ? 56  LEU A CB  1 
ATOM   410  C CG  . LEU A 1 69  ? -7.556  3.045   -1.789  1.00 8.00  ? 56  LEU A CG  1 
ATOM   411  C CD1 . LEU A 1 69  ? -6.248  3.852   -1.525  1.00 7.19  ? 56  LEU A CD1 1 
ATOM   412  C CD2 . LEU A 1 69  ? -7.226  1.534   -2.004  1.00 9.11  ? 56  LEU A CD2 1 
ATOM   413  N N   . VAL A 1 70  ? -11.367 3.923   0.614   1.00 6.06  ? 57  VAL A N   1 
ATOM   414  C CA  . VAL A 1 70  ? -12.280 3.938   1.772   1.00 6.14  ? 57  VAL A CA  1 
ATOM   415  C C   . VAL A 1 70  ? -13.550 3.145   1.488   1.00 6.01  ? 57  VAL A C   1 
ATOM   416  O O   . VAL A 1 70  ? -14.051 2.408   2.372   1.00 6.60  ? 57  VAL A O   1 
ATOM   417  C CB  . VAL A 1 70  ? -12.590 5.410   2.199   1.00 6.40  ? 57  VAL A CB  1 
ATOM   418  C CG1 . VAL A 1 70  ? -13.750 5.482   3.197   1.00 7.50  ? 57  VAL A CG1 1 
ATOM   419  C CG2 . VAL A 1 70  ? -11.338 6.024   2.835   1.00 6.82  ? 57  VAL A CG2 1 
ATOM   420  N N   . ASP A 1 71  ? -14.085 3.258   0.282   1.00 7.20  ? 58  ASP A N   1 
ATOM   421  C CA  . ASP A 1 71  ? -15.280 2.547   -0.137  1.00 8.30  ? 58  ASP A CA  1 
ATOM   422  C C   . ASP A 1 71  ? -15.036 1.035   -0.116  1.00 7.10  ? 58  ASP A C   1 
ATOM   423  O O   . ASP A 1 71  ? -15.782 0.252   0.491   1.00 7.66  ? 58  ASP A O   1 
ATOM   424  C CB  . ASP A 1 71  ? -15.654 3.003   -1.542  1.00 6.70  ? 58  ASP A CB  1 
ATOM   425  C CG  . ASP A 1 71  ? -16.828 2.228   -2.130  1.00 8.53  ? 58  ASP A CG  1 
ATOM   426  O OD1 . ASP A 1 71  ? -17.787 1.902   -1.383  1.00 12.21 ? 58  ASP A OD1 1 
ATOM   427  O OD2 . ASP A 1 71  ? -16.860 2.069   -3.391  1.00 15.23 ? 58  ASP A OD2 1 
ATOM   428  N N   . LEU A 1 72  ? -13.947 0.619   -0.757  1.00 7.95  ? 59  LEU A N   1 
ATOM   429  C CA  . LEU A 1 72  ? -13.609 -0.818  -0.774  1.00 7.62  ? 59  LEU A CA  1 
ATOM   430  C C   . LEU A 1 72  ? -13.423 -1.370  0.600   1.00 8.19  ? 59  LEU A C   1 
ATOM   431  O O   . LEU A 1 72  ? -13.904 -2.479  0.916   1.00 8.00  ? 59  LEU A O   1 
ATOM   432  C CB  . LEU A 1 72  ? -12.345 -1.041  -1.583  1.00 8.40  ? 59  LEU A CB  1 
ATOM   433  C CG  . LEU A 1 72  ? -12.456 -0.927  -3.092  1.00 9.79  ? 59  LEU A CG  1 
ATOM   434  C CD1 . LEU A 1 72  ? -11.030 -0.941  -3.751  1.00 11.71 ? 59  LEU A CD1 1 
ATOM   435  C CD2 . LEU A 1 72  ? -13.403 -1.994  -3.703  1.00 8.78  ? 59  LEU A CD2 1 
ATOM   436  N N   . HIS A 1 73  ? -12.761 -0.635  1.476   1.00 6.38  ? 60  HIS A N   1 
ATOM   437  C CA  . HIS A 1 73  ? -12.566 -1.098  2.844   1.00 8.20  ? 60  HIS A CA  1 
ATOM   438  C C   . HIS A 1 73  ? -13.879 -1.251  3.599   1.00 7.53  ? 60  HIS A C   1 
ATOM   439  O O   . HIS A 1 73  ? -14.128 -2.281  4.251   1.00 6.29  ? 60  HIS A O   1 
ATOM   440  C CB  . HIS A 1 73  ? -11.605 -0.149  3.560   1.00 8.32  ? 60  HIS A CB  1 
ATOM   441  C CG  . HIS A 1 73  ? -11.183 -0.637  4.893   1.00 7.64  ? 60  HIS A CG  1 
ATOM   442  N ND1 . HIS A 1 73  ? -11.212 0.152   6.022   1.00 10.54 ? 60  HIS A ND1 1 
ATOM   443  C CD2 . HIS A 1 73  ? -10.728 -1.849  5.292   1.00 9.66  ? 60  HIS A CD2 1 
ATOM   444  C CE1 . HIS A 1 73  ? -10.802 -0.558  7.062   1.00 10.81 ? 60  HIS A CE1 1 
ATOM   445  N NE2 . HIS A 1 73  ? -10.516 -1.782  6.651   1.00 8.00  ? 60  HIS A NE2 1 
ATOM   446  N N   . ALA A 1 74  ? -14.770 -0.274  3.467   1.00 7.09  ? 61  ALA A N   1 
ATOM   447  C CA  . ALA A 1 74  ? -16.075 -0.378  4.066   1.00 6.80  ? 61  ALA A CA  1 
ATOM   448  C C   . ALA A 1 74  ? -16.840 -1.638  3.621   1.00 6.27  ? 61  ALA A C   1 
ATOM   449  O O   . ALA A 1 74  ? -17.422 -2.367  4.467   1.00 8.30  ? 61  ALA A O   1 
ATOM   450  C CB  . ALA A 1 74  ? -16.893 0.880   3.750   1.00 7.97  ? 61  ALA A CB  1 
ATOM   451  N N   . ARG A 1 75  ? -16.788 -1.888  2.304   1.00 7.07  ? 62  ARG A N   1 
ATOM   452  C CA  . ARG A 1 75  ? -17.624 -2.933  1.693   1.00 6.20  ? 62  ARG A CA  1 
ATOM   453  C C   . ARG A 1 75  ? -17.015 -4.325  1.818   1.00 7.25  ? 62  ARG A C   1 
ATOM   454  O O   . ARG A 1 75  ? -17.745 -5.306  1.833   1.00 8.11  ? 62  ARG A O   1 
ATOM   455  C CB  . ARG A 1 75  ? -17.944 -2.599  0.248   1.00 7.92  ? 62  ARG A CB  1 
ATOM   456  C CG  . ARG A 1 75  ? -18.986 -1.435  0.182   1.00 9.31  ? 62  ARG A CG  1 
ATOM   457  C CD  . ARG A 1 75  ? -19.539 -1.221  -1.186  1.00 9.35  ? 62  ARG A CD  1 
ATOM   458  N NE  . ARG A 1 75  ? -18.542 -0.731  -2.135  1.00 9.90  ? 62  ARG A NE  1 
ATOM   459  C CZ  . ARG A 1 75  ? -18.055 -1.452  -3.144  1.00 12.52 ? 62  ARG A CZ  1 
ATOM   460  N NH1 . ARG A 1 75  ? -18.476 -2.700  -3.328  1.00 13.88 ? 62  ARG A NH1 1 
ATOM   461  N NH2 . ARG A 1 75  ? -17.150 -0.928  -3.972  1.00 10.74 ? 62  ARG A NH2 1 
ATOM   462  N N   . TYR A 1 76  ? -15.711 -4.401  2.034   1.00 6.87  ? 63  TYR A N   1 
ATOM   463  C CA  . TYR A 1 76  ? -15.012 -5.707  2.006   1.00 5.97  ? 63  TYR A CA  1 
ATOM   464  C C   . TYR A 1 76  ? -14.149 -6.038  3.221   1.00 6.24  ? 63  TYR A C   1 
ATOM   465  O O   . TYR A 1 76  ? -13.619 -7.162  3.289   1.00 5.79  ? 63  TYR A O   1 
ATOM   466  C CB  . TYR A 1 76  ? -14.171 -5.847  0.741   1.00 6.21  ? 63  TYR A CB  1 
ATOM   467  C CG  . TYR A 1 76  ? -14.962 -5.923  -0.552  1.00 8.58  ? 63  TYR A CG  1 
ATOM   468  C CD1 . TYR A 1 76  ? -15.663 -7.058  -0.874  1.00 7.91  ? 63  TYR A CD1 1 
ATOM   469  C CD2 . TYR A 1 76  ? -14.995 -4.880  -1.436  1.00 6.54  ? 63  TYR A CD2 1 
ATOM   470  C CE1 . TYR A 1 76  ? -16.396 -7.153  -2.026  1.00 8.90  ? 63  TYR A CE1 1 
ATOM   471  C CE2 . TYR A 1 76  ? -15.715 -4.967  -2.602  1.00 6.78  ? 63  TYR A CE2 1 
ATOM   472  C CZ  . TYR A 1 76  ? -16.394 -6.117  -2.899  1.00 8.65  ? 63  TYR A CZ  1 
ATOM   473  O OH  . TYR A 1 76  ? -17.143 -6.220  -4.052  1.00 10.00 ? 63  TYR A OH  1 
ATOM   474  N N   . ALA A 1 77  ? -14.033 -5.142  4.220   1.00 5.78  ? 64  ALA A N   1 
ATOM   475  C CA  . ALA A 1 77  ? -13.231 -5.468  5.397   1.00 7.34  ? 64  ALA A CA  1 
ATOM   476  C C   . ALA A 1 77  ? -13.696 -6.819  6.011   1.00 4.87  ? 64  ALA A C   1 
ATOM   477  O O   . ALA A 1 77  ? -12.866 -7.667  6.395   1.00 7.50  ? 64  ALA A O   1 
ATOM   478  C CB  . ALA A 1 77  ? -13.331 -4.389  6.454   1.00 9.36  ? 64  ALA A CB  1 
ATOM   479  N N   . GLU A 1 78  ? -15.010 -7.020  6.109   1.00 4.67  ? 65  GLU A N   1 
ATOM   480  C CA  A GLU A 1 78  ? -15.544 -8.227  6.730   0.50 4.06  ? 65  GLU A CA  1 
ATOM   481  C CA  B GLU A 1 78  ? -15.531 -8.233  6.733   0.50 5.06  ? 65  GLU A CA  1 
ATOM   482  C C   . GLU A 1 78  ? -15.216 -9.489  5.914   1.00 3.24  ? 65  GLU A C   1 
ATOM   483  O O   . GLU A 1 78  ? -15.208 -10.610 6.444   1.00 4.75  ? 65  GLU A O   1 
ATOM   484  C CB  A GLU A 1 78  ? -17.056 -8.096  6.934   0.50 4.02  ? 65  GLU A CB  1 
ATOM   485  C CB  B GLU A 1 78  ? -17.032 -8.107  6.960   0.50 5.24  ? 65  GLU A CB  1 
ATOM   486  C CG  A GLU A 1 78  ? -17.667 -9.328  7.587   0.50 2.61  ? 65  GLU A CG  1 
ATOM   487  C CG  B GLU A 1 78  ? -17.396 -7.347  8.233   0.50 11.12 ? 65  GLU A CG  1 
ATOM   488  C CD  A GLU A 1 78  ? -19.023 -9.089  8.267   0.50 4.22  ? 65  GLU A CD  1 
ATOM   489  C CD  B GLU A 1 78  ? -17.011 -8.092  9.501   0.50 17.22 ? 65  GLU A CD  1 
ATOM   490  O OE1 A GLU A 1 78  ? -19.327 -7.909  8.599   0.50 3.41  ? 65  GLU A OE1 1 
ATOM   491  O OE1 B GLU A 1 78  ? -17.466 -9.250  9.689   0.50 14.02 ? 65  GLU A OE1 1 
ATOM   492  O OE2 A GLU A 1 78  ? -19.761 -10.075 8.462   0.50 2.00  ? 65  GLU A OE2 1 
ATOM   493  O OE2 B GLU A 1 78  ? -16.264 -7.517  10.320  0.50 22.67 ? 65  GLU A OE2 1 
ATOM   494  N N   . CYS A 1 79  ? -14.985 -9.321  4.621   1.00 4.01  ? 66  CYS A N   1 
ATOM   495  C CA  . CYS A 1 79  ? -14.635 -10.413 3.725   1.00 5.44  ? 66  CYS A CA  1 
ATOM   496  C C   . CYS A 1 79  ? -13.179 -10.804 3.854   1.00 7.45  ? 66  CYS A C   1 
ATOM   497  O O   . CYS A 1 79  ? -12.782 -11.874 3.391   1.00 8.69  ? 66  CYS A O   1 
ATOM   498  C CB  . CYS A 1 79  ? -14.881 -9.988  2.296   1.00 5.86  ? 66  CYS A CB  1 
ATOM   499  S SG  . CYS A 1 79  ? -16.595 -9.652  1.942   1.00 8.74  ? 66  CYS A SG  1 
ATOM   500  N N   . GLY A 1 80  ? -12.387 -9.913  4.447   1.00 5.63  ? 67  GLY A N   1 
ATOM   501  C CA  . GLY A 1 80  ? -10.940 -10.091 4.600   1.00 7.20  ? 67  GLY A CA  1 
ATOM   502  C C   . GLY A 1 80  ? -10.035 -9.038  3.971   1.00 5.98  ? 67  GLY A C   1 
ATOM   503  O O   . GLY A 1 80  ? -8.808  -9.213  3.989   1.00 7.71  ? 67  GLY A O   1 
ATOM   504  N N   . LEU A 1 81  ? -10.607 -7.981  3.397   1.00 5.73  ? 68  LEU A N   1 
ATOM   505  C CA  . LEU A 1 81  ? -9.785  -6.929  2.780   1.00 6.06  ? 68  LEU A CA  1 
ATOM   506  C C   . LEU A 1 81  ? -9.168  -6.017  3.838   1.00 7.11  ? 68  LEU A C   1 
ATOM   507  O O   . LEU A 1 81  ? -9.870  -5.434  4.676   1.00 6.46  ? 68  LEU A O   1 
ATOM   508  C CB  . LEU A 1 81  ? -10.604 -6.074  1.823   1.00 6.83  ? 68  LEU A CB  1 
ATOM   509  C CG  . LEU A 1 81  ? -9.803  -5.020  1.081   1.00 6.52  ? 68  LEU A CG  1 
ATOM   510  C CD1 . LEU A 1 81  ? -8.736  -5.703  0.194   1.00 8.10  ? 68  LEU A CD1 1 
ATOM   511  C CD2 . LEU A 1 81  ? -10.765 -4.105  0.259   1.00 7.90  ? 68  LEU A CD2 1 
ATOM   512  N N   . ARG A 1 82  ? -7.852  -5.850  3.728   1.00 6.23  ? 69  ARG A N   1 
ATOM   513  C CA  . ARG A 1 82  ? -7.111  -4.840  4.476   1.00 6.48  ? 69  ARG A CA  1 
ATOM   514  C C   . ARG A 1 82  ? -6.339  -3.919  3.506   1.00 6.88  ? 69  ARG A C   1 
ATOM   515  O O   . ARG A 1 82  ? -5.961  -4.333  2.437   1.00 6.37  ? 69  ARG A O   1 
ATOM   516  C CB  . ARG A 1 82  ? -6.156  -5.482  5.475   1.00 7.80  ? 69  ARG A CB  1 
ATOM   517  C CG  . ARG A 1 82  ? -6.835  -6.355  6.565   1.00 7.74  ? 69  ARG A CG  1 
ATOM   518  C CD  . ARG A 1 82  ? -7.625  -5.491  7.501   1.00 9.22  ? 69  ARG A CD  1 
ATOM   519  N NE  . ARG A 1 82  ? -8.343  -6.212  8.578   1.00 9.52  ? 69  ARG A NE  1 
ATOM   520  C CZ  . ARG A 1 82  ? -9.562  -6.711  8.462   1.00 8.72  ? 69  ARG A CZ  1 
ATOM   521  N NH1 . ARG A 1 82  ? -10.190 -6.663  7.330   1.00 6.29  ? 69  ARG A NH1 1 
ATOM   522  N NH2 . ARG A 1 82  ? -10.138 -7.318  9.494   1.00 9.25  ? 69  ARG A NH2 1 
ATOM   523  N N   . ILE A 1 83  ? -6.114  -2.667  3.915   1.00 6.68  ? 70  ILE A N   1 
ATOM   524  C CA  . ILE A 1 83  ? -5.375  -1.701  3.058   1.00 6.52  ? 70  ILE A CA  1 
ATOM   525  C C   . ILE A 1 83  ? -4.276  -1.080  3.907   1.00 7.18  ? 70  ILE A C   1 
ATOM   526  O O   . ILE A 1 83  ? -4.520  -0.623  5.026   1.00 8.17  ? 70  ILE A O   1 
ATOM   527  C CB  . ILE A 1 83  ? -6.303  -0.661  2.494   1.00 6.52  ? 70  ILE A CB  1 
ATOM   528  C CG1 . ILE A 1 83  ? -7.445  -1.360  1.709   1.00 9.16  ? 70  ILE A CG1 1 
ATOM   529  C CG2 . ILE A 1 83  ? -5.526  0.353   1.611   1.00 7.17  ? 70  ILE A CG2 1 
ATOM   530  C CD1 . ILE A 1 83  ? -8.467  -0.420  1.139   1.00 9.41  ? 70  ILE A CD1 1 
ATOM   531  N N   . LEU A 1 84  ? -3.046  -1.165  3.367   1.00 7.94  ? 71  LEU A N   1 
ATOM   532  C CA  . LEU A 1 84  ? -1.844  -0.577  3.968   1.00 8.12  ? 71  LEU A CA  1 
ATOM   533  C C   . LEU A 1 84  ? -1.396  0.560   3.081   1.00 7.81  ? 71  LEU A C   1 
ATOM   534  O O   . LEU A 1 84  ? -1.002  0.349   1.939   1.00 8.85  ? 71  LEU A O   1 
ATOM   535  C CB  . LEU A 1 84  ? -0.684  -1.622  4.053   1.00 7.02  ? 71  LEU A CB  1 
ATOM   536  C CG  . LEU A 1 84  ? -0.867  -2.845  4.968   1.00 6.99  ? 71  LEU A CG  1 
ATOM   537  C CD1 . LEU A 1 84  ? -1.865  -3.829  4.421   1.00 8.79  ? 71  LEU A CD1 1 
ATOM   538  C CD2 . LEU A 1 84  ? 0.482   -3.507  5.137   1.00 9.65  ? 71  LEU A CD2 1 
ATOM   539  N N   . ALA A 1 85  ? -1.436  1.783   3.640   1.00 8.61  ? 72  ALA A N   1 
ATOM   540  C CA  . ALA A 1 85  ? -1.144  2.993   2.912   1.00 6.67  ? 72  ALA A CA  1 
ATOM   541  C C   . ALA A 1 85  ? 0.151   3.594   3.416   1.00 6.90  ? 72  ALA A C   1 
ATOM   542  O O   . ALA A 1 85  ? 0.276   3.924   4.609   1.00 8.28  ? 72  ALA A O   1 
ATOM   543  C CB  . ALA A 1 85  ? -2.310  4.016   3.091   1.00 9.36  ? 72  ALA A CB  1 
ATOM   544  N N   . PHE A 1 86  ? 1.126   3.706   2.491   1.00 7.29  ? 73  PHE A N   1 
ATOM   545  C CA  . PHE A 1 86  ? 2.426   4.202   2.817   1.00 6.70  ? 73  PHE A CA  1 
ATOM   546  C C   . PHE A 1 86  ? 2.649   5.568   2.152   1.00 6.60  ? 73  PHE A C   1 
ATOM   547  O O   . PHE A 1 86  ? 2.789   5.670   0.952   1.00 8.25  ? 73  PHE A O   1 
ATOM   548  C CB  . PHE A 1 86  ? 3.518   3.247   2.294   1.00 7.73  ? 73  PHE A CB  1 
ATOM   549  C CG  . PHE A 1 86  ? 3.672   2.006   3.094   1.00 4.97  ? 73  PHE A CG  1 
ATOM   550  C CD1 . PHE A 1 86  ? 2.930   0.884   2.784   1.00 8.15  ? 73  PHE A CD1 1 
ATOM   551  C CD2 . PHE A 1 86  ? 4.524   1.959   4.158   1.00 8.81  ? 73  PHE A CD2 1 
ATOM   552  C CE1 . PHE A 1 86  ? 3.043   -0.280  3.516   1.00 8.43  ? 73  PHE A CE1 1 
ATOM   553  C CE2 . PHE A 1 86  ? 4.634   0.801   4.909   1.00 8.71  ? 73  PHE A CE2 1 
ATOM   554  C CZ  . PHE A 1 86  ? 3.875   -0.319  4.572   1.00 8.76  ? 73  PHE A CZ  1 
ATOM   555  N N   . PRO A 1 87  ? 2.651   6.610   2.962   1.00 7.69  ? 74  PRO A N   1 
ATOM   556  C CA  . PRO A 1 87  ? 2.941   7.915   2.418   1.00 6.63  ? 74  PRO A CA  1 
ATOM   557  C C   . PRO A 1 87  ? 4.357   7.967   1.846   1.00 8.32  ? 74  PRO A C   1 
ATOM   558  O O   . PRO A 1 87  ? 5.271   7.336   2.362   1.00 8.16  ? 74  PRO A O   1 
ATOM   559  C CB  . PRO A 1 87  ? 2.780   8.850   3.625   1.00 8.35  ? 74  PRO A CB  1 
ATOM   560  C CG  . PRO A 1 87  ? 1.999   8.095   4.617   1.00 8.28  ? 74  PRO A CG  1 
ATOM   561  C CD  . PRO A 1 87  ? 2.406   6.658   4.412   1.00 8.55  ? 74  PRO A CD  1 
ATOM   562  N N   . CYS A 1 88  ? 4.528   8.744   0.787   1.00 6.80  ? 75  CYS A N   1 
ATOM   563  C CA  . CYS A 1 88  ? 5.818   8.845   0.076   1.00 8.54  ? 75  CYS A CA  1 
ATOM   564  C C   . CYS A 1 88  ? 5.901   10.154  -0.670  1.00 8.12  ? 75  CYS A C   1 
ATOM   565  O O   . CYS A 1 88  ? 4.976   10.519  -1.422  1.00 8.03  ? 75  CYS A O   1 
ATOM   566  C CB  . CYS A 1 88  ? 5.954   7.687   -0.906  1.00 9.31  ? 75  CYS A CB  1 
ATOM   567  S SG  . CYS A 1 88  ? 7.532   7.702   -1.819  1.00 8.58  ? 75  CYS A SG  1 
ATOM   568  N N   . ASN A 1 89  ? 6.979   10.872  -0.424  1.00 8.28  ? 76  ASN A N   1 
ATOM   569  C CA  . ASN A 1 89  ? 7.218   12.186  -1.011  1.00 6.55  ? 76  ASN A CA  1 
ATOM   570  C C   . ASN A 1 89  ? 8.161   12.193  -2.224  1.00 8.70  ? 76  ASN A C   1 
ATOM   571  O O   . ASN A 1 89  ? 8.707   13.224  -2.563  1.00 6.88  ? 76  ASN A O   1 
ATOM   572  C CB  . ASN A 1 89  ? 7.767   13.119  0.086   1.00 7.90  ? 76  ASN A CB  1 
ATOM   573  C CG  . ASN A 1 89  ? 7.632   14.598  -0.270  1.00 6.83  ? 76  ASN A CG  1 
ATOM   574  O OD1 . ASN A 1 89  ? 6.652   15.021  -0.881  1.00 7.71  ? 76  ASN A OD1 1 
ATOM   575  N ND2 . ASN A 1 89  ? 8.598   15.416  0.206   1.00 6.46  ? 76  ASN A ND2 1 
ATOM   576  N N   . GLN A 1 90  ? 8.350   11.044  -2.864  1.00 5.70  ? 77  GLN A N   1 
ATOM   577  C CA  . GLN A 1 90  ? 9.323   10.933  -3.966  1.00 7.46  ? 77  GLN A CA  1 
ATOM   578  C C   . GLN A 1 90  ? 8.807   11.334  -5.336  1.00 7.91  ? 77  GLN A C   1 
ATOM   579  O O   . GLN A 1 90  ? 9.582   11.366  -6.303  1.00 10.16 ? 77  GLN A O   1 
ATOM   580  C CB  . GLN A 1 90  ? 9.873   9.516   -4.046  1.00 6.67  ? 77  GLN A CB  1 
ATOM   581  C CG  . GLN A 1 90  ? 10.849  9.217   -2.977  1.00 7.65  ? 77  GLN A CG  1 
ATOM   582  C CD  . GLN A 1 90  ? 11.404  7.824   -3.080  1.00 7.18  ? 77  GLN A CD  1 
ATOM   583  O OE1 . GLN A 1 90  ? 10.652  6.831   -2.983  1.00 7.82  ? 77  GLN A OE1 1 
ATOM   584  N NE2 . GLN A 1 90  ? 12.745  7.727   -3.246  1.00 9.48  ? 77  GLN A NE2 1 
ATOM   585  N N   . PHE A 1 91  ? 7.521   11.663  -5.417  1.00 9.33  ? 78  PHE A N   1 
ATOM   586  C CA  . PHE A 1 91  ? 6.881   11.939  -6.697  1.00 5.18  ? 78  PHE A CA  1 
ATOM   587  C C   . PHE A 1 91  ? 6.275   13.344  -6.707  1.00 8.62  ? 78  PHE A C   1 
ATOM   588  O O   . PHE A 1 91  ? 5.166   13.573  -6.245  1.00 8.65  ? 78  PHE A O   1 
ATOM   589  C CB  . PHE A 1 91  ? 5.838   10.858  -6.969  1.00 8.36  ? 78  PHE A CB  1 
ATOM   590  C CG  . PHE A 1 91  ? 6.413   9.484   -6.900  1.00 7.65  ? 78  PHE A CG  1 
ATOM   591  C CD1 . PHE A 1 91  ? 7.213   9.025   -7.917  1.00 10.62 ? 78  PHE A CD1 1 
ATOM   592  C CD2 . PHE A 1 91  ? 6.221   8.686   -5.794  1.00 10.50 ? 78  PHE A CD2 1 
ATOM   593  C CE1 . PHE A 1 91  ? 7.772   7.777   -7.850  1.00 9.91  ? 78  PHE A CE1 1 
ATOM   594  C CE2 . PHE A 1 91  ? 6.787   7.441   -5.736  1.00 7.44  ? 78  PHE A CE2 1 
ATOM   595  C CZ  . PHE A 1 91  ? 7.571   7.001   -6.773  1.00 8.43  ? 78  PHE A CZ  1 
ATOM   596  N N   . GLY A 1 92  ? 7.009   14.285  -7.267  1.00 8.01  ? 79  GLY A N   1 
ATOM   597  C CA  . GLY A 1 92  ? 6.568   15.666  -7.346  1.00 7.63  ? 79  GLY A CA  1 
ATOM   598  C C   . GLY A 1 92  ? 6.465   16.413  -6.027  1.00 7.04  ? 79  GLY A C   1 
ATOM   599  O O   . GLY A 1 92  ? 5.824   17.460  -5.963  1.00 8.26  ? 79  GLY A O   1 
ATOM   600  N N   . LYS A 1 93  ? 7.152   15.908  -5.004  1.00 9.77  ? 80  LYS A N   1 
ATOM   601  C CA  . LYS A 1 93  ? 7.034   16.429  -3.636  1.00 9.53  ? 80  LYS A CA  1 
ATOM   602  C C   . LYS A 1 93  ? 5.565   16.605  -3.237  1.00 8.08  ? 80  LYS A C   1 
ATOM   603  O O   . LYS A 1 93  ? 5.173   17.611  -2.652  1.00 8.61  ? 80  LYS A O   1 
ATOM   604  C CB  . LYS A 1 93  ? 7.788   17.726  -3.506  1.00 10.63 ? 80  LYS A CB  1 
ATOM   605  C CG  . LYS A 1 93  ? 9.266   17.567  -3.888  1.00 13.99 ? 80  LYS A CG  1 
ATOM   606  C CD  . LYS A 1 93  ? 10.066  18.743  -3.474  1.00 18.76 ? 80  LYS A CD  1 
ATOM   607  C CE  . LYS A 1 93  ? 11.546  18.444  -3.534  1.00 23.00 ? 80  LYS A CE  1 
ATOM   608  N NZ  . LYS A 1 93  ? 12.313  19.569  -2.941  1.00 27.49 ? 80  LYS A NZ  1 
ATOM   609  N N   . GLN A 1 94  ? 4.753   15.575  -3.533  1.00 7.73  ? 81  GLN A N   1 
ATOM   610  C CA  . GLN A 1 94  ? 3.302   15.681  -3.314  1.00 7.27  ? 81  GLN A CA  1 
ATOM   611  C C   . GLN A 1 94  ? 2.854   15.105  -1.971  1.00 7.54  ? 81  GLN A C   1 
ATOM   612  O O   . GLN A 1 94  ? 1.637   15.009  -1.685  1.00 7.49  ? 81  GLN A O   1 
ATOM   613  C CB  . GLN A 1 94  ? 2.527   15.046  -4.496  1.00 7.22  ? 81  GLN A CB  1 
ATOM   614  C CG  . GLN A 1 94  ? 2.691   15.855  -5.783  1.00 8.71  ? 81  GLN A CG  1 
ATOM   615  C CD  . GLN A 1 94  ? 2.034   15.249  -7.050  1.00 6.43  ? 81  GLN A CD  1 
ATOM   616  O OE1 . GLN A 1 94  ? 1.615   14.121  -7.092  1.00 7.88  ? 81  GLN A OE1 1 
ATOM   617  N NE2 . GLN A 1 94  ? 2.026   16.048  -8.140  1.00 9.07  ? 81  GLN A NE2 1 
ATOM   618  N N   . GLU A 1 95  ? 3.826   14.754  -1.135  1.00 7.39  ? 82  GLU A N   1 
ATOM   619  C CA  . GLU A 1 95  ? 3.555   14.369  0.269   1.00 6.26  ? 82  GLU A CA  1 
ATOM   620  C C   . GLU A 1 95  ? 4.563   15.059  1.215   1.00 7.97  ? 82  GLU A C   1 
ATOM   621  O O   . GLU A 1 95  ? 5.320   14.403  1.925   1.00 8.50  ? 82  GLU A O   1 
ATOM   622  C CB  . GLU A 1 95  ? 3.569   12.842  0.454   1.00 6.60  ? 82  GLU A CB  1 
ATOM   623  C CG  . GLU A 1 95  ? 3.030   12.367  1.776   1.00 5.81  ? 82  GLU A CG  1 
ATOM   624  C CD  . GLU A 1 95  ? 1.534   12.401  1.846   1.00 5.92  ? 82  GLU A CD  1 
ATOM   625  O OE1 . GLU A 1 95  ? 0.977   13.497  1.748   1.00 7.89  ? 82  GLU A OE1 1 
ATOM   626  O OE2 . GLU A 1 95  ? 0.920   11.304  2.026   1.00 8.93  ? 82  GLU A OE2 1 
ATOM   627  N N   . PRO A 1 96  ? 4.542   16.378  1.233   1.00 7.65  ? 83  PRO A N   1 
ATOM   628  C CA  . PRO A 1 96  ? 5.535   17.139  1.997   1.00 8.29  ? 83  PRO A CA  1 
ATOM   629  C C   . PRO A 1 96  ? 5.339   17.166  3.521   1.00 7.89  ? 83  PRO A C   1 
ATOM   630  O O   . PRO A 1 96  ? 6.266   17.579  4.249   1.00 8.40  ? 83  PRO A O   1 
ATOM   631  C CB  . PRO A 1 96  ? 5.381   18.553  1.449   1.00 8.38  ? 83  PRO A CB  1 
ATOM   632  C CG  . PRO A 1 96  ? 3.968   18.640  0.985   1.00 7.28  ? 83  PRO A CG  1 
ATOM   633  C CD  . PRO A 1 96  ? 3.607   17.255  0.500   1.00 7.19  ? 83  PRO A CD  1 
ATOM   634  N N   . GLY A 1 97  ? 4.159   16.827  3.999   1.00 8.79  ? 84  GLY A N   1 
ATOM   635  C CA  . GLY A 1 97  ? 3.829   17.106  5.415   1.00 7.79  ? 84  GLY A CA  1 
ATOM   636  C C   . GLY A 1 97  ? 4.345   16.080  6.388   1.00 8.18  ? 84  GLY A C   1 
ATOM   637  O O   . GLY A 1 97  ? 4.885   15.042  6.001   1.00 8.49  ? 84  GLY A O   1 
ATOM   638  N N   . SER A 1 98  ? 4.144   16.357  7.672   1.00 7.99  ? 85  SER A N   1 
ATOM   639  C CA  . SER A 1 98  ? 4.499   15.420  8.718   1.00 7.71  ? 85  SER A CA  1 
ATOM   640  C C   . SER A 1 98  ? 3.575   14.242  8.777   1.00 8.20  ? 85  SER A C   1 
ATOM   641  O O   . SER A 1 98  ? 2.459   14.274  8.254   1.00 6.40  ? 85  SER A O   1 
ATOM   642  C CB  . SER A 1 98  ? 4.492   16.130  10.071  1.00 8.78  ? 85  SER A CB  1 
ATOM   643  O OG  . SER A 1 98  ? 3.158   16.488  10.456  1.00 9.79  ? 85  SER A OG  1 
ATOM   644  N N   . ASN A 1 99  ? 4.014   13.205  9.458   1.00 8.53  ? 86  ASN A N   1 
ATOM   645  C CA  . ASN A 1 99  ? 3.151   12.061  9.636   1.00 8.35  ? 86  ASN A CA  1 
ATOM   646  C C   . ASN A 1 99  ? 1.866   12.485  10.330  1.00 7.72  ? 86  ASN A C   1 
ATOM   647  O O   . ASN A 1 99  ? 0.772   11.967  10.004  1.00 7.85  ? 86  ASN A O   1 
ATOM   648  C CB  . ASN A 1 99  ? 3.885   10.945  10.383  1.00 9.09  ? 86  ASN A CB  1 
ATOM   649  C CG  . ASN A 1 99  ? 4.892   10.239  9.502   1.00 9.90  ? 86  ASN A CG  1 
ATOM   650  O OD1 . ASN A 1 99  ? 4.609   9.953   8.352   1.00 7.30  ? 86  ASN A OD1 1 
ATOM   651  N ND2 . ASN A 1 99  ? 6.092   9.984   10.030  1.00 9.67  ? 86  ASN A ND2 1 
ATOM   652  N N   . GLU A 1 100 ? 1.965   13.401  11.306  1.00 7.72  ? 87  GLU A N   1 
ATOM   653  C CA  . GLU A 1 100 ? 0.769   13.876  12.011  1.00 9.69  ? 87  GLU A CA  1 
ATOM   654  C C   . GLU A 1 100 ? -0.200  14.594  11.067  1.00 9.53  ? 87  GLU A C   1 
ATOM   655  O O   . GLU A 1 100 ? -1.409  14.376  11.135  1.00 9.25  ? 87  GLU A O   1 
ATOM   656  C CB  . GLU A 1 100 ? 1.158   14.787  13.193  1.00 9.57  ? 87  GLU A CB  1 
ATOM   657  C CG  . GLU A 1 100 ? 0.165   14.778  14.303  1.00 16.18 ? 87  GLU A CG  1 
ATOM   658  C CD  . GLU A 1 100 ? 0.641   15.585  15.501  1.00 23.08 ? 87  GLU A CD  1 
ATOM   659  O OE1 . GLU A 1 100 ? 1.884   15.659  15.714  1.00 34.61 ? 87  GLU A OE1 1 
ATOM   660  O OE2 . GLU A 1 100 ? -0.220  16.150  16.229  1.00 37.22 ? 87  GLU A OE2 1 
ATOM   661  N N   . GLU A 1 101 ? 0.327   15.441  10.182  1.00 8.11  ? 88  GLU A N   1 
ATOM   662  C CA  . GLU A 1 101 ? -0.518  16.130  9.199   1.00 9.54  ? 88  GLU A CA  1 
ATOM   663  C C   . GLU A 1 101 ? -1.167  15.150  8.221   1.00 7.92  ? 88  GLU A C   1 
ATOM   664  O O   . GLU A 1 101 ? -2.324  15.335  7.822   1.00 7.42  ? 88  GLU A O   1 
ATOM   665  C CB  . GLU A 1 101 ? 0.292   17.157  8.423   1.00 9.60  ? 88  GLU A CB  1 
ATOM   666  C CG  . GLU A 1 101 ? 0.718   18.312  9.314   1.00 10.66 ? 88  GLU A CG  1 
ATOM   667  C CD  . GLU A 1 101 ? 1.781   19.253  8.741   1.00 14.16 ? 88  GLU A CD  1 
ATOM   668  O OE1 . GLU A 1 101 ? 2.608   18.859  7.909   1.00 10.98 ? 88  GLU A OE1 1 
ATOM   669  O OE2 . GLU A 1 101 ? 1.826   20.418  9.216   1.00 17.67 ? 88  GLU A OE2 1 
ATOM   670  N N   . ILE A 1 102 ? -0.409  14.145  7.793   1.00 7.71  ? 89  ILE A N   1 
ATOM   671  C CA  . ILE A 1 102 ? -0.932  13.160  6.859   1.00 7.37  ? 89  ILE A CA  1 
ATOM   672  C C   . ILE A 1 102 ? -2.043  12.362  7.539   1.00 7.96  ? 89  ILE A C   1 
ATOM   673  O O   . ILE A 1 102 ? -3.054  12.010  6.916   1.00 9.18  ? 89  ILE A O   1 
ATOM   674  C CB  . ILE A 1 102 ? 0.194   12.230  6.339   1.00 6.99  ? 89  ILE A CB  1 
ATOM   675  C CG1 . ILE A 1 102 ? 1.227   13.063  5.582   1.00 8.21  ? 89  ILE A CG1 1 
ATOM   676  C CG2 . ILE A 1 102 ? -0.396  11.125  5.487   1.00 8.54  ? 89  ILE A CG2 1 
ATOM   677  C CD1 . ILE A 1 102 ? 2.617   12.410  5.478   1.00 6.30  ? 89  ILE A CD1 1 
ATOM   678  N N   . LYS A 1 103 ? -1.864  12.049  8.813   1.00 8.13  ? 90  LYS A N   1 
ATOM   679  C CA  . LYS A 1 103 ? -2.894  11.305  9.546   1.00 8.66  ? 90  LYS A CA  1 
ATOM   680  C C   . LYS A 1 103 ? -4.196  12.127  9.571   1.00 10.02 ? 90  LYS A C   1 
ATOM   681  O O   . LYS A 1 103 ? -5.282  11.589  9.366   1.00 10.66 ? 90  LYS A O   1 
ATOM   682  C CB  . LYS A 1 103 ? -2.425  11.001  10.980  1.00 9.46  ? 90  LYS A CB  1 
ATOM   683  C CG  . LYS A 1 103 ? -3.463  10.276  11.830  1.00 9.82  ? 90  LYS A CG  1 
ATOM   684  C CD  . LYS A 1 103 ? -2.960  10.101  13.261  1.00 12.20 ? 90  LYS A CD  1 
ATOM   685  C CE  . LYS A 1 103 ? -3.793  9.116   14.023  1.00 17.65 ? 90  LYS A CE  1 
ATOM   686  N NZ  . LYS A 1 103 ? -3.399  9.039   15.477  1.00 17.71 ? 90  LYS A NZ  1 
ATOM   687  N N   . GLU A 1 104 ? -4.070  13.428  9.831   1.00 8.60  ? 91  GLU A N   1 
ATOM   688  C CA  . GLU A 1 104 ? -5.216  14.363  9.792   1.00 10.34 ? 91  GLU A CA  1 
ATOM   689  C C   . GLU A 1 104 ? -5.853  14.405  8.416   1.00 9.34  ? 91  GLU A C   1 
ATOM   690  O O   . GLU A 1 104 ? -7.088  14.454  8.286   1.00 9.94  ? 91  GLU A O   1 
ATOM   691  C CB  . GLU A 1 104 ? -4.763  15.778  10.160  1.00 9.93  ? 91  GLU A CB  1 
ATOM   692  C CG  . GLU A 1 104 ? -4.446  15.935  11.615  1.00 15.05 ? 91  GLU A CG  1 
ATOM   693  C CD  . GLU A 1 104 ? -3.923  17.325  11.977  1.00 21.16 ? 91  GLU A CD  1 
ATOM   694  O OE1 . GLU A 1 104 ? -3.606  18.138  11.061  1.00 25.91 ? 91  GLU A OE1 1 
ATOM   695  O OE2 . GLU A 1 104 ? -3.819  17.590  13.199  1.00 32.39 ? 91  GLU A OE2 1 
ATOM   696  N N   . PHE A 1 105 ? -5.018  14.450  7.387   1.00 8.12  ? 92  PHE A N   1 
ATOM   697  C CA  . PHE A 1 105 ? -5.517  14.489  6.003   1.00 8.18  ? 92  PHE A CA  1 
ATOM   698  C C   . PHE A 1 105 ? -6.349  13.250  5.717   1.00 9.57  ? 92  PHE A C   1 
ATOM   699  O O   . PHE A 1 105 ? -7.449  13.332  5.139   1.00 8.09  ? 92  PHE A O   1 
ATOM   700  C CB  . PHE A 1 105 ? -4.351  14.607  5.015   1.00 8.80  ? 92  PHE A CB  1 
ATOM   701  C CG  . PHE A 1 105 ? -4.781  14.742  3.589   1.00 6.18  ? 92  PHE A CG  1 
ATOM   702  C CD1 . PHE A 1 105 ? -5.075  15.985  3.046   1.00 9.19  ? 92  PHE A CD1 1 
ATOM   703  C CD2 . PHE A 1 105 ? -4.861  13.615  2.758   1.00 8.46  ? 92  PHE A CD2 1 
ATOM   704  C CE1 . PHE A 1 105 ? -5.485  16.100  1.714   1.00 9.42  ? 92  PHE A CE1 1 
ATOM   705  C CE2 . PHE A 1 105 ? -5.259  13.757  1.450   1.00 10.02 ? 92  PHE A CE2 1 
ATOM   706  C CZ  . PHE A 1 105 ? -5.555  14.988  0.927   1.00 9.80  ? 92  PHE A CZ  1 
ATOM   707  N N   . ALA A 1 106 ? -5.851  12.096  6.127   1.00 8.13  ? 93  ALA A N   1 
ATOM   708  C CA  . ALA A 1 106 ? -6.551  10.846  5.901   1.00 8.30  ? 93  ALA A CA  1 
ATOM   709  C C   . ALA A 1 106 ? -7.857  10.823  6.670   1.00 8.66  ? 93  ALA A C   1 
ATOM   710  O O   . ALA A 1 106 ? -8.859  10.313  6.176   1.00 8.49  ? 93  ALA A O   1 
ATOM   711  C CB  . ALA A 1 106 ? -5.641  9.633   6.269   1.00 10.73 ? 93  ALA A CB  1 
ATOM   712  N N   . ALA A 1 107 ? -7.882  11.442  7.855   1.00 8.33  ? 94  ALA A N   1 
ATOM   713  C CA  . ALA A 1 107 ? -9.112  11.482  8.653   1.00 8.90  ? 94  ALA A CA  1 
ATOM   714  C C   . ALA A 1 107 ? -10.218 12.271  7.932   1.00 8.51  ? 94  ALA A C   1 
ATOM   715  O O   . ALA A 1 107 ? -11.416 11.995  8.096   1.00 8.64  ? 94  ALA A O   1 
ATOM   716  C CB  . ALA A 1 107 ? -8.829  12.066  10.066  1.00 9.21  ? 94  ALA A CB  1 
ATOM   717  N N   . GLY A 1 108 ? -9.827  13.244  7.113   1.00 5.76  ? 95  GLY A N   1 
ATOM   718  C CA  . GLY A 1 108 ? -10.809 13.995  6.315   1.00 7.16  ? 95  GLY A CA  1 
ATOM   719  C C   . GLY A 1 108 ? -11.536 13.171  5.258   1.00 8.13  ? 95  GLY A C   1 
ATOM   720  O O   . GLY A 1 108 ? -12.595 13.582  4.742   1.00 8.68  ? 95  GLY A O   1 
ATOM   721  N N   . TYR A 1 109 ? -10.971 12.018  4.935   1.00 6.95  ? 96  TYR A N   1 
ATOM   722  C CA  . TYR A 1 109 ? -11.614 11.037  4.045   1.00 7.13  ? 96  TYR A CA  1 
ATOM   723  C C   . TYR A 1 109 ? -12.296 9.906   4.822   1.00 9.03  ? 96  TYR A C   1 
ATOM   724  O O   . TYR A 1 109 ? -12.806 8.957   4.221   1.00 10.03 ? 96  TYR A O   1 
ATOM   725  C CB  . TYR A 1 109 ? -10.573 10.442  3.076   1.00 8.32  ? 96  TYR A CB  1 
ATOM   726  C CG  . TYR A 1 109 ? -10.192 11.311  1.927   1.00 7.45  ? 96  TYR A CG  1 
ATOM   727  C CD1 . TYR A 1 109 ? -11.003 11.407  0.809   1.00 7.13  ? 96  TYR A CD1 1 
ATOM   728  C CD2 . TYR A 1 109 ? -8.991  12.008  1.915   1.00 10.92 ? 96  TYR A CD2 1 
ATOM   729  C CE1 . TYR A 1 109 ? -10.647 12.210  -0.275  1.00 9.54  ? 96  TYR A CE1 1 
ATOM   730  C CE2 . TYR A 1 109 ? -8.637  12.773  0.861   1.00 10.80 ? 96  TYR A CE2 1 
ATOM   731  C CZ  . TYR A 1 109 ? -9.471  12.893  -0.232  1.00 8.61  ? 96  TYR A CZ  1 
ATOM   732  O OH  . TYR A 1 109 ? -9.082  13.676  -1.317  1.00 14.91 ? 96  TYR A OH  1 
ATOM   733  N N   . ASN A 1 110 ? -12.289 9.998   6.154   1.00 8.05  ? 97  ASN A N   1 
ATOM   734  C CA  . ASN A 1 110 ? -12.842 8.979   7.022   1.00 9.36  ? 97  ASN A CA  1 
ATOM   735  C C   . ASN A 1 110 ? -12.100 7.643   6.854   1.00 9.58  ? 97  ASN A C   1 
ATOM   736  O O   . ASN A 1 110 ? -12.704 6.589   6.901   1.00 9.27  ? 97  ASN A O   1 
ATOM   737  C CB  . ASN A 1 110 ? -14.338 8.775   6.775   1.00 10.00 ? 97  ASN A CB  1 
ATOM   738  C CG  . ASN A 1 110 ? -15.149 10.024  7.028   1.00 17.24 ? 97  ASN A CG  1 
ATOM   739  O OD1 . ASN A 1 110 ? -14.706 10.959  7.717   1.00 15.96 ? 97  ASN A OD1 1 
ATOM   740  N ND2 . ASN A 1 110 ? -16.346 10.046  6.488   1.00 23.41 ? 97  ASN A ND2 1 
ATOM   741  N N   . VAL A 1 111 ? -10.792 7.718   6.676   1.00 7.57  ? 98  VAL A N   1 
ATOM   742  C CA  . VAL A 1 111 ? -9.960  6.513   6.551   1.00 7.70  ? 98  VAL A CA  1 
ATOM   743  C C   . VAL A 1 111 ? -9.987  5.645   7.812   1.00 7.25  ? 98  VAL A C   1 
ATOM   744  O O   . VAL A 1 111 ? -9.675  6.107   8.903   1.00 10.25 ? 98  VAL A O   1 
ATOM   745  C CB  . VAL A 1 111 ? -8.531  6.899   6.194   1.00 6.90  ? 98  VAL A CB  1 
ATOM   746  C CG1 . VAL A 1 111 ? -7.580  5.676   6.335   1.00 6.99  ? 98  VAL A CG1 1 
ATOM   747  C CG2 . VAL A 1 111 ? -8.520  7.394   4.755   1.00 7.21  ? 98  VAL A CG2 1 
ATOM   748  N N   . LYS A 1 112 ? -10.375 4.381   7.650   1.00 7.91  ? 99  LYS A N   1 
ATOM   749  C CA  A LYS A 1 112 ? -10.355 3.431   8.757   0.50 8.30  ? 99  LYS A CA  1 
ATOM   750  C CA  B LYS A 1 112 ? -10.347 3.442   8.763   0.50 8.79  ? 99  LYS A CA  1 
ATOM   751  C C   . LYS A 1 112 ? -9.340  2.299   8.515   1.00 8.05  ? 99  LYS A C   1 
ATOM   752  O O   . LYS A 1 112 ? -9.161  1.410   9.367   1.00 9.83  ? 99  LYS A O   1 
ATOM   753  C CB  A LYS A 1 112 ? -11.744 2.846   8.956   0.50 9.04  ? 99  LYS A CB  1 
ATOM   754  C CB  B LYS A 1 112 ? -11.742 2.884   9.002   0.50 9.35  ? 99  LYS A CB  1 
ATOM   755  C CG  A LYS A 1 112 ? -12.780 3.878   9.412   0.50 9.43  ? 99  LYS A CG  1 
ATOM   756  C CG  B LYS A 1 112 ? -12.777 3.959   9.394   0.50 11.35 ? 99  LYS A CG  1 
ATOM   757  C CD  A LYS A 1 112 ? -12.315 4.606   10.665  0.50 12.10 ? 99  LYS A CD  1 
ATOM   758  C CD  B LYS A 1 112 ? -14.145 3.339   9.665   0.50 11.84 ? 99  LYS A CD  1 
ATOM   759  C CE  A LYS A 1 112 ? -13.422 5.457   11.281  0.50 18.40 ? 99  LYS A CE  1 
ATOM   760  C CE  B LYS A 1 112 ? -15.233 4.375   9.949   0.50 16.22 ? 99  LYS A CE  1 
ATOM   761  N NZ  A LYS A 1 112 ? -14.162 6.253   10.265  0.50 22.18 ? 99  LYS A NZ  1 
ATOM   762  N NZ  B LYS A 1 112 ? -16.503 3.721   10.439  0.50 20.12 ? 99  LYS A NZ  1 
ATOM   763  N N   . PHE A 1 113 ? -8.696  2.315   7.360   1.00 7.76  ? 100 PHE A N   1 
ATOM   764  C CA  . PHE A 1 113 ? -7.669  1.320   7.079   1.00 7.32  ? 100 PHE A CA  1 
ATOM   765  C C   . PHE A 1 113 ? -6.337  1.790   7.649   1.00 7.67  ? 100 PHE A C   1 
ATOM   766  O O   . PHE A 1 113 ? -6.296  2.714   8.435   1.00 8.86  ? 100 PHE A O   1 
ATOM   767  C CB  . PHE A 1 113 ? -7.597  0.976   5.604   1.00 8.40  ? 100 PHE A CB  1 
ATOM   768  C CG  . PHE A 1 113 ? -7.424  2.161   4.683   1.00 7.42  ? 100 PHE A CG  1 
ATOM   769  C CD1 . PHE A 1 113 ? -6.185  2.796   4.537   1.00 7.67  ? 100 PHE A CD1 1 
ATOM   770  C CD2 . PHE A 1 113 ? -8.486  2.596   3.898   1.00 7.71  ? 100 PHE A CD2 1 
ATOM   771  C CE1 . PHE A 1 113 ? -6.024  3.836   3.613   1.00 8.32  ? 100 PHE A CE1 1 
ATOM   772  C CE2 . PHE A 1 113 ? -8.336  3.659   3.003   1.00 9.68  ? 100 PHE A CE2 1 
ATOM   773  C CZ  . PHE A 1 113 ? -7.119  4.294   2.879   1.00 7.34  ? 100 PHE A CZ  1 
ATOM   774  N N   . ASP A 1 114 ? -5.260  1.051   7.367   1.00 7.48  ? 101 ASP A N   1 
ATOM   775  C CA  . ASP A 1 114 ? -4.044  1.209   8.117   1.00 7.89  ? 101 ASP A CA  1 
ATOM   776  C C   . ASP A 1 114 ? -3.064  2.179   7.451   1.00 9.44  ? 101 ASP A C   1 
ATOM   777  O O   . ASP A 1 114 ? -2.542  1.908   6.383   1.00 9.34  ? 101 ASP A O   1 
ATOM   778  C CB  . ASP A 1 114 ? -3.410  -0.179  8.348   1.00 8.77  ? 101 ASP A CB  1 
ATOM   779  C CG  . ASP A 1 114 ? -4.341  -1.118  9.080   1.00 8.62  ? 101 ASP A CG  1 
ATOM   780  O OD1 . ASP A 1 114 ? -5.009  -0.659  10.040  1.00 11.03 ? 101 ASP A OD1 1 
ATOM   781  O OD2 . ASP A 1 114 ? -4.428  -2.311  8.723   1.00 10.43 ? 101 ASP A OD2 1 
ATOM   782  N N   . MET A 1 115 ? -2.810  3.296   8.131   1.00 8.88  ? 102 MET A N   1 
ATOM   783  C CA  . MET A 1 115 ? -1.871  4.296   7.658   1.00 8.08  ? 102 MET A CA  1 
ATOM   784  C C   . MET A 1 115 ? -0.514  4.065   8.281   1.00 8.74  ? 102 MET A C   1 
ATOM   785  O O   . MET A 1 115 ? -0.416  3.811   9.514   1.00 8.72  ? 102 MET A O   1 
ATOM   786  C CB  . MET A 1 115 ? -2.327  5.691   8.046   1.00 8.15  ? 102 MET A CB  1 
ATOM   787  C CG  . MET A 1 115 ? -3.658  6.128   7.419   1.00 8.84  ? 102 MET A CG  1 
ATOM   788  S SD  . MET A 1 115 ? -3.628  6.372   5.666   1.00 9.04  ? 102 MET A SD  1 
ATOM   789  C CE  . MET A 1 115 ? -2.435  7.689   5.595   1.00 8.96  ? 102 MET A CE  1 
ATOM   790  N N   . PHE A 1 116 ? 0.524   4.191   7.459   1.00 8.33  ? 103 PHE A N   1 
ATOM   791  C CA  . PHE A 1 116 ? 1.889   3.966   7.908   1.00 8.01  ? 103 PHE A CA  1 
ATOM   792  C C   . PHE A 1 116 ? 2.680   5.273   7.881   1.00 7.61  ? 103 PHE A C   1 
ATOM   793  O O   . PHE A 1 116 ? 2.277   6.265   7.257   1.00 8.80  ? 103 PHE A O   1 
ATOM   794  C CB  . PHE A 1 116 ? 2.552   2.867   7.067   1.00 8.41  ? 103 PHE A CB  1 
ATOM   795  C CG  . PHE A 1 116 ? 2.029   1.490   7.403   1.00 6.39  ? 103 PHE A CG  1 
ATOM   796  C CD1 . PHE A 1 116 ? 0.824   1.052   6.887   1.00 5.83  ? 103 PHE A CD1 1 
ATOM   797  C CD2 . PHE A 1 116 ? 2.678   0.679   8.353   1.00 7.70  ? 103 PHE A CD2 1 
ATOM   798  C CE1 . PHE A 1 116 ? 0.301   -0.223  7.236   1.00 10.15 ? 103 PHE A CE1 1 
ATOM   799  C CE2 . PHE A 1 116 ? 2.138   -0.581  8.708   1.00 9.69  ? 103 PHE A CE2 1 
ATOM   800  C CZ  . PHE A 1 116 ? 0.973   -1.026  8.138   1.00 11.27 ? 103 PHE A CZ  1 
ATOM   801  N N   . SER A 1 117 ? 3.806   5.275   8.589   1.00 8.23  ? 104 SER A N   1 
ATOM   802  C CA  . SER A 1 117 ? 4.747   6.411   8.502   1.00 7.54  ? 104 SER A CA  1 
ATOM   803  C C   . SER A 1 117 ? 5.323   6.539   7.064   1.00 8.36  ? 104 SER A C   1 
ATOM   804  O O   . SER A 1 117 ? 5.505   5.562   6.342   1.00 6.47  ? 104 SER A O   1 
ATOM   805  C CB  . SER A 1 117 ? 5.893   6.266   9.514   1.00 9.01  ? 104 SER A CB  1 
ATOM   806  O OG  . SER A 1 117 ? 5.467   6.521   10.852  1.00 11.42 ? 104 SER A OG  1 
ATOM   807  N N   . LYS A 1 118 ? 5.627   7.771   6.683   1.00 6.83  ? 105 LYS A N   1 
ATOM   808  C CA  . LYS A 1 118 ? 6.194   8.066   5.393   1.00 7.47  ? 105 LYS A CA  1 
ATOM   809  C C   . LYS A 1 118 ? 7.509   7.299   5.176   1.00 7.80  ? 105 LYS A C   1 
ATOM   810  O O   . LYS A 1 118 ? 8.349   7.185   6.094   1.00 8.96  ? 105 LYS A O   1 
ATOM   811  C CB  . LYS A 1 118 ? 6.473   9.566   5.308   1.00 8.43  ? 105 LYS A CB  1 
ATOM   812  C CG  . LYS A 1 118 ? 6.726   10.072  3.889   1.00 10.33 ? 105 LYS A CG  1 
ATOM   813  C CD  . LYS A 1 118 ? 7.279   11.495  3.839   1.00 13.82 ? 105 LYS A CD  1 
ATOM   814  C CE  . LYS A 1 118 ? 6.345   12.503  4.428   1.00 16.50 ? 105 LYS A CE  1 
ATOM   815  N NZ  . LYS A 1 118 ? 6.841   13.923  4.228   1.00 8.37  ? 105 LYS A NZ  1 
ATOM   816  N N   . ILE A 1 119 ? 7.672   6.796   3.950   1.00 8.52  ? 106 ILE A N   1 
ATOM   817  C CA  . ILE A 1 119 ? 8.846   6.022   3.548   1.00 7.67  ? 106 ILE A CA  1 
ATOM   818  C C   . ILE A 1 119 ? 9.306   6.438   2.156   1.00 8.21  ? 106 ILE A C   1 
ATOM   819  O O   . ILE A 1 119 ? 8.657   7.255   1.484   1.00 7.37  ? 106 ILE A O   1 
ATOM   820  C CB  . ILE A 1 119 ? 8.538   4.510   3.526   1.00 9.41  ? 106 ILE A CB  1 
ATOM   821  C CG1 . ILE A 1 119 ? 7.402   4.249   2.524   1.00 9.73  ? 106 ILE A CG1 1 
ATOM   822  C CG2 . ILE A 1 119 ? 8.208   3.995   4.917   1.00 12.63 ? 106 ILE A CG2 1 
ATOM   823  C CD1 . ILE A 1 119 ? 7.266   2.783   2.129   1.00 12.65 ? 106 ILE A CD1 1 
ATOM   824  N N   . CYS A 1 120 ? 10.439  5.896   1.724   1.00 8.44  ? 107 CYS A N   1 
ATOM   825  C CA  . CYS A 1 120 ? 10.791  5.891   0.303   1.00 6.84  ? 107 CYS A CA  1 
ATOM   826  C C   . CYS A 1 120 ? 10.378  4.551   -0.248  1.00 8.09  ? 107 CYS A C   1 
ATOM   827  O O   . CYS A 1 120 ? 10.429  3.535   0.473   1.00 9.55  ? 107 CYS A O   1 
ATOM   828  C CB  . CYS A 1 120 ? 12.277  6.068   0.127   1.00 7.69  ? 107 CYS A CB  1 
ATOM   829  S SG  . CYS A 1 120 ? 12.814  7.748   0.416   1.00 11.23 ? 107 CYS A SG  1 
ATOM   830  N N   . VAL A 1 121 ? 9.933   4.549   -1.505  1.00 7.73  ? 108 VAL A N   1 
ATOM   831  C CA  . VAL A 1 121 ? 9.584   3.317   -2.218  1.00 7.19  ? 108 VAL A CA  1 
ATOM   832  C C   . VAL A 1 121 ? 10.564  2.948   -3.335  1.00 7.94  ? 108 VAL A C   1 
ATOM   833  O O   . VAL A 1 121 ? 10.551  1.799   -3.835  1.00 7.08  ? 108 VAL A O   1 
ATOM   834  C CB  . VAL A 1 121 ? 8.162   3.393   -2.808  1.00 7.53  ? 108 VAL A CB  1 
ATOM   835  C CG1 . VAL A 1 121 ? 7.145   3.633   -1.671  1.00 8.08  ? 108 VAL A CG1 1 
ATOM   836  C CG2 . VAL A 1 121 ? 8.045   4.462   -3.909  1.00 7.20  ? 108 VAL A CG2 1 
ATOM   837  N N   . ASN A 1 122 ? 11.375  3.925   -3.740  1.00 6.29  ? 109 ASN A N   1 
ATOM   838  C CA  . ASN A 1 122 ? 12.439  3.723   -4.729  1.00 7.57  ? 109 ASN A CA  1 
ATOM   839  C C   . ASN A 1 122 ? 13.811  4.105   -4.167  1.00 8.81  ? 109 ASN A C   1 
ATOM   840  O O   . ASN A 1 122 ? 13.917  4.893   -3.215  1.00 8.99  ? 109 ASN A O   1 
ATOM   841  C CB  . ASN A 1 122 ? 12.214  4.556   -5.984  1.00 6.38  ? 109 ASN A CB  1 
ATOM   842  C CG  . ASN A 1 122 ? 11.039  4.110   -6.815  1.00 7.30  ? 109 ASN A CG  1 
ATOM   843  O OD1 . ASN A 1 122 ? 10.671  2.917   -6.857  1.00 8.59  ? 109 ASN A OD1 1 
ATOM   844  N ND2 . ASN A 1 122 ? 10.461  5.082   -7.564  1.00 8.81  ? 109 ASN A ND2 1 
ATOM   845  N N   . GLY A 1 123 ? 14.857  3.575   -4.803  1.00 7.80  ? 110 GLY A N   1 
ATOM   846  C CA  . GLY A 1 123 ? 16.217  3.877   -4.380  1.00 8.83  ? 110 GLY A CA  1 
ATOM   847  C C   . GLY A 1 123 ? 16.694  3.019   -3.242  1.00 8.30  ? 110 GLY A C   1 
ATOM   848  O O   . GLY A 1 123 ? 15.963  2.126   -2.747  1.00 9.95  ? 110 GLY A O   1 
ATOM   849  N N   . ASP A 1 124 ? 17.951  3.262   -2.858  1.00 9.79  ? 111 ASP A N   1 
ATOM   850  C CA  . ASP A 1 124 ? 18.650  2.443   -1.885  1.00 10.81 ? 111 ASP A CA  1 
ATOM   851  C C   . ASP A 1 124 ? 18.021  2.501   -0.512  1.00 9.88  ? 111 ASP A C   1 
ATOM   852  O O   . ASP A 1 124 ? 18.180  1.568   0.282   1.00 12.35 ? 111 ASP A O   1 
ATOM   853  C CB  . ASP A 1 124 ? 20.091  2.918   -1.783  1.00 10.95 ? 111 ASP A CB  1 
ATOM   854  C CG  . ASP A 1 124 ? 20.866  2.654   -3.039  1.00 16.66 ? 111 ASP A CG  1 
ATOM   855  O OD1 . ASP A 1 124 ? 20.439  1.789   -3.835  1.00 22.52 ? 111 ASP A OD1 1 
ATOM   856  O OD2 . ASP A 1 124 ? 21.910  3.299   -3.224  1.00 22.77 ? 111 ASP A OD2 1 
ATOM   857  N N   . ASP A 1 125 ? 17.336  3.592   -0.217  1.00 10.05 ? 112 ASP A N   1 
ATOM   858  C CA  . ASP A 1 125 ? 16.708  3.757   1.087   1.00 11.58 ? 112 ASP A CA  1 
ATOM   859  C C   . ASP A 1 125 ? 15.233  3.330   1.118   1.00 11.75 ? 112 ASP A C   1 
ATOM   860  O O   . ASP A 1 125 ? 14.559  3.559   2.115   1.00 10.82 ? 112 ASP A O   1 
ATOM   861  C CB  . ASP A 1 125 ? 16.813  5.214   1.566   1.00 12.81 ? 112 ASP A CB  1 
ATOM   862  C CG  . ASP A 1 125 ? 18.253  5.677   1.763   1.00 21.62 ? 112 ASP A CG  1 
ATOM   863  O OD1 . ASP A 1 125 ? 19.117  4.861   2.178   1.00 23.76 ? 112 ASP A OD1 1 
ATOM   864  O OD2 . ASP A 1 125 ? 18.516  6.868   1.498   1.00 30.98 ? 112 ASP A OD2 1 
ATOM   865  N N   . ALA A 1 126 ? 14.739  2.719   0.041   1.00 9.74  ? 113 ALA A N   1 
ATOM   866  C CA  . ALA A 1 126 ? 13.364  2.218   0.037   1.00 9.70  ? 113 ALA A CA  1 
ATOM   867  C C   . ALA A 1 126 ? 13.158  1.263   1.175   1.00 10.75 ? 113 ALA A C   1 
ATOM   868  O O   . ALA A 1 126 ? 14.059  0.491   1.542   1.00 9.13  ? 113 ALA A O   1 
ATOM   869  C CB  . ALA A 1 126 ? 13.029  1.529   -1.284  1.00 9.55  ? 113 ALA A CB  1 
ATOM   870  N N   . HIS A 1 127 ? 11.967  1.297   1.734   1.00 8.66  ? 114 HIS A N   1 
ATOM   871  C CA  . HIS A 1 127 ? 11.577  0.324   2.716   1.00 9.63  ? 114 HIS A CA  1 
ATOM   872  C C   . HIS A 1 127 ? 11.727  -1.086  2.120   1.00 8.98  ? 114 HIS A C   1 
ATOM   873  O O   . HIS A 1 127 ? 11.345  -1.327  0.960   1.00 8.11  ? 114 HIS A O   1 
ATOM   874  C CB  . HIS A 1 127 ? 10.116  0.568   3.164   1.00 9.36  ? 114 HIS A CB  1 
ATOM   875  C CG  . HIS A 1 127 ? 9.724   -0.249  4.346   1.00 9.74  ? 114 HIS A CG  1 
ATOM   876  N ND1 . HIS A 1 127 ? 9.395   -1.581  4.243   1.00 12.07 ? 114 HIS A ND1 1 
ATOM   877  C CD2 . HIS A 1 127 ? 9.667   0.053   5.667   1.00 9.21  ? 114 HIS A CD2 1 
ATOM   878  C CE1 . HIS A 1 127 ? 9.136   -2.058  5.443   1.00 14.00 ? 114 HIS A CE1 1 
ATOM   879  N NE2 . HIS A 1 127 ? 9.307   -1.091  6.326   1.00 11.49 ? 114 HIS A NE2 1 
ATOM   880  N N   . PRO A 1 128 ? 12.289  -2.027  2.901   1.00 8.63  ? 115 PRO A N   1 
ATOM   881  C CA  . PRO A 1 128 ? 12.537  -3.339  2.306   1.00 8.16  ? 115 PRO A CA  1 
ATOM   882  C C   . PRO A 1 128 ? 11.293  -4.079  1.800   1.00 8.11  ? 115 PRO A C   1 
ATOM   883  O O   . PRO A 1 128 ? 11.403  -4.887  0.882   1.00 7.38  ? 115 PRO A O   1 
ATOM   884  C CB  . PRO A 1 128 ? 13.237  -4.114  3.425   1.00 10.36 ? 115 PRO A CB  1 
ATOM   885  C CG  . PRO A 1 128 ? 12.956  -3.384  4.643   1.00 10.65 ? 115 PRO A CG  1 
ATOM   886  C CD  . PRO A 1 128 ? 12.754  -1.964  4.297   1.00 9.65  ? 115 PRO A CD  1 
ATOM   887  N N   . LEU A 1 129 ? 10.117  -3.820  2.367   1.00 7.12  ? 116 LEU A N   1 
ATOM   888  C CA  . LEU A 1 129 ? 8.899   -4.459  1.836   1.00 7.07  ? 116 LEU A CA  1 
ATOM   889  C C   . LEU A 1 129 ? 8.721   -4.070  0.373   1.00 5.74  ? 116 LEU A C   1 
ATOM   890  O O   . LEU A 1 129 ? 8.329   -4.893  -0.475  1.00 8.17  ? 116 LEU A O   1 
ATOM   891  C CB  . LEU A 1 129 ? 7.674   -4.058  2.639   1.00 6.71  ? 116 LEU A CB  1 
ATOM   892  C CG  . LEU A 1 129 ? 6.340   -4.508  2.024   1.00 7.71  ? 116 LEU A CG  1 
ATOM   893  C CD1 . LEU A 1 129 ? 6.202   -6.023  1.943   1.00 6.34  ? 116 LEU A CD1 1 
ATOM   894  C CD2 . LEU A 1 129 ? 5.141   -3.885  2.734   1.00 7.89  ? 116 LEU A CD2 1 
ATOM   895  N N   . TRP A 1 130 ? 8.961   -2.787  0.094   1.00 7.69  ? 117 TRP A N   1 
ATOM   896  C CA  . TRP A 1 130 ? 8.760   -2.226  -1.257  1.00 7.33  ? 117 TRP A CA  1 
ATOM   897  C C   . TRP A 1 130 ? 9.823   -2.733  -2.218  1.00 7.42  ? 117 TRP A C   1 
ATOM   898  O O   . TRP A 1 130 ? 9.517   -3.082  -3.369  1.00 7.75  ? 117 TRP A O   1 
ATOM   899  C CB  . TRP A 1 130 ? 8.721   -0.704  -1.181  1.00 6.86  ? 117 TRP A CB  1 
ATOM   900  C CG  . TRP A 1 130 ? 7.356   -0.260  -0.696  1.00 7.43  ? 117 TRP A CG  1 
ATOM   901  C CD1 . TRP A 1 130 ? 6.891   -0.267  0.595   1.00 8.46  ? 117 TRP A CD1 1 
ATOM   902  C CD2 . TRP A 1 130 ? 6.251   0.149   -1.521  1.00 9.03  ? 117 TRP A CD2 1 
ATOM   903  N NE1 . TRP A 1 130 ? 5.566   0.132   0.614   1.00 8.37  ? 117 TRP A NE1 1 
ATOM   904  C CE2 . TRP A 1 130 ? 5.155   0.386   -0.669  1.00 5.79  ? 117 TRP A CE2 1 
ATOM   905  C CE3 . TRP A 1 130 ? 6.085   0.319   -2.895  1.00 6.72  ? 117 TRP A CE3 1 
ATOM   906  C CZ2 . TRP A 1 130 ? 3.917   0.807   -1.138  1.00 7.78  ? 117 TRP A CZ2 1 
ATOM   907  C CZ3 . TRP A 1 130 ? 4.852   0.760   -3.369  1.00 8.18  ? 117 TRP A CZ3 1 
ATOM   908  C CH2 . TRP A 1 130 ? 3.795   1.003   -2.498  1.00 7.53  ? 117 TRP A CH2 1 
ATOM   909  N N   . LYS A 1 131 ? 11.073  -2.832  -1.751  1.00 7.96  ? 118 LYS A N   1 
ATOM   910  C CA  . LYS A 1 131 ? 12.109  -3.508  -2.560  1.00 6.85  ? 118 LYS A CA  1 
ATOM   911  C C   . LYS A 1 131 ? 11.658  -4.913  -2.961  1.00 7.32  ? 118 LYS A C   1 
ATOM   912  O O   . LYS A 1 131 ? 11.801  -5.323  -4.111  1.00 7.61  ? 118 LYS A O   1 
ATOM   913  C CB  . LYS A 1 131 ? 13.431  -3.575  -1.795  1.00 7.77  ? 118 LYS A CB  1 
ATOM   914  C CG  . LYS A 1 131 ? 14.021  -2.197  -1.493  1.00 7.32  ? 118 LYS A CG  1 
ATOM   915  C CD  . LYS A 1 131 ? 15.420  -2.359  -0.953  1.00 8.87  ? 118 LYS A CD  1 
ATOM   916  C CE  . LYS A 1 131 ? 16.128  -1.032  -0.747  1.00 12.61 ? 118 LYS A CE  1 
ATOM   917  N NZ  . LYS A 1 131 ? 17.541  -1.271  -0.253  1.00 12.15 ? 118 LYS A NZ  1 
ATOM   918  N N   . TRP A 1 132 ? 11.166  -5.644  -1.987  1.00 6.82  ? 119 TRP A N   1 
ATOM   919  C CA  . TRP A 1 132 ? 10.719  -7.035  -2.174  1.00 6.20  ? 119 TRP A CA  1 
ATOM   920  C C   . TRP A 1 132 ? 9.508   -7.139  -3.138  1.00 7.92  ? 119 TRP A C   1 
ATOM   921  O O   . TRP A 1 132 ? 9.503   -7.973  -4.035  1.00 6.16  ? 119 TRP A O   1 
ATOM   922  C CB  . TRP A 1 132 ? 10.409  -7.677  -0.793  1.00 6.47  ? 119 TRP A CB  1 
ATOM   923  C CG  . TRP A 1 132 ? 9.852   -9.072  -0.881  1.00 8.00  ? 119 TRP A CG  1 
ATOM   924  C CD1 . TRP A 1 132 ? 10.559  -10.237 -0.965  1.00 7.88  ? 119 TRP A CD1 1 
ATOM   925  C CD2 . TRP A 1 132 ? 8.474   -9.435  -0.891  1.00 7.85  ? 119 TRP A CD2 1 
ATOM   926  N NE1 . TRP A 1 132 ? 9.692   -11.313 -1.027  1.00 9.80  ? 119 TRP A NE1 1 
ATOM   927  C CE2 . TRP A 1 132 ? 8.407   -10.833 -0.991  1.00 7.69  ? 119 TRP A CE2 1 
ATOM   928  C CE3 . TRP A 1 132 ? 7.285   -8.708  -0.845  1.00 8.67  ? 119 TRP A CE3 1 
ATOM   929  C CZ2 . TRP A 1 132 ? 7.192   -11.512 -1.045  1.00 7.91  ? 119 TRP A CZ2 1 
ATOM   930  C CZ3 . TRP A 1 132 ? 6.080   -9.402  -0.877  1.00 9.72  ? 119 TRP A CZ3 1 
ATOM   931  C CH2 . TRP A 1 132 ? 6.055   -10.775 -0.988  1.00 7.86  ? 119 TRP A CH2 1 
ATOM   932  N N   . MET A 1 133 ? 8.501   -6.270  -2.951  1.00 6.87  ? 120 MET A N   1 
ATOM   933  C CA  . MET A 1 133 ? 7.298   -6.352  -3.767  1.00 7.18  ? 120 MET A CA  1 
ATOM   934  C C   . MET A 1 133 ? 7.651   -6.166  -5.229  1.00 7.11  ? 120 MET A C   1 
ATOM   935  O O   . MET A 1 133 ? 7.116   -6.834  -6.112  1.00 7.20  ? 120 MET A O   1 
ATOM   936  C CB  . MET A 1 133 ? 6.252   -5.301  -3.332  1.00 7.69  ? 120 MET A CB  1 
ATOM   937  C CG  . MET A 1 133 ? 5.604   -5.608  -1.970  1.00 7.40  ? 120 MET A CG  1 
ATOM   938  S SD  . MET A 1 133 ? 4.114   -4.622  -1.694  1.00 8.26  ? 120 MET A SD  1 
ATOM   939  C CE  . MET A 1 133 ? 4.841   -2.984  -1.656  1.00 8.45  ? 120 MET A CE  1 
ATOM   940  N N   . LYS A 1 134 ? 8.563   -5.242  -5.487  1.00 5.80  ? 121 LYS A N   1 
ATOM   941  C CA  . LYS A 1 134 ? 8.888   -4.824  -6.865  1.00 6.63  ? 121 LYS A CA  1 
ATOM   942  C C   . LYS A 1 134 ? 9.578   -5.921  -7.688  1.00 6.02  ? 121 LYS A C   1 
ATOM   943  O O   . LYS A 1 134 ? 9.637   -5.847  -8.940  1.00 8.04  ? 121 LYS A O   1 
ATOM   944  C CB  . LYS A 1 134 ? 9.792   -3.595  -6.824  1.00 7.57  ? 121 LYS A CB  1 
ATOM   945  C CG  . LYS A 1 134 ? 9.105   -2.307  -6.423  1.00 8.87  ? 121 LYS A CG  1 
ATOM   946  C CD  . LYS A 1 134 ? 9.994   -1.066  -6.585  1.00 8.23  ? 121 LYS A CD  1 
ATOM   947  C CE  . LYS A 1 134 ? 11.062  -0.943  -5.554  1.00 12.17 ? 121 LYS A CE  1 
ATOM   948  N NZ  . LYS A 1 134 ? 11.873  0.271   -5.873  1.00 9.12  ? 121 LYS A NZ  1 
ATOM   949  N N   . ILE A 1 135 ? 10.163  -6.925  -7.016  1.00 6.47  ? 122 ILE A N   1 
ATOM   950  C CA  . ILE A 1 135 ? 10.842  -8.026  -7.738  1.00 7.04  ? 122 ILE A CA  1 
ATOM   951  C C   . ILE A 1 135 ? 10.040  -9.327  -7.811  1.00 7.32  ? 122 ILE A C   1 
ATOM   952  O O   . ILE A 1 135 ? 10.503  -10.315 -8.368  1.00 8.55  ? 122 ILE A O   1 
ATOM   953  C CB  . ILE A 1 135 ? 12.258  -8.318  -7.145  1.00 6.55  ? 122 ILE A CB  1 
ATOM   954  C CG1 . ILE A 1 135 ? 12.156  -8.878  -5.710  1.00 9.36  ? 122 ILE A CG1 1 
ATOM   955  C CG2 . ILE A 1 135 ? 13.117  -7.061  -7.259  1.00 9.80  ? 122 ILE A CG2 1 
ATOM   956  C CD1 . ILE A 1 135 ? 13.387  -9.628  -5.286  1.00 7.99  ? 122 ILE A CD1 1 
ATOM   957  N N   . GLN A 1 136 ? 8.847   -9.334  -7.238  1.00 6.25  ? 123 GLN A N   1 
ATOM   958  C CA  . GLN A 1 136 ? 8.019   -10.530 -7.286  1.00 7.59  ? 123 GLN A CA  1 
ATOM   959  C C   . GLN A 1 136 ? 7.506   -10.701 -8.687  1.00 6.87  ? 123 GLN A C   1 
ATOM   960  O O   . GLN A 1 136 ? 7.342   -9.724  -9.416  1.00 8.38  ? 123 GLN A O   1 
ATOM   961  C CB  . GLN A 1 136 ? 6.846   -10.433 -6.317  1.00 7.65  ? 123 GLN A CB  1 
ATOM   962  C CG  . GLN A 1 136 ? 7.256   -10.223 -4.869  1.00 7.48  ? 123 GLN A CG  1 
ATOM   963  C CD  . GLN A 1 136 ? 8.223   -11.287 -4.413  1.00 7.74  ? 123 GLN A CD  1 
ATOM   964  O OE1 . GLN A 1 136 ? 7.877   -12.488 -4.324  1.00 10.47 ? 123 GLN A OE1 1 
ATOM   965  N NE2 . GLN A 1 136 ? 9.452   -10.875 -4.122  1.00 7.03  ? 123 GLN A NE2 1 
ATOM   966  N N   . PRO A 1 137 ? 7.326   -11.961 -9.121  1.00 6.34  ? 124 PRO A N   1 
ATOM   967  C CA  . PRO A 1 137 ? 6.891   -12.201 -10.483 1.00 7.59  ? 124 PRO A CA  1 
ATOM   968  C C   . PRO A 1 137 ? 5.678   -11.378 -10.879 1.00 9.61  ? 124 PRO A C   1 
ATOM   969  O O   . PRO A 1 137 ? 5.651   -10.857 -11.975 1.00 12.76 ? 124 PRO A O   1 
ATOM   970  C CB  . PRO A 1 137 ? 6.579   -13.697 -10.510 1.00 7.82  ? 124 PRO A CB  1 
ATOM   971  C CG  . PRO A 1 137 ? 7.419   -14.278 -9.445  1.00 8.85  ? 124 PRO A CG  1 
ATOM   972  C CD  . PRO A 1 137 ? 7.638   -13.210 -8.408  1.00 8.33  ? 124 PRO A CD  1 
ATOM   973  N N   . LYS A 1 138 ? 4.699   -11.225 -9.993  1.00 7.66  ? 125 LYS A N   1 
ATOM   974  C CA  . LYS A 1 138 ? 3.536   -10.355 -10.308 1.00 8.66  ? 125 LYS A CA  1 
ATOM   975  C C   . LYS A 1 138 ? 3.663   -8.907  -9.831  1.00 9.71  ? 125 LYS A C   1 
ATOM   976  O O   . LYS A 1 138 ? 2.711   -8.093  -9.972  1.00 12.82 ? 125 LYS A O   1 
ATOM   977  C CB  . LYS A 1 138 ? 2.276   -10.991 -9.747  1.00 10.12 ? 125 LYS A CB  1 
ATOM   978  C CG  . LYS A 1 138 ? 2.033   -12.393 -10.266 1.00 11.98 ? 125 LYS A CG  1 
ATOM   979  C CD  . LYS A 1 138 ? 1.920   -12.378 -11.792 1.00 16.92 ? 125 LYS A CD  1 
ATOM   980  C CE  . LYS A 1 138 ? 1.491   -13.739 -12.362 1.00 28.07 ? 125 LYS A CE  1 
ATOM   981  N NZ  . LYS A 1 138 ? 0.260   -14.235 -11.670 1.00 41.90 ? 125 LYS A NZ  1 
ATOM   982  N N   . GLY A 1 139 ? 4.841   -8.553  -9.299  1.00 9.67  ? 126 GLY A N   1 
ATOM   983  C CA  . GLY A 1 139 ? 5.167   -7.196  -8.823  1.00 10.12 ? 126 GLY A CA  1 
ATOM   984  C C   . GLY A 1 139 ? 6.044   -6.378  -9.754  1.00 11.63 ? 126 GLY A C   1 
ATOM   985  O O   . GLY A 1 139 ? 6.332   -5.200  -9.492  1.00 10.67 ? 126 GLY A O   1 
ATOM   986  N N   . LYS A 1 140 ? 6.541   -7.005  -10.803 1.00 11.35 ? 127 LYS A N   1 
ATOM   987  C CA  . LYS A 1 140 ? 7.481   -6.340  -11.699 1.00 12.54 ? 127 LYS A CA  1 
ATOM   988  C C   . LYS A 1 140 ? 6.786   -5.271  -12.499 1.00 15.96 ? 127 LYS A C   1 
ATOM   989  O O   . LYS A 1 140 ? 5.573   -5.300  -12.712 1.00 17.39 ? 127 LYS A O   1 
ATOM   990  C CB  . LYS A 1 140 ? 8.156   -7.379  -12.589 1.00 13.55 ? 127 LYS A CB  1 
ATOM   991  C CG  . LYS A 1 140 ? 9.112   -8.259  -11.809 1.00 15.82 ? 127 LYS A CG  1 
ATOM   992  C CD  . LYS A 1 140 ? 9.870   -9.181  -12.716 1.00 17.99 ? 127 LYS A CD  1 
ATOM   993  C CE  . LYS A 1 140 ? 10.895  -9.995  -11.955 1.00 17.69 ? 127 LYS A CE  1 
ATOM   994  N NZ  . LYS A 1 140 ? 11.462  -11.011 -12.869 1.00 18.97 ? 127 LYS A NZ  1 
ATOM   995  N N   . GLY A 1 141 ? 7.549   -4.276  -12.900 1.00 15.44 ? 128 GLY A N   1 
ATOM   996  C CA  . GLY A 1 141 ? 6.970   -3.142  -13.583 1.00 20.13 ? 128 GLY A CA  1 
ATOM   997  C C   . GLY A 1 141 ? 7.158   -3.240  -15.072 1.00 21.14 ? 128 GLY A C   1 
ATOM   998  O O   . GLY A 1 141 ? 7.693   -4.239  -15.592 1.00 19.74 ? 128 GLY A O   1 
ATOM   999  N N   . ILE A 1 142 ? 6.680   -2.197  -15.758 1.00 24.12 ? 129 ILE A N   1 
ATOM   1000 C CA  . ILE A 1 142 ? 6.955   -1.982  -17.163 1.00 26.68 ? 129 ILE A CA  1 
ATOM   1001 C C   . ILE A 1 142 ? 8.002   -0.897  -17.259 1.00 26.61 ? 129 ILE A C   1 
ATOM   1002 O O   . ILE A 1 142 ? 7.896   0.157   -16.603 1.00 27.40 ? 129 ILE A O   1 
ATOM   1003 C CB  . ILE A 1 142 ? 5.698   -1.526  -17.922 1.00 26.45 ? 129 ILE A CB  1 
ATOM   1004 C CG1 . ILE A 1 142 ? 4.694   -2.686  -18.009 1.00 32.09 ? 129 ILE A CG1 1 
ATOM   1005 C CG2 . ILE A 1 142 ? 6.077   -1.009  -19.306 1.00 26.97 ? 129 ILE A CG2 1 
ATOM   1006 C CD1 . ILE A 1 142 ? 3.305   -2.263  -18.464 1.00 32.71 ? 129 ILE A CD1 1 
ATOM   1007 N N   . LEU A 1 143 ? 9.012   -1.150  -18.064 1.00 25.44 ? 130 LEU A N   1 
ATOM   1008 C CA  . LEU A 1 143 ? 10.120  -0.236  -18.197 1.00 26.14 ? 130 LEU A CA  1 
ATOM   1009 C C   . LEU A 1 143 ? 10.780  -0.161  -16.842 1.00 24.92 ? 130 LEU A C   1 
ATOM   1010 O O   . LEU A 1 143 ? 10.945  0.937   -16.272 1.00 27.22 ? 130 LEU A O   1 
ATOM   1011 C CB  . LEU A 1 143 ? 9.643   1.169   -18.660 1.00 26.74 ? 130 LEU A CB  1 
ATOM   1012 C CG  . LEU A 1 143 ? 9.610   1.493   -20.159 1.00 32.61 ? 130 LEU A CG  1 
ATOM   1013 C CD1 . LEU A 1 143 ? 8.618   2.674   -20.456 1.00 27.42 ? 130 LEU A CD1 1 
ATOM   1014 C CD2 . LEU A 1 143 ? 11.020  1.821   -20.666 1.00 33.57 ? 130 LEU A CD2 1 
ATOM   1015 N N   . GLY A 1 144 ? 11.151  -1.333  -16.314 1.00 21.69 ? 131 GLY A N   1 
ATOM   1016 C CA  . GLY A 1 144 ? 11.818  -1.419  -15.016 1.00 17.64 ? 131 GLY A CA  1 
ATOM   1017 C C   . GLY A 1 144 ? 10.777  -1.566  -13.913 1.00 15.78 ? 131 GLY A C   1 
ATOM   1018 O O   . GLY A 1 144 ? 9.574   -1.414  -14.164 1.00 16.26 ? 131 GLY A O   1 
ATOM   1019 N N   . ASN A 1 145 ? 11.230  -1.882  -12.700 1.00 10.38 ? 132 ASN A N   1 
ATOM   1020 C CA  . ASN A 1 145 ? 10.292  -2.195  -11.597 1.00 10.17 ? 132 ASN A CA  1 
ATOM   1021 C C   . ASN A 1 145 ? 9.954   -0.987  -10.740 1.00 9.84  ? 132 ASN A C   1 
ATOM   1022 O O   . ASN A 1 145 ? 9.084   -1.062  -9.876  1.00 7.42  ? 132 ASN A O   1 
ATOM   1023 C CB  . ASN A 1 145 ? 10.879  -3.272  -10.682 1.00 9.06  ? 132 ASN A CB  1 
ATOM   1024 C CG  . ASN A 1 145 ? 11.132  -4.533  -11.388 1.00 11.06 ? 132 ASN A CG  1 
ATOM   1025 O OD1 . ASN A 1 145 ? 10.389  -4.913  -12.289 1.00 12.74 ? 132 ASN A OD1 1 
ATOM   1026 N ND2 . ASN A 1 145 ? 12.232  -5.230  -10.996 1.00 12.34 ? 132 ASN A ND2 1 
ATOM   1027 N N   . ALA A 1 146 ? 10.650  0.126   -10.966 1.00 7.83  ? 133 ALA A N   1 
ATOM   1028 C CA  . ALA A 1 146 ? 10.505  1.300   -10.122 1.00 8.38  ? 133 ALA A CA  1 
ATOM   1029 C C   . ALA A 1 146 ? 9.056   1.713   -10.021 1.00 7.14  ? 133 ALA A C   1 
ATOM   1030 O O   . ALA A 1 146 ? 8.305   1.636   -11.002 1.00 8.72  ? 133 ALA A O   1 
ATOM   1031 C CB  . ALA A 1 146 ? 11.329  2.462   -10.667 1.00 8.08  ? 133 ALA A CB  1 
ATOM   1032 N N   . ILE A 1 147 ? 8.655   2.184   -8.837  1.00 7.29  ? 134 ILE A N   1 
ATOM   1033 C CA  . ILE A 1 147 ? 7.332   2.802   -8.696  1.00 6.45  ? 134 ILE A CA  1 
ATOM   1034 C C   . ILE A 1 147 ? 7.341   4.094   -9.516  1.00 7.58  ? 134 ILE A C   1 
ATOM   1035 O O   . ILE A 1 147 ? 8.273   4.856   -9.431  1.00 8.02  ? 134 ILE A O   1 
ATOM   1036 C CB  . ILE A 1 147 ? 7.013   3.093   -7.223  1.00 7.52  ? 134 ILE A CB  1 
ATOM   1037 C CG1 . ILE A 1 147 ? 7.219   1.827   -6.366  1.00 6.73  ? 134 ILE A CG1 1 
ATOM   1038 C CG2 . ILE A 1 147 ? 5.604   3.665   -7.061  1.00 8.42  ? 134 ILE A CG2 1 
ATOM   1039 C CD1 . ILE A 1 147 ? 6.459   0.569   -6.850  1.00 7.44  ? 134 ILE A CD1 1 
ATOM   1040 N N   . LYS A 1 148 ? 6.325   4.267   -10.355 1.00 5.88  ? 135 LYS A N   1 
ATOM   1041 C CA  . LYS A 1 148 ? 6.343   5.365   -11.330 1.00 6.14  ? 135 LYS A CA  1 
ATOM   1042 C C   . LYS A 1 148 ? 5.736   6.664   -10.823 1.00 6.17  ? 135 LYS A C   1 
ATOM   1043 O O   . LYS A 1 148 ? 6.162   7.731   -11.252 1.00 6.80  ? 135 LYS A O   1 
ATOM   1044 C CB  . LYS A 1 148 ? 5.649   4.956   -12.622 1.00 7.65  ? 135 LYS A CB  1 
ATOM   1045 C CG  . LYS A 1 148 ? 6.318   3.752   -13.337 1.00 10.22 ? 135 LYS A CG  1 
ATOM   1046 C CD  . LYS A 1 148 ? 7.749   3.927   -13.730 1.00 10.78 ? 135 LYS A CD  1 
ATOM   1047 C CE  . LYS A 1 148 ? 8.263   2.673   -14.518 1.00 18.14 ? 135 LYS A CE  1 
ATOM   1048 N NZ  . LYS A 1 148 ? 8.211   1.323   -13.740 1.00 15.80 ? 135 LYS A NZ  1 
ATOM   1049 N N   . TRP A 1 149 ? 4.733   6.590   -9.963  1.00 5.15  ? 136 TRP A N   1 
ATOM   1050 C CA  . TRP A 1 149 ? 4.123   7.777   -9.358  1.00 5.79  ? 136 TRP A CA  1 
ATOM   1051 C C   . TRP A 1 149 ? 3.357   7.375   -8.133  1.00 6.87  ? 136 TRP A C   1 
ATOM   1052 O O   . TRP A 1 149 ? 3.310   6.190   -7.770  1.00 7.09  ? 136 TRP A O   1 
ATOM   1053 C CB  . TRP A 1 149 ? 3.166   8.483   -10.338 1.00 7.20  ? 136 TRP A CB  1 
ATOM   1054 C CG  . TRP A 1 149 ? 3.062   9.984   -10.069 1.00 6.25  ? 136 TRP A CG  1 
ATOM   1055 C CD1 . TRP A 1 149 ? 1.952   10.687  -9.592  1.00 6.58  ? 136 TRP A CD1 1 
ATOM   1056 C CD2 . TRP A 1 149 ? 4.082   10.950  -10.247 1.00 6.62  ? 136 TRP A CD2 1 
ATOM   1057 N NE1 . TRP A 1 149 ? 2.257   12.005  -9.455  1.00 7.77  ? 136 TRP A NE1 1 
ATOM   1058 C CE2 . TRP A 1 149 ? 3.564   12.201  -9.850  1.00 7.44  ? 136 TRP A CE2 1 
ATOM   1059 C CE3 . TRP A 1 149 ? 5.401   10.884  -10.697 1.00 6.88  ? 136 TRP A CE3 1 
ATOM   1060 C CZ2 . TRP A 1 149 ? 4.338   13.359  -9.880  1.00 7.09  ? 136 TRP A CZ2 1 
ATOM   1061 C CZ3 . TRP A 1 149 ? 6.160   12.033  -10.736 1.00 5.63  ? 136 TRP A CZ3 1 
ATOM   1062 C CH2 . TRP A 1 149 ? 5.632   13.258  -10.333 1.00 8.47  ? 136 TRP A CH2 1 
ATOM   1063 N N   . ASN A 1 150 ? 2.766   8.375   -7.499  1.00 8.05  ? 137 ASN A N   1 
ATOM   1064 C CA  . ASN A 1 150 ? 1.878   8.114   -6.376  1.00 6.43  ? 137 ASN A CA  1 
ATOM   1065 C C   . ASN A 1 150 ? 0.778   7.174   -6.773  1.00 7.71  ? 137 ASN A C   1 
ATOM   1066 O O   . ASN A 1 150 ? 0.350   7.167   -7.910  1.00 7.65  ? 137 ASN A O   1 
ATOM   1067 C CB  . ASN A 1 150 ? 1.286   9.424   -5.865  1.00 7.96  ? 137 ASN A CB  1 
ATOM   1068 C CG  . ASN A 1 150 ? 2.346   10.445  -5.547  1.00 8.50  ? 137 ASN A CG  1 
ATOM   1069 O OD1 . ASN A 1 150 ? 3.263   10.193  -4.722  1.00 7.93  ? 137 ASN A OD1 1 
ATOM   1070 N ND2 . ASN A 1 150 ? 2.280   11.601  -6.215  1.00 7.88  ? 137 ASN A ND2 1 
ATOM   1071 N N   . PHE A 1 151 ? 0.308   6.401   -5.797  1.00 6.39  ? 138 PHE A N   1 
ATOM   1072 C CA  . PHE A 1 151 ? -0.815  5.508   -5.924  1.00 6.38  ? 138 PHE A CA  1 
ATOM   1073 C C   . PHE A 1 151 ? -0.619  4.326   -6.864  1.00 6.62  ? 138 PHE A C   1 
ATOM   1074 O O   . PHE A 1 151 ? -1.555  3.907   -7.581  1.00 7.30  ? 138 PHE A O   1 
ATOM   1075 C CB  . PHE A 1 151 ? -2.079  6.256   -6.231  1.00 6.27  ? 138 PHE A CB  1 
ATOM   1076 C CG  . PHE A 1 151 ? -2.454  7.261   -5.143  1.00 6.52  ? 138 PHE A CG  1 
ATOM   1077 C CD1 . PHE A 1 151 ? -3.009  6.808   -3.966  1.00 9.20  ? 138 PHE A CD1 1 
ATOM   1078 C CD2 . PHE A 1 151 ? -2.222  8.629   -5.298  1.00 7.20  ? 138 PHE A CD2 1 
ATOM   1079 C CE1 . PHE A 1 151 ? -3.366  7.676   -2.973  1.00 8.78  ? 138 PHE A CE1 1 
ATOM   1080 C CE2 . PHE A 1 151 ? -2.551  9.499   -4.321  1.00 8.25  ? 138 PHE A CE2 1 
ATOM   1081 C CZ  . PHE A 1 151 ? -3.106  9.038   -3.146  1.00 6.91  ? 138 PHE A CZ  1 
ATOM   1082 N N   . THR A 1 152 ? 0.546   3.690   -6.778  1.00 6.43  ? 139 THR A N   1 
ATOM   1083 C CA  . THR A 1 152 ? 0.669   2.331   -7.269  1.00 6.59  ? 139 THR A CA  1 
ATOM   1084 C C   . THR A 1 152 ? 0.069   1.410   -6.229  1.00 7.43  ? 139 THR A C   1 
ATOM   1085 O O   . THR A 1 152 ? 0.099   1.721   -5.048  1.00 7.69  ? 139 THR A O   1 
ATOM   1086 C CB  . THR A 1 152 ? 2.166   2.013   -7.527  1.00 8.34  ? 139 THR A CB  1 
ATOM   1087 O OG1 . THR A 1 152 ? 2.694   2.973   -8.470  1.00 6.70  ? 139 THR A OG1 1 
ATOM   1088 C CG2 . THR A 1 152 ? 2.386   0.608   -8.058  1.00 7.47  ? 139 THR A CG2 1 
ATOM   1089 N N   . LYS A 1 153 ? -0.540  0.318   -6.688  1.00 6.63  ? 140 LYS A N   1 
ATOM   1090 C CA  . LYS A 1 153 ? -1.198  -0.671  -5.766  1.00 5.89  ? 140 LYS A CA  1 
ATOM   1091 C C   . LYS A 1 153 ? -0.669  -2.078  -6.029  1.00 8.22  ? 140 LYS A C   1 
ATOM   1092 O O   . LYS A 1 153 ? -0.542  -2.487  -7.184  1.00 9.53  ? 140 LYS A O   1 
ATOM   1093 C CB  . LYS A 1 153 ? -2.698  -0.704  -5.951  1.00 7.67  ? 140 LYS A CB  1 
ATOM   1094 C CG  . LYS A 1 153 ? -3.395  0.596   -5.717  1.00 9.55  ? 140 LYS A CG  1 
ATOM   1095 C CD  . LYS A 1 153 ? -3.558  1.344   -7.065  1.00 12.07 ? 140 LYS A CD  1 
ATOM   1096 C CE  . LYS A 1 153 ? -4.360  2.546   -6.944  1.00 11.83 ? 140 LYS A CE  1 
ATOM   1097 N NZ  . LYS A 1 153 ? -4.232  3.434   -8.115  1.00 7.38  ? 140 LYS A NZ  1 
ATOM   1098 N N   . PHE A 1 154 ? -0.297  -2.770  -4.972  1.00 8.05  ? 141 PHE A N   1 
ATOM   1099 C CA  . PHE A 1 154 ? 0.012   -4.190  -5.042  1.00 7.06  ? 141 PHE A CA  1 
ATOM   1100 C C   . PHE A 1 154 ? -1.110  -4.963  -4.303  1.00 7.52  ? 141 PHE A C   1 
ATOM   1101 O O   . PHE A 1 154 ? -1.514  -4.572  -3.222  1.00 8.26  ? 141 PHE A O   1 
ATOM   1102 C CB  . PHE A 1 154 ? 1.356   -4.491  -4.344  1.00 7.76  ? 141 PHE A CB  1 
ATOM   1103 C CG  . PHE A 1 154 ? 2.552   -3.946  -5.061  1.00 6.46  ? 141 PHE A CG  1 
ATOM   1104 C CD1 . PHE A 1 154 ? 2.930   -2.608  -4.882  1.00 7.17  ? 141 PHE A CD1 1 
ATOM   1105 C CD2 . PHE A 1 154 ? 3.275   -4.726  -5.931  1.00 7.02  ? 141 PHE A CD2 1 
ATOM   1106 C CE1 . PHE A 1 154 ? 4.025   -2.090  -5.563  1.00 10.25 ? 141 PHE A CE1 1 
ATOM   1107 C CE2 . PHE A 1 154 ? 4.362   -4.223  -6.599  1.00 6.59  ? 141 PHE A CE2 1 
ATOM   1108 C CZ  . PHE A 1 154 ? 4.730   -2.891  -6.404  1.00 8.96  ? 141 PHE A CZ  1 
ATOM   1109 N N   . LEU A 1 155 ? -1.611  -6.007  -4.947  1.00 6.69  ? 142 LEU A N   1 
ATOM   1110 C CA  . LEU A 1 155 ? -2.567  -6.890  -4.315  1.00 6.78  ? 142 LEU A CA  1 
ATOM   1111 C C   . LEU A 1 155 ? -1.804  -8.094  -3.763  1.00 7.73  ? 142 LEU A C   1 
ATOM   1112 O O   . LEU A 1 155 ? -0.982  -8.719  -4.465  1.00 7.95  ? 142 LEU A O   1 
ATOM   1113 C CB  . LEU A 1 155 ? -3.623  -7.327  -5.337  1.00 7.36  ? 142 LEU A CB  1 
ATOM   1114 C CG  . LEU A 1 155 ? -4.762  -8.217  -4.792  1.00 5.91  ? 142 LEU A CG  1 
ATOM   1115 C CD1 . LEU A 1 155 ? -5.525  -7.472  -3.722  1.00 9.39  ? 142 LEU A CD1 1 
ATOM   1116 C CD2 . LEU A 1 155 ? -5.694  -8.693  -5.911  1.00 9.08  ? 142 LEU A CD2 1 
ATOM   1117 N N   . ILE A 1 156 ? -2.027  -8.350  -2.474  1.00 6.72  ? 143 ILE A N   1 
ATOM   1118 C CA  . ILE A 1 156 ? -1.308  -9.351  -1.719  1.00 6.90  ? 143 ILE A CA  1 
ATOM   1119 C C   . ILE A 1 156 ? -2.328  -10.402 -1.229  1.00 8.49  ? 143 ILE A C   1 
ATOM   1120 O O   . ILE A 1 156 ? -3.344  -10.042 -0.639  1.00 7.44  ? 143 ILE A O   1 
ATOM   1121 C CB  . ILE A 1 156 ? -0.611  -8.727  -0.470  1.00 7.33  ? 143 ILE A CB  1 
ATOM   1122 C CG1 . ILE A 1 156 ? 0.211   -7.481  -0.798  1.00 10.81 ? 143 ILE A CG1 1 
ATOM   1123 C CG2 . ILE A 1 156 ? 0.184   -9.802  0.325   1.00 9.32  ? 143 ILE A CG2 1 
ATOM   1124 C CD1 . ILE A 1 156 ? 1.330   -7.724  -1.734  1.00 9.94  ? 143 ILE A CD1 1 
ATOM   1125 N N   . ASP A 1 157 ? -2.056  -11.683 -1.452  1.00 7.42  ? 144 ASP A N   1 
ATOM   1126 C CA  . ASP A 1 157 ? -2.998  -12.740 -1.029  1.00 6.46  ? 144 ASP A CA  1 
ATOM   1127 C C   . ASP A 1 157 ? -2.856  -13.092 0.443   1.00 7.72  ? 144 ASP A C   1 
ATOM   1128 O O   . ASP A 1 157 ? -2.057  -12.474 1.166   1.00 7.17  ? 144 ASP A O   1 
ATOM   1129 C CB  . ASP A 1 157 ? -2.893  -13.998 -1.924  1.00 6.77  ? 144 ASP A CB  1 
ATOM   1130 C CG  . ASP A 1 157 ? -1.602  -14.798 -1.722  1.00 8.31  ? 144 ASP A CG  1 
ATOM   1131 O OD1 . ASP A 1 157 ? -0.905  -14.613 -0.702  1.00 8.55  ? 144 ASP A OD1 1 
ATOM   1132 O OD2 . ASP A 1 157 ? -1.306  -15.679 -2.609  1.00 10.47 ? 144 ASP A OD2 1 
ATOM   1133 N N   . LYS A 1 158 ? -3.669  -14.052 0.896   1.00 7.41  ? 145 LYS A N   1 
ATOM   1134 C CA  . LYS A 1 158 ? -3.731  -14.362 2.298   1.00 8.28  ? 145 LYS A CA  1 
ATOM   1135 C C   . LYS A 1 158 ? -2.418  -14.943 2.859   1.00 8.37  ? 145 LYS A C   1 
ATOM   1136 O O   . LYS A 1 158 ? -2.224  -14.982 4.069   1.00 8.00  ? 145 LYS A O   1 
ATOM   1137 C CB  . LYS A 1 158 ? -4.883  -15.347 2.566   1.00 7.31  ? 145 LYS A CB  1 
ATOM   1138 C CG  . LYS A 1 158 ? -4.747  -16.704 1.911   1.00 10.24 ? 145 LYS A CG  1 
ATOM   1139 C CD  . LYS A 1 158 ? -5.976  -17.617 2.238   1.00 14.88 ? 145 LYS A CD  1 
ATOM   1140 C CE  . LYS A 1 158 ? -5.593  -18.973 2.904   1.00 28.65 ? 145 LYS A CE  1 
ATOM   1141 N NZ  . LYS A 1 158 ? -6.237  -20.188 2.225   1.00 26.54 ? 145 LYS A NZ  1 
ATOM   1142 N N   . ASN A 1 159 ? -1.532  -15.385 1.963   1.00 7.84  ? 146 ASN A N   1 
ATOM   1143 C CA  . ASN A 1 159 ? -0.251  -15.943 2.349   1.00 7.02  ? 146 ASN A CA  1 
ATOM   1144 C C   . ASN A 1 159 ? 0.872   -14.917 2.247   1.00 9.35  ? 146 ASN A C   1 
ATOM   1145 O O   . ASN A 1 159 ? 2.048   -15.245 2.470   1.00 9.34  ? 146 ASN A O   1 
ATOM   1146 C CB  . ASN A 1 159 ? 0.088   -17.165 1.477   1.00 9.10  ? 146 ASN A CB  1 
ATOM   1147 C CG  . ASN A 1 159 ? -0.937  -18.283 1.605   1.00 9.99  ? 146 ASN A CG  1 
ATOM   1148 O OD1 . ASN A 1 159 ? -1.347  -18.632 2.706   1.00 12.90 ? 146 ASN A OD1 1 
ATOM   1149 N ND2 . ASN A 1 159 ? -1.376  -18.817 0.483   1.00 20.75 ? 146 ASN A ND2 1 
ATOM   1150 N N   . GLY A 1 160 ? 0.531   -13.677 1.890   1.00 9.12  ? 147 GLY A N   1 
ATOM   1151 C CA  . GLY A 1 160 ? 1.537   -12.620 1.863   1.00 9.28  ? 147 GLY A CA  1 
ATOM   1152 C C   . GLY A 1 160 ? 2.242   -12.517 0.541   1.00 8.88  ? 147 GLY A C   1 
ATOM   1153 O O   . GLY A 1 160 ? 3.263   -11.818 0.434   1.00 9.24  ? 147 GLY A O   1 
ATOM   1154 N N   . CYS A 1 161 ? 1.693   -13.164 -0.483  1.00 7.51  ? 148 CYS A N   1 
ATOM   1155 C CA  . CYS A 1 161 ? 2.337   -13.162 -1.815  1.00 10.40 ? 148 CYS A CA  1 
ATOM   1156 C C   . CYS A 1 161 ? 1.757   -12.097 -2.726  1.00 7.73  ? 148 CYS A C   1 
ATOM   1157 O O   . CYS A 1 161 ? 0.559   -11.860 -2.722  1.00 7.60  ? 148 CYS A O   1 
ATOM   1158 C CB  . CYS A 1 161 ? 2.163   -14.506 -2.471  1.00 8.11  ? 148 CYS A CB  1 
ATOM   1159 S SG  . CYS A 1 161 ? 2.878   -15.858 -1.532  1.00 12.83 ? 148 CYS A SG  1 
ATOM   1160 N N   . VAL A 1 162 ? 2.603   -11.452 -3.531  1.00 8.01  ? 149 VAL A N   1 
ATOM   1161 C CA  . VAL A 1 162 ? 2.119   -10.479 -4.490  1.00 7.75  ? 149 VAL A CA  1 
ATOM   1162 C C   . VAL A 1 162 ? 1.404   -11.222 -5.625  1.00 7.01  ? 149 VAL A C   1 
ATOM   1163 O O   . VAL A 1 162 ? 1.988   -12.143 -6.281  1.00 7.33  ? 149 VAL A O   1 
ATOM   1164 C CB  . VAL A 1 162 ? 3.292   -9.646  -5.091  1.00 7.43  ? 149 VAL A CB  1 
ATOM   1165 C CG1 . VAL A 1 162 ? 2.780   -8.767  -6.225  1.00 9.05  ? 149 VAL A CG1 1 
ATOM   1166 C CG2 . VAL A 1 162 ? 3.996   -8.793  -4.012  1.00 9.57  ? 149 VAL A CG2 1 
ATOM   1167 N N   . VAL A 1 163 ? 0.159   -10.835 -5.887  1.00 6.27  ? 150 VAL A N   1 
ATOM   1168 C CA  . VAL A 1 163 ? -0.611  -11.473 -6.941  1.00 7.26  ? 150 VAL A CA  1 
ATOM   1169 C C   . VAL A 1 163 ? -0.921  -10.563 -8.129  1.00 6.62  ? 150 VAL A C   1 
ATOM   1170 O O   . VAL A 1 163 ? -1.198  -11.060 -9.224  1.00 7.27  ? 150 VAL A O   1 
ATOM   1171 C CB  . VAL A 1 163 ? -1.879  -12.207 -6.392  1.00 9.76  ? 150 VAL A CB  1 
ATOM   1172 C CG1 . VAL A 1 163 ? -1.436  -13.339 -5.465  1.00 8.51  ? 150 VAL A CG1 1 
ATOM   1173 C CG2 . VAL A 1 163 ? -2.850  -11.238 -5.684  1.00 10.02 ? 150 VAL A CG2 1 
ATOM   1174 N N   . LYS A 1 164 ? -0.850  -9.252  -7.925  1.00 8.48  ? 151 LYS A N   1 
ATOM   1175 C CA  . LYS A 1 164 ? -1.052  -8.306  -9.017  1.00 8.36  ? 151 LYS A CA  1 
ATOM   1176 C C   . LYS A 1 164 ? -0.510  -6.923  -8.635  1.00 8.61  ? 151 LYS A C   1 
ATOM   1177 O O   . LYS A 1 164 ? -0.357  -6.586  -7.440  1.00 9.12  ? 151 LYS A O   1 
ATOM   1178 C CB  . LYS A 1 164 ? -2.524  -8.231  -9.413  1.00 8.97  ? 151 LYS A CB  1 
ATOM   1179 C CG  . LYS A 1 164 ? -2.821  -7.586  -10.789 1.00 11.81 ? 151 LYS A CG  1 
ATOM   1180 C CD  . LYS A 1 164 ? -4.176  -8.092  -11.312 1.00 12.60 ? 151 LYS A CD  1 
ATOM   1181 C CE  . LYS A 1 164 ? -4.638  -7.354  -12.568 1.00 16.66 ? 151 LYS A CE  1 
ATOM   1182 N NZ  . LYS A 1 164 ? -5.971  -7.900  -13.053 1.00 15.91 ? 151 LYS A NZ  1 
ATOM   1183 N N   . ARG A 1 165 ? -0.151  -6.142  -9.660  1.00 8.45  ? 152 ARG A N   1 
ATOM   1184 C CA  . ARG A 1 165 ? 0.276   -4.769  -9.475  1.00 7.17  ? 152 ARG A CA  1 
ATOM   1185 C C   . ARG A 1 165 ? -0.555  -3.899  -10.419 1.00 6.50  ? 152 ARG A C   1 
ATOM   1186 O O   . ARG A 1 165 ? -0.758  -4.252  -11.593 1.00 7.95  ? 152 ARG A O   1 
ATOM   1187 C CB  . ARG A 1 165 ? 1.778   -4.622  -9.805  1.00 8.44  ? 152 ARG A CB  1 
ATOM   1188 C CG  . ARG A 1 165 ? 2.330   -3.208  -9.764  1.00 9.00  ? 152 ARG A CG  1 
ATOM   1189 C CD  . ARG A 1 165 ? 3.825   -3.197  -10.086 1.00 7.86  ? 152 ARG A CD  1 
ATOM   1190 N NE  . ARG A 1 165 ? 4.354   -1.845  -10.307 1.00 7.78  ? 152 ARG A NE  1 
ATOM   1191 C CZ  . ARG A 1 165 ? 5.634   -1.496  -10.231 1.00 8.05  ? 152 ARG A CZ  1 
ATOM   1192 N NH1 . ARG A 1 165 ? 6.564   -2.396  -9.959  1.00 6.99  ? 152 ARG A NH1 1 
ATOM   1193 N NH2 . ARG A 1 165 ? 5.985   -0.223  -10.451 1.00 7.75  ? 152 ARG A NH2 1 
ATOM   1194 N N   . TYR A 1 166 ? -0.967  -2.747  -9.907  1.00 7.08  ? 153 TYR A N   1 
ATOM   1195 C CA  . TYR A 1 166 ? -1.815  -1.780  -10.613 1.00 6.21  ? 153 TYR A CA  1 
ATOM   1196 C C   . TYR A 1 166 ? -1.158  -0.424  -10.553 1.00 7.29  ? 153 TYR A C   1 
ATOM   1197 O O   . TYR A 1 166 ? -0.671  0.010   -9.525  1.00 8.26  ? 153 TYR A O   1 
ATOM   1198 C CB  . TYR A 1 166 ? -3.182  -1.663  -9.927  1.00 6.76  ? 153 TYR A CB  1 
ATOM   1199 C CG  . TYR A 1 166 ? -3.928  -2.969  -9.735  1.00 7.46  ? 153 TYR A CG  1 
ATOM   1200 C CD1 . TYR A 1 166 ? -3.696  -3.741  -8.629  1.00 9.01  ? 153 TYR A CD1 1 
ATOM   1201 C CD2 . TYR A 1 166 ? -4.913  -3.373  -10.622 1.00 7.33  ? 153 TYR A CD2 1 
ATOM   1202 C CE1 . TYR A 1 166 ? -4.377  -4.892  -8.418  1.00 6.44  ? 153 TYR A CE1 1 
ATOM   1203 C CE2 . TYR A 1 166 ? -5.634  -4.552  -10.421 1.00 9.46  ? 153 TYR A CE2 1 
ATOM   1204 C CZ  . TYR A 1 166 ? -5.359  -5.322  -9.315  1.00 8.99  ? 153 TYR A CZ  1 
ATOM   1205 O OH  . TYR A 1 166 ? -6.087  -6.529  -9.014  1.00 11.22 ? 153 TYR A OH  1 
ATOM   1206 N N   . GLY A 1 167 ? -1.135  0.279   -11.666 1.00 7.59  ? 154 GLY A N   1 
ATOM   1207 C CA  . GLY A 1 167 ? -0.418  1.535   -11.706 1.00 6.74  ? 154 GLY A CA  1 
ATOM   1208 C C   . GLY A 1 167 ? -1.193  2.749   -11.207 1.00 7.11  ? 154 GLY A C   1 
ATOM   1209 O O   . GLY A 1 167 ? -2.377  2.664   -10.858 1.00 7.09  ? 154 GLY A O   1 
ATOM   1210 N N   . PRO A 1 168 ? -0.502  3.901   -11.158 1.00 8.13  ? 155 PRO A N   1 
ATOM   1211 C CA  . PRO A 1 168 ? -1.096  5.147   -10.647 1.00 6.19  ? 155 PRO A CA  1 
ATOM   1212 C C   . PRO A 1 168 ? -2.432  5.520   -11.256 1.00 7.75  ? 155 PRO A C   1 
ATOM   1213 O O   . PRO A 1 168 ? -3.285  6.152   -10.581 1.00 7.98  ? 155 PRO A O   1 
ATOM   1214 C CB  . PRO A 1 168 ? -0.033  6.185   -10.995 1.00 6.18  ? 155 PRO A CB  1 
ATOM   1215 C CG  . PRO A 1 168 ? 1.283   5.405   -10.873 1.00 7.16  ? 155 PRO A CG  1 
ATOM   1216 C CD  . PRO A 1 168 ? 0.938   4.060   -11.477 1.00 8.66  ? 155 PRO A CD  1 
ATOM   1217 N N   . MET A 1 169 ? -2.604  5.209   -12.538 1.00 5.62  ? 156 MET A N   1 
ATOM   1218 C CA  . MET A 1 169 ? -3.824  5.597   -13.252 1.00 7.49  ? 156 MET A CA  1 
ATOM   1219 C C   . MET A 1 169 ? -4.974  4.629   -13.106 1.00 7.40  ? 156 MET A C   1 
ATOM   1220 O O   . MET A 1 169 ? -6.091  4.927   -13.541 1.00 8.86  ? 156 MET A O   1 
ATOM   1221 C CB  . MET A 1 169 ? -3.573  5.844   -14.745 1.00 8.74  ? 156 MET A CB  1 
ATOM   1222 C CG  . MET A 1 169 ? -2.784  7.114   -15.086 1.00 8.91  ? 156 MET A CG  1 
ATOM   1223 S SD  . MET A 1 169 ? -3.574  8.603   -14.509 1.00 9.06  ? 156 MET A SD  1 
ATOM   1224 C CE  . MET A 1 169 ? -5.163  8.426   -15.275 1.00 10.39 ? 156 MET A CE  1 
ATOM   1225 N N   . GLU A 1 170 ? -4.707  3.464   -12.532 1.00 7.28  ? 157 GLU A N   1 
ATOM   1226 C CA  . GLU A 1 170 ? -5.722  2.428   -12.357 1.00 7.92  ? 157 GLU A CA  1 
ATOM   1227 C C   . GLU A 1 170 ? -6.451  2.679   -11.027 1.00 7.05  ? 157 GLU A C   1 
ATOM   1228 O O   . GLU A 1 170 ? -5.916  2.417   -9.925  1.00 8.63  ? 157 GLU A O   1 
ATOM   1229 C CB  . GLU A 1 170 ? -5.092  1.033   -12.394 1.00 7.95  ? 157 GLU A CB  1 
ATOM   1230 C CG  . GLU A 1 170 ? -4.386  0.774   -13.695 1.00 8.37  ? 157 GLU A CG  1 
ATOM   1231 C CD  . GLU A 1 170 ? -3.879  -0.644  -13.834 1.00 13.14 ? 157 GLU A CD  1 
ATOM   1232 O OE1 . GLU A 1 170 ? -4.738  -1.550  -13.934 1.00 17.22 ? 157 GLU A OE1 1 
ATOM   1233 O OE2 . GLU A 1 170 ? -2.640  -0.836  -13.834 1.00 14.86 ? 157 GLU A OE2 1 
ATOM   1234 N N   . GLU A 1 171 ? -7.666  3.175   -11.129 1.00 8.76  ? 158 GLU A N   1 
ATOM   1235 C CA  . GLU A 1 171 ? -8.392  3.558   -9.941  1.00 8.28  ? 158 GLU A CA  1 
ATOM   1236 C C   . GLU A 1 171 ? -8.687  2.332   -9.089  1.00 8.82  ? 158 GLU A C   1 
ATOM   1237 O O   . GLU A 1 171 ? -8.844  1.215   -9.601  1.00 7.86  ? 158 GLU A O   1 
ATOM   1238 C CB  . GLU A 1 171 ? -9.684  4.277   -10.291 1.00 13.15 ? 158 GLU A CB  1 
ATOM   1239 C CG  . GLU A 1 171 ? -10.736 3.474   -10.923 1.00 15.59 ? 158 GLU A CG  1 
ATOM   1240 C CD  . GLU A 1 171 ? -12.059 4.275   -11.196 1.00 21.65 ? 158 GLU A CD  1 
ATOM   1241 O OE1 . GLU A 1 171 ? -12.011 5.527   -11.268 1.00 19.17 ? 158 GLU A OE1 1 
ATOM   1242 O OE2 . GLU A 1 171 ? -13.111 3.604   -11.369 1.00 32.58 ? 158 GLU A OE2 1 
ATOM   1243 N N   . PRO A 1 172 ? -8.726  2.546   -7.769  1.00 7.83  ? 159 PRO A N   1 
ATOM   1244 C CA  . PRO A 1 172 ? -8.913  1.354   -6.917  1.00 8.51  ? 159 PRO A CA  1 
ATOM   1245 C C   . PRO A 1 172 ? -10.115 0.473   -7.278  1.00 8.56  ? 159 PRO A C   1 
ATOM   1246 O O   . PRO A 1 172 ? -10.063 -0.763  -7.088  1.00 9.26  ? 159 PRO A O   1 
ATOM   1247 C CB  . PRO A 1 172 ? -9.067  1.941   -5.520  1.00 8.34  ? 159 PRO A CB  1 
ATOM   1248 C CG  . PRO A 1 172 ? -8.242  3.242   -5.596  1.00 9.39  ? 159 PRO A CG  1 
ATOM   1249 C CD  . PRO A 1 172 ? -8.584  3.769   -6.978  1.00 9.39  ? 159 PRO A CD  1 
ATOM   1250 N N   . LEU A 1 173 ? -11.209 1.043   -7.787  1.00 8.14  ? 160 LEU A N   1 
ATOM   1251 C CA  . LEU A 1 173 ? -12.361 0.206   -8.122  1.00 9.30  ? 160 LEU A CA  1 
ATOM   1252 C C   . LEU A 1 173 ? -12.048 -0.828  -9.225  1.00 10.76 ? 160 LEU A C   1 
ATOM   1253 O O   . LEU A 1 173 ? -12.719 -1.866  -9.306  1.00 10.36 ? 160 LEU A O   1 
ATOM   1254 C CB  . LEU A 1 173 ? -13.583 1.048   -8.479  1.00 12.34 ? 160 LEU A CB  1 
ATOM   1255 C CG  . LEU A 1 173 ? -14.252 1.702   -7.268  1.00 11.97 ? 160 LEU A CG  1 
ATOM   1256 C CD1 . LEU A 1 173 ? -15.521 2.419   -7.763  1.00 14.46 ? 160 LEU A CD1 1 
ATOM   1257 C CD2 . LEU A 1 173 ? -14.578 0.711   -6.081  1.00 14.16 ? 160 LEU A CD2 1 
ATOM   1258 N N   . VAL A 1 174 ? -10.998 -0.591  -10.023 1.00 8.78  ? 161 VAL A N   1 
ATOM   1259 C CA  . VAL A 1 174 ? -10.540 -1.600  -10.999 1.00 10.98 ? 161 VAL A CA  1 
ATOM   1260 C C   . VAL A 1 174 ? -10.143 -2.916  -10.328 1.00 11.84 ? 161 VAL A C   1 
ATOM   1261 O O   . VAL A 1 174 ? -10.269 -3.990  -10.921 1.00 11.27 ? 161 VAL A O   1 
ATOM   1262 C CB  . VAL A 1 174 ? -9.354  -1.050  -11.857 1.00 12.53 ? 161 VAL A CB  1 
ATOM   1263 C CG1 . VAL A 1 174 ? -8.665  -2.134  -12.628 1.00 22.43 ? 161 VAL A CG1 1 
ATOM   1264 C CG2 . VAL A 1 174 ? -9.865  0.044   -12.742 1.00 16.02 ? 161 VAL A CG2 1 
ATOM   1265 N N   . ILE A 1 175 ? -9.657  -2.813  -9.091  1.00 10.47 ? 162 ILE A N   1 
ATOM   1266 C CA  . ILE A 1 175 ? -9.177  -3.960  -8.318  1.00 10.33 ? 162 ILE A CA  1 
ATOM   1267 C C   . ILE A 1 175 ? -10.358 -4.830  -7.843  1.00 10.34 ? 162 ILE A C   1 
ATOM   1268 O O   . ILE A 1 175 ? -10.210 -6.025  -7.600  1.00 9.97  ? 162 ILE A O   1 
ATOM   1269 C CB  . ILE A 1 175 ? -8.350  -3.479  -7.098  1.00 9.57  ? 162 ILE A CB  1 
ATOM   1270 C CG1 . ILE A 1 175 ? -7.190  -2.556  -7.546  1.00 9.43  ? 162 ILE A CG1 1 
ATOM   1271 C CG2 . ILE A 1 175 ? -7.819  -4.683  -6.283  1.00 10.80 ? 162 ILE A CG2 1 
ATOM   1272 C CD1 . ILE A 1 175 ? -6.412  -1.895  -6.413  1.00 10.70 ? 162 ILE A CD1 1 
ATOM   1273 N N   . GLU A 1 176 ? -11.543 -4.234  -7.741  1.00 9.41  ? 163 GLU A N   1 
ATOM   1274 C CA  . GLU A 1 176 ? -12.662 -4.887  -7.090  1.00 10.15 ? 163 GLU A CA  1 
ATOM   1275 C C   . GLU A 1 176 ? -13.000 -6.230  -7.754  1.00 9.99  ? 163 GLU A C   1 
ATOM   1276 O O   . GLU A 1 176 ? -13.294 -7.206  -7.070  1.00 9.62  ? 163 GLU A O   1 
ATOM   1277 C CB  . GLU A 1 176 ? -13.892 -3.959  -7.085  1.00 11.16 ? 163 GLU A CB  1 
ATOM   1278 C CG  . GLU A 1 176 ? -15.064 -4.584  -6.350  1.00 8.63  ? 163 GLU A CG  1 
ATOM   1279 C CD  . GLU A 1 176 ? -16.208 -3.629  -6.087  1.00 12.59 ? 163 GLU A CD  1 
ATOM   1280 O OE1 . GLU A 1 176 ? -16.136 -2.458  -6.474  1.00 12.55 ? 163 GLU A OE1 1 
ATOM   1281 O OE2 . GLU A 1 176 ? -17.200 -4.065  -5.466  1.00 13.17 ? 163 GLU A OE2 1 
ATOM   1282 N N   . LYS A 1 177 ? -12.960 -6.299  -9.080  1.00 11.24 ? 164 LYS A N   1 
ATOM   1283 C CA  . LYS A 1 177 ? -13.354 -7.531  -9.769  1.00 12.13 ? 164 LYS A CA  1 
ATOM   1284 C C   . LYS A 1 177 ? -12.359 -8.657  -9.524  1.00 11.43 ? 164 LYS A C   1 
ATOM   1285 O O   . LYS A 1 177 ? -12.699 -9.848  -9.705  1.00 11.98 ? 164 LYS A O   1 
ATOM   1286 C CB  . LYS A 1 177 ? -13.482 -7.297  -11.274 1.00 14.03 ? 164 LYS A CB  1 
ATOM   1287 C CG  . LYS A 1 177 ? -12.169 -6.957  -11.970 1.00 16.57 ? 164 LYS A CG  1 
ATOM   1288 C CD  . LYS A 1 177 ? -12.361 -6.785  -13.488 1.00 18.98 ? 164 LYS A CD  1 
ATOM   1289 C CE  . LYS A 1 177 ? -13.008 -5.445  -13.799 1.00 25.21 ? 164 LYS A CE  1 
ATOM   1290 N NZ  . LYS A 1 177 ? -12.115 -4.282  -13.473 1.00 24.25 ? 164 LYS A NZ  1 
ATOM   1291 N N   . ASP A 1 178 ? -11.149 -8.302  -9.081  1.00 8.93  ? 165 ASP A N   1 
ATOM   1292 C CA  . ASP A 1 178 ? -10.133 -9.314  -8.821  1.00 10.74 ? 165 ASP A CA  1 
ATOM   1293 C C   . ASP A 1 178 ? -10.206 -9.872  -7.389  1.00 10.71 ? 165 ASP A C   1 
ATOM   1294 O O   . ASP A 1 178 ? -9.585  -10.894 -7.077  1.00 10.81 ? 165 ASP A O   1 
ATOM   1295 C CB  . ASP A 1 178 ? -8.726  -8.761  -9.097  1.00 9.79  ? 165 ASP A CB  1 
ATOM   1296 C CG  . ASP A 1 178 ? -8.502  -8.389  -10.590 1.00 11.87 ? 165 ASP A CG  1 
ATOM   1297 O OD1 . ASP A 1 178 ? -9.108  -9.040  -11.467 1.00 14.34 ? 165 ASP A OD1 1 
ATOM   1298 O OD2 . ASP A 1 178 ? -7.701  -7.469  -10.847 1.00 10.93 ? 165 ASP A OD2 1 
ATOM   1299 N N   . LEU A 1 179 ? -10.909 -9.166  -6.502  1.00 9.83  ? 166 LEU A N   1 
ATOM   1300 C CA  . LEU A 1 179 ? -10.841 -9.496  -5.082  1.00 9.90  ? 166 LEU A CA  1 
ATOM   1301 C C   . LEU A 1 179 ? -11.505 -10.830 -4.717  1.00 8.74  ? 166 LEU A C   1 
ATOM   1302 O O   . LEU A 1 179 ? -10.978 -11.565 -3.883  1.00 8.33  ? 166 LEU A O   1 
ATOM   1303 C CB  . LEU A 1 179 ? -11.444 -8.366  -4.221  1.00 9.67  ? 166 LEU A CB  1 
ATOM   1304 C CG  . LEU A 1 179 ? -10.728 -7.030  -4.185  1.00 9.45  ? 166 LEU A CG  1 
ATOM   1305 C CD1 . LEU A 1 179 ? -11.554 -5.992  -3.312  1.00 9.89  ? 166 LEU A CD1 1 
ATOM   1306 C CD2 . LEU A 1 179 ? -9.301  -7.186  -3.655  1.00 10.62 ? 166 LEU A CD2 1 
ATOM   1307 N N   . PRO A 1 180 ? -12.711 -11.149 -5.286  1.00 9.84  ? 167 PRO A N   1 
ATOM   1308 C CA  . PRO A 1 180 ? -13.375 -12.383 -4.877  1.00 10.20 ? 167 PRO A CA  1 
ATOM   1309 C C   . PRO A 1 180 ? -12.502 -13.631 -4.972  1.00 10.79 ? 167 PRO A C   1 
ATOM   1310 O O   . PRO A 1 180 ? -12.589 -14.527 -4.120  1.00 11.03 ? 167 PRO A O   1 
ATOM   1311 C CB  . PRO A 1 180 ? -14.576 -12.473 -5.836  1.00 10.89 ? 167 PRO A CB  1 
ATOM   1312 C CG  . PRO A 1 180 ? -14.897 -11.077 -6.150  1.00 10.66 ? 167 PRO A CG  1 
ATOM   1313 C CD  . PRO A 1 180 ? -13.551 -10.381 -6.230  1.00 11.96 ? 167 PRO A CD  1 
ATOM   1314 N N   . HIS A 1 181 ? -11.659 -13.711 -5.997  1.00 11.25 ? 168 HIS A N   1 
ATOM   1315 C CA  . HIS A 1 181 ? -10.772 -14.848 -6.157  1.00 12.44 ? 168 HIS A CA  1 
ATOM   1316 C C   . HIS A 1 181 ? -9.895  -15.104 -4.930  1.00 11.43 ? 168 HIS A C   1 
ATOM   1317 O O   . HIS A 1 181 ? -9.464  -16.231 -4.696  1.00 13.55 ? 168 HIS A O   1 
ATOM   1318 C CB  . HIS A 1 181 ? -9.858  -14.639 -7.389  1.00 14.86 ? 168 HIS A CB  1 
ATOM   1319 C CG  . HIS A 1 181 ? -8.992  -15.827 -7.693  1.00 21.05 ? 168 HIS A CG  1 
ATOM   1320 N ND1 . HIS A 1 181 ? -9.509  -17.040 -8.105  1.00 33.95 ? 168 HIS A ND1 1 
ATOM   1321 C CD2 . HIS A 1 181 ? -7.646  -15.990 -7.641  1.00 32.61 ? 168 HIS A CD2 1 
ATOM   1322 C CE1 . HIS A 1 181 ? -8.519  -17.902 -8.282  1.00 34.74 ? 168 HIS A CE1 1 
ATOM   1323 N NE2 . HIS A 1 181 ? -7.377  -17.290 -8.015  1.00 35.65 ? 168 HIS A NE2 1 
ATOM   1324 N N   . TYR A 1 182 ? -9.662  -14.069 -4.127  1.00 8.56  ? 169 TYR A N   1 
ATOM   1325 C CA  . TYR A 1 182 ? -8.750  -14.168 -2.990  1.00 8.83  ? 169 TYR A CA  1 
ATOM   1326 C C   . TYR A 1 182 ? -9.450  -14.182 -1.608  1.00 11.74 ? 169 TYR A C   1 
ATOM   1327 O O   . TYR A 1 182 ? -8.778  -14.328 -0.577  1.00 12.78 ? 169 TYR A O   1 
ATOM   1328 C CB  . TYR A 1 182 ? -7.732  -13.026 -3.062  1.00 9.50  ? 169 TYR A CB  1 
ATOM   1329 C CG  . TYR A 1 182 ? -6.904  -13.135 -4.322  1.00 11.54 ? 169 TYR A CG  1 
ATOM   1330 C CD1 . TYR A 1 182 ? -5.970  -14.120 -4.445  1.00 13.07 ? 169 TYR A CD1 1 
ATOM   1331 C CD2 . TYR A 1 182 ? -7.171  -12.338 -5.417  1.00 13.13 ? 169 TYR A CD2 1 
ATOM   1332 C CE1 . TYR A 1 182 ? -5.271  -14.289 -5.603  1.00 12.16 ? 169 TYR A CE1 1 
ATOM   1333 C CE2 . TYR A 1 182 ? -6.469  -12.500 -6.587  1.00 12.49 ? 169 TYR A CE2 1 
ATOM   1334 C CZ  . TYR A 1 182 ? -5.522  -13.480 -6.662  1.00 12.29 ? 169 TYR A CZ  1 
ATOM   1335 O OH  . TYR A 1 182 ? -4.805  -13.639 -7.842  1.00 17.66 ? 169 TYR A OH  1 
ATOM   1336 N N   . PHE A 1 183 ? -10.772 -14.011 -1.604  1.00 9.32  ? 170 PHE A N   1 
ATOM   1337 C CA  . PHE A 1 183 ? -11.599 -14.121 -0.373  1.00 8.00  ? 170 PHE A CA  1 
ATOM   1338 C C   . PHE A 1 183 ? -12.029 -15.539 -0.116  1.00 8.95  ? 170 PHE A C   1 
ATOM   1339 O O   . PHE A 1 183 ? -12.343 -15.861 1.055   1.00 8.27  ? 170 PHE A O   1 
ATOM   1340 C CB  . PHE A 1 183 ? -12.891 -13.317 -0.537  1.00 7.84  ? 170 PHE A CB  1 
ATOM   1341 C CG  . PHE A 1 183 ? -12.713 -11.855 -0.605  1.00 9.44  ? 170 PHE A CG  1 
ATOM   1342 C CD1 . PHE A 1 183 ? -11.713 -11.220 0.093   1.00 8.44  ? 170 PHE A CD1 1 
ATOM   1343 C CD2 . PHE A 1 183 ? -13.633 -11.077 -1.292  1.00 11.33 ? 170 PHE A CD2 1 
ATOM   1344 C CE1 . PHE A 1 183 ? -11.590 -9.836  0.028   1.00 9.65  ? 170 PHE A CE1 1 
ATOM   1345 C CE2 . PHE A 1 183 ? -13.520 -9.719  -1.316  1.00 11.18 ? 170 PHE A CE2 1 
ATOM   1346 C CZ  . PHE A 1 183 ? -12.506 -9.104  -0.649  1.00 9.07  ? 170 PHE A CZ  1 
ATOM   1347 O OXT . PHE A 1 183 ? -12.087 -16.428 -1.003  1.00 11.26 ? 170 PHE A OXT 1 
HETATM 1348 O O   . HOH B 2 .   ? 4.298   2.192   -10.606 1.00 8.25  ? 171 HOH A O   1 
HETATM 1349 O O   . HOH B 2 .   ? 3.295   8.052   -3.015  1.00 7.77  ? 172 HOH A O   1 
HETATM 1350 O O   . HOH B 2 .   ? 5.196   12.038  -3.599  1.00 8.84  ? 173 HOH A O   1 
HETATM 1351 O O   . HOH B 2 .   ? -6.726  -2.236  6.862   1.00 9.08  ? 174 HOH A O   1 
HETATM 1352 O O   . HOH B 2 .   ? -5.856  6.138   -9.864  1.00 11.38 ? 175 HOH A O   1 
HETATM 1353 O O   . HOH B 2 .   ? -8.646  12.293  -8.112  1.00 10.40 ? 176 HOH A O   1 
HETATM 1354 O O   . HOH B 2 .   ? -1.799  11.153  1.685   1.00 9.10  ? 177 HOH A O   1 
HETATM 1355 O O   . HOH B 2 .   ? 1.657   15.878  3.019   1.00 9.54  ? 178 HOH A O   1 
HETATM 1356 O O   . HOH B 2 .   ? -11.436 2.961   5.553   1.00 9.74  ? 179 HOH A O   1 
HETATM 1357 O O   . HOH B 2 .   ? 4.425   -12.690 -7.419  1.00 9.06  ? 180 HOH A O   1 
HETATM 1358 O O   . HOH B 2 .   ? -17.067 5.332   4.540   1.00 30.53 ? 181 HOH A O   1 
HETATM 1359 O O   . HOH B 2 .   ? 2.429   -0.386  -11.892 1.00 14.65 ? 182 HOH A O   1 
HETATM 1360 O O   . HOH B 2 .   ? -15.404 6.850   0.261   1.00 12.23 ? 183 HOH A O   1 
HETATM 1361 O O   . HOH B 2 .   ? 15.817  -12.103 -6.560  1.00 8.27  ? 184 HOH A O   1 
HETATM 1362 O O   . HOH B 2 .   ? -9.009  3.299   -13.798 1.00 14.75 ? 185 HOH A O   1 
HETATM 1363 O O   . HOH B 2 .   ? 5.117   -12.931 -3.955  1.00 9.63  ? 186 HOH A O   1 
HETATM 1364 O O   . HOH B 2 .   ? 11.850  7.600   -7.677  1.00 14.59 ? 187 HOH A O   1 
HETATM 1365 O O   . HOH B 2 .   ? 13.491  -3.799  -5.750  1.00 11.03 ? 188 HOH A O   1 
HETATM 1366 O O   . HOH B 2 .   ? 14.237  4.126   -9.136  1.00 16.26 ? 189 HOH A O   1 
HETATM 1367 O O   . HOH B 2 .   ? -21.837 -7.773  8.910   1.00 11.89 ? 190 HOH A O   1 
HETATM 1368 O O   . HOH B 2 .   ? 6.249   3.017   7.533   1.00 10.90 ? 191 HOH A O   1 
HETATM 1369 O O   . HOH B 2 .   ? 10.106  6.019   -11.297 1.00 10.74 ? 192 HOH A O   1 
HETATM 1370 O O   . HOH B 2 .   ? 0.896   -7.717  -11.970 1.00 14.03 ? 193 HOH A O   1 
HETATM 1371 O O   . HOH B 2 .   ? 12.207  4.440   3.479   1.00 9.69  ? 194 HOH A O   1 
HETATM 1372 O O   . HOH B 2 .   ? -7.240  7.261   -11.989 1.00 14.84 ? 195 HOH A O   1 
HETATM 1373 O O   . HOH B 2 .   ? -13.483 -3.970  -10.850 1.00 15.13 ? 196 HOH A O   1 
HETATM 1374 O O   . HOH B 2 .   ? -13.934 9.049   1.658   1.00 15.77 ? 197 HOH A O   1 
HETATM 1375 O O   . HOH B 2 .   ? -6.967  14.824  -6.023  1.00 9.39  ? 198 HOH A O   1 
HETATM 1376 O O   . HOH B 2 .   ? -6.281  9.141   10.276  1.00 21.33 ? 199 HOH A O   1 
HETATM 1377 O O   . HOH B 2 .   ? -15.063 5.206   6.447   1.00 15.95 ? 200 HOH A O   1 
HETATM 1378 O O   . HOH B 2 .   ? 8.513   8.271   -12.304 1.00 17.65 ? 201 HOH A O   1 
HETATM 1379 O O   . HOH B 2 .   ? 15.944  5.708   -1.571  1.00 15.78 ? 202 HOH A O   1 
HETATM 1380 O O   . HOH B 2 .   ? -8.751  15.715  9.981   1.00 11.13 ? 203 HOH A O   1 
HETATM 1381 O O   . HOH B 2 .   ? 8.362   8.853   8.457   1.00 9.38  ? 204 HOH A O   1 
HETATM 1382 O O   . HOH B 2 .   ? 2.526   -6.031  15.313  1.00 21.60 ? 205 HOH A O   1 
HETATM 1383 O O   . HOH B 2 .   ? -8.847  11.456  -10.802 1.00 15.75 ? 206 HOH A O   1 
HETATM 1384 O O   . HOH B 2 .   ? 10.937  -5.165  7.564   1.00 20.76 ? 207 HOH A O   1 
HETATM 1385 O O   . HOH B 2 .   ? 13.059  -0.352  -8.364  1.00 17.26 ? 208 HOH A O   1 
HETATM 1386 O O   . HOH B 2 .   ? 3.938   18.459  -7.952  1.00 16.50 ? 209 HOH A O   1 
HETATM 1387 O O   . HOH B 2 .   ? 11.505  -6.027  -14.488 1.00 17.42 ? 210 HOH A O   1 
HETATM 1388 O O   . HOH B 2 .   ? 19.329  5.546   -4.234  1.00 18.03 ? 211 HOH A O   1 
HETATM 1389 O O   . HOH B 2 .   ? 8.869   18.427  0.391   1.00 11.34 ? 212 HOH A O   1 
HETATM 1390 O O   . HOH B 2 .   ? -16.128 4.562   -4.574  1.00 17.06 ? 213 HOH A O   1 
HETATM 1391 O O   . HOH B 2 .   ? 2.991   -16.344 6.098   1.00 23.65 ? 214 HOH A O   1 
HETATM 1392 O O   . HOH B 2 .   ? 10.760  -12.508 -10.003 1.00 13.62 ? 215 HOH A O   1 
HETATM 1393 O O   . HOH B 2 .   ? -8.775  -5.544  -12.485 1.00 18.83 ? 216 HOH A O   1 
HETATM 1394 O O   . HOH B 2 .   ? -8.784  8.519   9.785   1.00 22.29 ? 217 HOH A O   1 
HETATM 1395 O O   . HOH B 2 .   ? -7.748  15.567  -2.725  1.00 26.69 ? 218 HOH A O   1 
HETATM 1396 O O   . HOH B 2 .   ? 11.827  -12.735 -3.381  1.00 16.61 ? 219 HOH A O   1 
HETATM 1397 O O   . HOH B 2 .   ? -5.472  -3.926  10.683  1.00 16.75 ? 220 HOH A O   1 
HETATM 1398 O O   . HOH B 2 .   ? 4.848   -8.412  -12.941 1.00 30.53 ? 221 HOH A O   1 
HETATM 1399 O O   . HOH B 2 .   ? 7.572   -16.602 4.723   1.00 21.52 ? 222 HOH A O   1 
HETATM 1400 O O   . HOH B 2 .   ? -4.300  -3.998  -14.415 1.00 23.29 ? 223 HOH A O   1 
HETATM 1401 O O   . HOH B 2 .   ? 5.781   20.176  -2.167  1.00 15.14 ? 224 HOH A O   1 
HETATM 1402 O O   . HOH B 2 .   ? -8.840  -8.639  -14.045 1.00 25.62 ? 225 HOH A O   1 
HETATM 1403 O O   . HOH B 2 .   ? 9.510   13.753  -8.584  1.00 20.25 ? 226 HOH A O   1 
HETATM 1404 O O   . HOH B 2 .   ? -12.199 -12.456 -8.723  1.00 15.80 ? 227 HOH A O   1 
HETATM 1405 O O   . HOH B 2 .   ? 0.005   17.880  2.152   1.00 26.36 ? 228 HOH A O   1 
HETATM 1406 O O   . HOH B 2 .   ? 13.366  -3.510  -8.645  1.00 25.54 ? 229 HOH A O   1 
HETATM 1407 O O   . HOH B 2 .   ? -3.379  17.780  7.613   1.00 19.71 ? 230 HOH A O   1 
HETATM 1408 O O   . HOH B 2 .   ? -6.991  -0.975  -15.569 1.00 28.01 ? 231 HOH A O   1 
HETATM 1409 O O   . HOH B 2 .   ? -13.438 -1.944  -13.901 1.00 34.20 ? 232 HOH A O   1 
HETATM 1410 O O   . HOH B 2 .   ? -1.347  -2.276  11.029  1.00 24.51 ? 233 HOH A O   1 
HETATM 1411 O O   . HOH B 2 .   ? 10.817  10.064  -8.361  1.00 20.14 ? 234 HOH A O   1 
HETATM 1412 O O   . HOH B 2 .   ? -9.478  -3.203  8.779   1.00 33.14 ? 235 HOH A O   1 
HETATM 1413 O O   . HOH B 2 .   ? -7.898  -1.092  9.727   1.00 21.27 ? 236 HOH A O   1 
HETATM 1414 O O   . HOH B 2 .   ? 1.255   -2.302  -13.386 1.00 28.03 ? 237 HOH A O   1 
HETATM 1415 O O   . HOH B 2 .   ? 10.641  14.055  1.892   1.00 18.31 ? 238 HOH A O   1 
HETATM 1416 O O   . HOH B 2 .   ? -18.751 3.153   0.867   1.00 25.06 ? 239 HOH A O   1 
HETATM 1417 O O   . HOH B 2 .   ? -3.639  -17.671 5.357   1.00 19.15 ? 240 HOH A O   1 
HETATM 1418 O O   . HOH B 2 .   ? -19.125 1.906   -4.731  1.00 24.48 ? 241 HOH A O   1 
HETATM 1419 O O   . HOH B 2 .   ? 13.071  0.552   -12.741 1.00 26.04 ? 242 HOH A O   1 
HETATM 1420 O O   . HOH B 2 .   ? 1.689   -14.856 -6.722  1.00 22.52 ? 243 HOH A O   1 
HETATM 1421 O O   . HOH B 2 .   ? -15.424 -10.475 -9.975  1.00 22.70 ? 244 HOH A O   1 
HETATM 1422 O O   . HOH B 2 .   ? -10.329 -11.129 -12.336 1.00 27.93 ? 245 HOH A O   1 
HETATM 1423 O O   . HOH B 2 .   ? -6.878  4.932   10.140  1.00 28.48 ? 246 HOH A O   1 
HETATM 1424 O O   . HOH B 2 .   ? -20.110 -4.842  -1.986  1.00 17.82 ? 247 HOH A O   1 
HETATM 1425 O O   . HOH B 2 .   ? 16.299  -6.658  -9.163  1.00 20.94 ? 248 HOH A O   1 
HETATM 1426 O O   . HOH B 2 .   ? 6.833   13.336  10.100  1.00 16.83 ? 249 HOH A O   1 
HETATM 1427 O O   . HOH B 2 .   ? 1.268   10.664  13.622  1.00 17.95 ? 250 HOH A O   1 
HETATM 1428 O O   . HOH B 2 .   ? 9.455   14.540  3.881   1.00 28.06 ? 251 HOH A O   1 
HETATM 1429 O O   . HOH B 2 .   ? -4.100  4.017   10.642  1.00 26.29 ? 252 HOH A O   1 
HETATM 1430 O O   . HOH B 2 .   ? -10.059 7.381   -12.062 1.00 24.30 ? 253 HOH A O   1 
HETATM 1431 O O   . HOH B 2 .   ? -7.042  -5.192  -14.483 1.00 26.84 ? 254 HOH A O   1 
HETATM 1432 O O   . HOH B 2 .   ? 8.727   18.320  3.334   1.00 18.31 ? 255 HOH A O   1 
HETATM 1433 O O   . HOH B 2 .   ? 9.554   -8.509  10.627  1.00 29.84 ? 256 HOH A O   1 
HETATM 1434 O O   . HOH B 2 .   ? 14.340  10.132  -2.994  1.00 26.77 ? 257 HOH A O   1 
HETATM 1435 O O   . HOH B 2 .   ? 9.605   14.572  -5.088  1.00 24.66 ? 258 HOH A O   1 
HETATM 1436 O O   . HOH B 2 .   ? 8.571   2.141   8.386   1.00 22.51 ? 259 HOH A O   1 
HETATM 1437 O O   . HOH B 2 .   ? -0.602  -18.258 5.025   1.00 28.93 ? 260 HOH A O   1 
HETATM 1438 O O   . HOH B 2 .   ? -8.803  16.282  -7.213  1.00 23.66 ? 261 HOH A O   1 
HETATM 1439 O O   . HOH B 2 .   ? -3.832  -12.853 11.078  1.00 18.36 ? 262 HOH A O   1 
HETATM 1440 O O   . HOH B 2 .   ? 7.197   0.069   18.327  1.00 22.77 ? 263 HOH A O   1 
HETATM 1441 O O   . HOH B 2 .   ? -1.039  15.895  4.365   1.00 24.85 ? 264 HOH A O   1 
HETATM 1442 O O   . HOH B 2 .   ? 14.094  -2.205  -12.367 1.00 21.96 ? 265 HOH A O   1 
HETATM 1443 O O   . HOH B 2 .   ? 7.246   -11.736 -13.986 1.00 26.96 ? 266 HOH A O   1 
HETATM 1444 O O   . HOH B 2 .   ? -15.097 7.571   -7.516  1.00 29.12 ? 267 HOH A O   1 
HETATM 1445 O O   . HOH B 2 .   ? -19.812 -4.376  -6.843  1.00 34.04 ? 268 HOH A O   1 
HETATM 1446 O O   . HOH B 2 .   ? -9.383  -12.949 2.637   1.00 22.74 ? 269 HOH A O   1 
HETATM 1447 O O   . HOH B 2 .   ? 19.215  -11.423 0.578   1.00 24.37 ? 270 HOH A O   1 
HETATM 1448 O O   . HOH B 2 .   ? 7.347   -10.159 10.431  1.00 30.65 ? 271 HOH A O   1 
HETATM 1449 O O   . HOH B 2 .   ? 11.194  4.781   -13.577 1.00 19.07 ? 272 HOH A O   1 
HETATM 1450 O O   . HOH B 2 .   ? -3.245  -16.746 -4.226  1.00 37.13 ? 273 HOH A O   1 
HETATM 1451 O O   . HOH B 2 .   ? -1.662  -11.195 3.707   1.00 9.76  ? 274 HOH A O   1 
HETATM 1452 O O   . HOH B 2 .   ? 13.847  1.088   5.976   1.00 26.41 ? 275 HOH A O   1 
HETATM 1453 O O   . HOH B 2 .   ? 9.255   9.942   1.056   1.00 11.00 ? 276 HOH A O   1 
HETATM 1454 O O   . HOH B 2 .   ? -0.391  -18.026 -2.006  1.00 20.00 ? 277 HOH A O   1 
HETATM 1455 O O   . HOH B 2 .   ? 12.675  -16.287 4.315   1.00 27.84 ? 278 HOH A O   1 
HETATM 1456 O O   . HOH B 2 .   ? -12.327 -9.059  8.971   1.00 17.08 ? 279 HOH A O   1 
HETATM 1457 O O   . HOH B 2 .   ? 3.594   21.672  -1.161  1.00 19.58 ? 280 HOH A O   1 
HETATM 1458 O O   . HOH B 2 .   ? 13.418  -7.869  -11.294 1.00 18.00 ? 281 HOH A O   1 
HETATM 1459 O O   . HOH B 2 .   ? -15.042 0.944   7.182   1.00 17.25 ? 282 HOH A O   1 
HETATM 1460 O O   . HOH B 2 .   ? -14.273 2.787   5.271   1.00 12.28 ? 283 HOH A O   1 
HETATM 1461 O O   . HOH B 2 .   ? -15.169 -11.395 9.088   1.00 8.09  ? 284 HOH A O   1 
HETATM 1462 O O   . HOH B 2 .   ? -5.960  -14.919 -0.651  1.00 11.25 ? 285 HOH A O   1 
HETATM 1463 O O   . HOH B 2 .   ? -9.324  -15.633 4.225   1.00 9.80  ? 286 HOH A O   1 
HETATM 1464 O O   . HOH B 2 .   ? 14.215  1.965   -7.144  1.00 16.02 ? 287 HOH A O   1 
HETATM 1465 O O   . HOH B 2 .   ? -17.116 5.028   1.910   1.00 20.19 ? 288 HOH A O   1 
HETATM 1466 O O   . HOH B 2 .   ? -4.812  6.933   10.826  1.00 18.96 ? 289 HOH A O   1 
HETATM 1467 O O   . HOH B 2 .   ? -6.698  10.103  -11.578 1.00 18.31 ? 290 HOH A O   1 
HETATM 1468 O O   . HOH B 2 .   ? -8.285  14.738  12.501  1.00 16.18 ? 291 HOH A O   1 
HETATM 1469 O O   . HOH B 2 .   ? 14.249  0.318   -4.162  1.00 13.58 ? 292 HOH A O   1 
HETATM 1470 O O   . HOH B 2 .   ? -9.132  -16.278 1.535   1.00 21.18 ? 293 HOH A O   1 
HETATM 1471 O O   . HOH B 2 .   ? -19.182 -5.411  7.601   1.00 20.18 ? 294 HOH A O   1 
HETATM 1472 O O   . HOH B 2 .   ? 12.530  6.389   -10.164 1.00 17.82 ? 295 HOH A O   1 
HETATM 1473 O O   . HOH B 2 .   ? 11.582  2.792   5.643   1.00 19.74 ? 296 HOH A O   1 
HETATM 1474 O O   . HOH B 2 .   ? -17.617 -7.114  3.843   1.00 18.73 ? 297 HOH A O   1 
HETATM 1475 O O   . HOH B 2 .   ? -11.553 2.536   -14.238 1.00 28.94 ? 298 HOH A O   1 
HETATM 1476 O O   . HOH B 2 .   ? 16.104  5.672   -7.867  1.00 26.15 ? 299 HOH A O   1 
HETATM 1477 O O   . HOH B 2 .   ? 9.371   8.270   -14.753 1.00 22.56 ? 300 HOH A O   1 
HETATM 1478 O O   . HOH B 2 .   ? -5.384  -17.389 -1.863  1.00 24.80 ? 301 HOH A O   1 
HETATM 1479 O O   . HOH B 2 .   ? -16.238 -4.378  -10.569 1.00 31.22 ? 302 HOH A O   1 
HETATM 1480 O O   . HOH B 2 .   ? 4.174   -15.377 -7.999  1.00 24.10 ? 303 HOH A O   1 
HETATM 1481 O O   . HOH B 2 .   ? -13.835 10.292  -6.184  1.00 30.78 ? 304 HOH A O   1 
HETATM 1482 O O   . HOH B 2 .   ? 1.816   19.867  -6.662  1.00 43.14 ? 305 HOH A O   1 
HETATM 1483 O O   . HOH B 2 .   ? 12.616  7.389   4.166   1.00 26.84 ? 306 HOH A O   1 
HETATM 1484 O O   . HOH B 2 .   ? -6.084  -17.898 -4.428  1.00 33.57 ? 307 HOH A O   1 
HETATM 1485 O O   . HOH B 2 .   ? -6.647  -15.061 9.877   1.00 31.50 ? 308 HOH A O   1 
HETATM 1486 O O   . HOH B 2 .   ? -0.966  -13.584 12.338  1.00 31.80 ? 309 HOH A O   1 
HETATM 1487 O O   . HOH B 2 .   ? 7.962   20.689  -0.609  1.00 18.23 ? 310 HOH A O   1 
HETATM 1488 O O   . HOH B 2 .   ? 7.087   17.974  6.941   1.00 27.29 ? 311 HOH A O   1 
HETATM 1489 O O   . HOH B 2 .   ? 11.539  17.983  0.052   1.00 23.66 ? 312 HOH A O   1 
HETATM 1490 O O   . HOH B 2 .   ? 13.860  -13.261 -5.025  1.00 20.10 ? 313 HOH A O   1 
HETATM 1491 O O   . HOH B 2 .   ? 10.742  10.117  3.963   1.00 39.03 ? 314 HOH A O   1 
HETATM 1492 O O   . HOH B 2 .   ? -14.218 -6.361  9.583   1.00 34.10 ? 315 HOH A O   1 
HETATM 1493 O O   . HOH B 2 .   ? 4.538   13.862  12.859  1.00 13.80 ? 316 HOH A O   1 
HETATM 1494 O O   . HOH B 2 .   ? 3.024   5.543   19.198  1.00 26.18 ? 317 HOH A O   1 
HETATM 1495 O O   . HOH B 2 .   ? -6.223  12.855  12.945  1.00 18.04 ? 318 HOH A O   1 
HETATM 1496 O O   . HOH B 2 .   ? -0.164  -15.416 -8.922  1.00 25.48 ? 319 HOH A O   1 
HETATM 1497 O O   . HOH B 2 .   ? -2.063  2.431   11.230  1.00 34.03 ? 320 HOH A O   1 
HETATM 1498 O O   . HOH B 2 .   ? -17.063 -4.956  5.649   1.00 11.92 ? 321 HOH A O   1 
# 
loop_
_pdbx_poly_seq_scheme.asym_id 
_pdbx_poly_seq_scheme.entity_id 
_pdbx_poly_seq_scheme.seq_id 
_pdbx_poly_seq_scheme.mon_id 
_pdbx_poly_seq_scheme.ndb_seq_num 
_pdbx_poly_seq_scheme.pdb_seq_num 
_pdbx_poly_seq_scheme.auth_seq_num 
_pdbx_poly_seq_scheme.pdb_mon_id 
_pdbx_poly_seq_scheme.auth_mon_id 
_pdbx_poly_seq_scheme.pdb_strand_id 
_pdbx_poly_seq_scheme.pdb_ins_code 
_pdbx_poly_seq_scheme.hetero 
A 1 1   MET 1   -12 ?   ?   ?   A . n 
A 1 2   ARG 2   -11 ?   ?   ?   A . n 
A 1 3   GLY 3   -10 ?   ?   ?   A . n 
A 1 4   SER 4   -9  ?   ?   ?   A . n 
A 1 5   HIS 5   -8  ?   ?   ?   A . n 
A 1 6   HIS 6   -7  ?   ?   ?   A . n 
A 1 7   HIS 7   -6  ?   ?   ?   A . n 
A 1 8   HIS 8   -5  ?   ?   ?   A . n 
A 1 9   HIS 9   -4  ?   ?   ?   A . n 
A 1 10  HIS 10  -3  ?   ?   ?   A . n 
A 1 11  GLY 11  -2  ?   ?   ?   A . n 
A 1 12  SER 12  -1  ?   ?   ?   A . n 
A 1 13  ALA 13  0   ?   ?   ?   A . n 
A 1 14  CYS 14  1   ?   ?   ?   A . n 
A 1 15  CYS 15  2   ?   ?   ?   A . n 
A 1 16  ALA 16  3   ?   ?   ?   A . n 
A 1 17  SER 17  4   ?   ?   ?   A . n 
A 1 18  ARG 18  5   ?   ?   ?   A . n 
A 1 19  ASP 19  6   6   ASP ASP A . n 
A 1 20  ASP 20  7   7   ASP ASP A . n 
A 1 21  TRP 21  8   8   TRP TRP A . n 
A 1 22  ARG 22  9   9   ARG ARG A . n 
A 1 23  CYS 23  10  10  CYS CYS A . n 
A 1 24  ALA 24  11  11  ALA ALA A . n 
A 1 25  ARG 25  12  12  ARG ARG A . n 
A 1 26  SER 26  13  13  SER SER A . n 
A 1 27  MET 27  14  14  MET MET A . n 
A 1 28  HIS 28  15  15  HIS HIS A . n 
A 1 29  GLU 29  16  16  GLU GLU A . n 
A 1 30  PHE 30  17  17  PHE PHE A . n 
A 1 31  SER 31  18  18  SER SER A . n 
A 1 32  ALA 32  19  19  ALA ALA A . n 
A 1 33  LYS 33  20  20  LYS LYS A . n 
A 1 34  ASP 34  21  21  ASP ASP A . n 
A 1 35  ILE 35  22  22  ILE ILE A . n 
A 1 36  ASP 36  23  23  ASP ASP A . n 
A 1 37  GLY 37  24  24  GLY GLY A . n 
A 1 38  HIS 38  25  25  HIS HIS A . n 
A 1 39  MET 39  26  26  MET MET A . n 
A 1 40  VAL 40  27  27  VAL VAL A . n 
A 1 41  ASN 41  28  28  ASN ASN A . n 
A 1 42  LEU 42  29  29  LEU LEU A . n 
A 1 43  ASP 43  30  30  ASP ASP A . n 
A 1 44  LYS 44  31  31  LYS LYS A . n 
A 1 45  TYR 45  32  32  TYR TYR A . n 
A 1 46  ARG 46  33  33  ARG ARG A . n 
A 1 47  GLY 47  34  34  GLY GLY A . n 
A 1 48  PHE 48  35  35  PHE PHE A . n 
A 1 49  VAL 49  36  36  VAL VAL A . n 
A 1 50  CYS 50  37  37  CYS CYS A . n 
A 1 51  ILE 51  38  38  ILE ILE A . n 
A 1 52  VAL 52  39  39  VAL VAL A . n 
A 1 53  THR 53  40  40  THR THR A . n 
A 1 54  ASN 54  41  41  ASN ASN A . n 
A 1 55  VAL 55  42  42  VAL VAL A . n 
A 1 56  ALA 56  43  43  ALA ALA A . n 
A 1 57  SER 57  44  44  SER SER A . n 
A 1 58  GLN 58  45  45  GLN GLN A . n 
A 1 59  CYS 59  46  46  CYS CYS A . n 
A 1 60  GLY 60  47  47  GLY GLY A . n 
A 1 61  LYS 61  48  48  LYS LYS A . n 
A 1 62  THR 62  49  49  THR THR A . n 
A 1 63  GLU 63  50  50  GLU GLU A . n 
A 1 64  VAL 64  51  51  VAL VAL A . n 
A 1 65  ASN 65  52  52  ASN ASN A . n 
A 1 66  TYR 66  53  53  TYR TYR A . n 
A 1 67  THR 67  54  54  THR THR A . n 
A 1 68  GLN 68  55  55  GLN GLN A . n 
A 1 69  LEU 69  56  56  LEU LEU A . n 
A 1 70  VAL 70  57  57  VAL VAL A . n 
A 1 71  ASP 71  58  58  ASP ASP A . n 
A 1 72  LEU 72  59  59  LEU LEU A . n 
A 1 73  HIS 73  60  60  HIS HIS A . n 
A 1 74  ALA 74  61  61  ALA ALA A . n 
A 1 75  ARG 75  62  62  ARG ARG A . n 
A 1 76  TYR 76  63  63  TYR TYR A . n 
A 1 77  ALA 77  64  64  ALA ALA A . n 
A 1 78  GLU 78  65  65  GLU GLU A . n 
A 1 79  CYS 79  66  66  CYS CYS A . n 
A 1 80  GLY 80  67  67  GLY GLY A . n 
A 1 81  LEU 81  68  68  LEU LEU A . n 
A 1 82  ARG 82  69  69  ARG ARG A . n 
A 1 83  ILE 83  70  70  ILE ILE A . n 
A 1 84  LEU 84  71  71  LEU LEU A . n 
A 1 85  ALA 85  72  72  ALA ALA A . n 
A 1 86  PHE 86  73  73  PHE PHE A . n 
A 1 87  PRO 87  74  74  PRO PRO A . n 
A 1 88  CYS 88  75  75  CYS CYS A . n 
A 1 89  ASN 89  76  76  ASN ASN A . n 
A 1 90  GLN 90  77  77  GLN GLN A . n 
A 1 91  PHE 91  78  78  PHE PHE A . n 
A 1 92  GLY 92  79  79  GLY GLY A . n 
A 1 93  LYS 93  80  80  LYS LYS A . n 
A 1 94  GLN 94  81  81  GLN GLN A . n 
A 1 95  GLU 95  82  82  GLU GLU A . n 
A 1 96  PRO 96  83  83  PRO PRO A . n 
A 1 97  GLY 97  84  84  GLY GLY A . n 
A 1 98  SER 98  85  85  SER SER A . n 
A 1 99  ASN 99  86  86  ASN ASN A . n 
A 1 100 GLU 100 87  87  GLU GLU A . n 
A 1 101 GLU 101 88  88  GLU GLU A . n 
A 1 102 ILE 102 89  89  ILE ILE A . n 
A 1 103 LYS 103 90  90  LYS LYS A . n 
A 1 104 GLU 104 91  91  GLU GLU A . n 
A 1 105 PHE 105 92  92  PHE PHE A . n 
A 1 106 ALA 106 93  93  ALA ALA A . n 
A 1 107 ALA 107 94  94  ALA ALA A . n 
A 1 108 GLY 108 95  95  GLY GLY A . n 
A 1 109 TYR 109 96  96  TYR TYR A . n 
A 1 110 ASN 110 97  97  ASN ASN A . n 
A 1 111 VAL 111 98  98  VAL VAL A . n 
A 1 112 LYS 112 99  99  LYS LYS A . n 
A 1 113 PHE 113 100 100 PHE PHE A . n 
A 1 114 ASP 114 101 101 ASP ASP A . n 
A 1 115 MET 115 102 102 MET MET A . n 
A 1 116 PHE 116 103 103 PHE PHE A . n 
A 1 117 SER 117 104 104 SER SER A . n 
A 1 118 LYS 118 105 105 LYS LYS A . n 
A 1 119 ILE 119 106 106 ILE ILE A . n 
A 1 120 CYS 120 107 107 CYS CYS A . n 
A 1 121 VAL 121 108 108 VAL VAL A . n 
A 1 122 ASN 122 109 109 ASN ASN A . n 
A 1 123 GLY 123 110 110 GLY GLY A . n 
A 1 124 ASP 124 111 111 ASP ASP A . n 
A 1 125 ASP 125 112 112 ASP ASP A . n 
A 1 126 ALA 126 113 113 ALA ALA A . n 
A 1 127 HIS 127 114 114 HIS HIS A . n 
A 1 128 PRO 128 115 115 PRO PRO A . n 
A 1 129 LEU 129 116 116 LEU LEU A . n 
A 1 130 TRP 130 117 117 TRP TRP A . n 
A 1 131 LYS 131 118 118 LYS LYS A . n 
A 1 132 TRP 132 119 119 TRP TRP A . n 
A 1 133 MET 133 120 120 MET MET A . n 
A 1 134 LYS 134 121 121 LYS LYS A . n 
A 1 135 ILE 135 122 122 ILE ILE A . n 
A 1 136 GLN 136 123 123 GLN GLN A . n 
A 1 137 PRO 137 124 124 PRO PRO A . n 
A 1 138 LYS 138 125 125 LYS LYS A . n 
A 1 139 GLY 139 126 126 GLY GLY A . n 
A 1 140 LYS 140 127 127 LYS LYS A . n 
A 1 141 GLY 141 128 128 GLY GLY A . n 
A 1 142 ILE 142 129 129 ILE ILE A . n 
A 1 143 LEU 143 130 130 LEU LEU A . n 
A 1 144 GLY 144 131 131 GLY GLY A . n 
A 1 145 ASN 145 132 132 ASN ASN A . n 
A 1 146 ALA 146 133 133 ALA ALA A . n 
A 1 147 ILE 147 134 134 ILE ILE A . n 
A 1 148 LYS 148 135 135 LYS LYS A . n 
A 1 149 TRP 149 136 136 TRP TRP A . n 
A 1 150 ASN 150 137 137 ASN ASN A . n 
A 1 151 PHE 151 138 138 PHE PHE A . n 
A 1 152 THR 152 139 139 THR THR A . n 
A 1 153 LYS 153 140 140 LYS LYS A . n 
A 1 154 PHE 154 141 141 PHE PHE A . n 
A 1 155 LEU 155 142 142 LEU LEU A . n 
A 1 156 ILE 156 143 143 ILE ILE A . n 
A 1 157 ASP 157 144 144 ASP ASP A . n 
A 1 158 LYS 158 145 145 LYS LYS A . n 
A 1 159 ASN 159 146 146 ASN ASN A . n 
A 1 160 GLY 160 147 147 GLY GLY A . n 
A 1 161 CYS 161 148 148 CYS CYS A . n 
A 1 162 VAL 162 149 149 VAL VAL A . n 
A 1 163 VAL 163 150 150 VAL VAL A . n 
A 1 164 LYS 164 151 151 LYS LYS A . n 
A 1 165 ARG 165 152 152 ARG ARG A . n 
A 1 166 TYR 166 153 153 TYR TYR A . n 
A 1 167 GLY 167 154 154 GLY GLY A . n 
A 1 168 PRO 168 155 155 PRO PRO A . n 
A 1 169 MET 169 156 156 MET MET A . n 
A 1 170 GLU 170 157 157 GLU GLU A . n 
A 1 171 GLU 171 158 158 GLU GLU A . n 
A 1 172 PRO 172 159 159 PRO PRO A . n 
A 1 173 LEU 173 160 160 LEU LEU A . n 
A 1 174 VAL 174 161 161 VAL VAL A . n 
A 1 175 ILE 175 162 162 ILE ILE A . n 
A 1 176 GLU 176 163 163 GLU GLU A . n 
A 1 177 LYS 177 164 164 LYS LYS A . n 
A 1 178 ASP 178 165 165 ASP ASP A . n 
A 1 179 LEU 179 166 166 LEU LEU A . n 
A 1 180 PRO 180 167 167 PRO PRO A . n 
A 1 181 HIS 181 168 168 HIS HIS A . n 
A 1 182 TYR 182 169 169 TYR TYR A . n 
A 1 183 PHE 183 170 170 PHE PHE A . n 
# 
loop_
_pdbx_nonpoly_scheme.asym_id 
_pdbx_nonpoly_scheme.entity_id 
_pdbx_nonpoly_scheme.mon_id 
_pdbx_nonpoly_scheme.ndb_seq_num 
_pdbx_nonpoly_scheme.pdb_seq_num 
_pdbx_nonpoly_scheme.auth_seq_num 
_pdbx_nonpoly_scheme.pdb_mon_id 
_pdbx_nonpoly_scheme.auth_mon_id 
_pdbx_nonpoly_scheme.pdb_strand_id 
_pdbx_nonpoly_scheme.pdb_ins_code 
B 2 HOH 1   171 1   HOH HOH A . 
B 2 HOH 2   172 2   HOH HOH A . 
B 2 HOH 3   173 3   HOH HOH A . 
B 2 HOH 4   174 4   HOH HOH A . 
B 2 HOH 5   175 5   HOH HOH A . 
B 2 HOH 6   176 6   HOH HOH A . 
B 2 HOH 7   177 7   HOH HOH A . 
B 2 HOH 8   178 8   HOH HOH A . 
B 2 HOH 9   179 9   HOH HOH A . 
B 2 HOH 10  180 10  HOH HOH A . 
B 2 HOH 11  181 11  HOH HOH A . 
B 2 HOH 12  182 12  HOH HOH A . 
B 2 HOH 13  183 13  HOH HOH A . 
B 2 HOH 14  184 14  HOH HOH A . 
B 2 HOH 15  185 15  HOH HOH A . 
B 2 HOH 16  186 16  HOH HOH A . 
B 2 HOH 17  187 17  HOH HOH A . 
B 2 HOH 18  188 18  HOH HOH A . 
B 2 HOH 19  189 19  HOH HOH A . 
B 2 HOH 20  190 20  HOH HOH A . 
B 2 HOH 21  191 21  HOH HOH A . 
B 2 HOH 22  192 22  HOH HOH A . 
B 2 HOH 23  193 23  HOH HOH A . 
B 2 HOH 24  194 24  HOH HOH A . 
B 2 HOH 25  195 25  HOH HOH A . 
B 2 HOH 26  196 26  HOH HOH A . 
B 2 HOH 27  197 27  HOH HOH A . 
B 2 HOH 28  198 28  HOH HOH A . 
B 2 HOH 29  199 29  HOH HOH A . 
B 2 HOH 30  200 30  HOH HOH A . 
B 2 HOH 31  201 31  HOH HOH A . 
B 2 HOH 32  202 32  HOH HOH A . 
B 2 HOH 33  203 33  HOH HOH A . 
B 2 HOH 34  204 34  HOH HOH A . 
B 2 HOH 35  205 35  HOH HOH A . 
B 2 HOH 36  206 36  HOH HOH A . 
B 2 HOH 37  207 37  HOH HOH A . 
B 2 HOH 38  208 38  HOH HOH A . 
B 2 HOH 39  209 39  HOH HOH A . 
B 2 HOH 40  210 40  HOH HOH A . 
B 2 HOH 41  211 41  HOH HOH A . 
B 2 HOH 42  212 42  HOH HOH A . 
B 2 HOH 43  213 43  HOH HOH A . 
B 2 HOH 44  214 44  HOH HOH A . 
B 2 HOH 45  215 45  HOH HOH A . 
B 2 HOH 46  216 46  HOH HOH A . 
B 2 HOH 47  217 47  HOH HOH A . 
B 2 HOH 48  218 48  HOH HOH A . 
B 2 HOH 49  219 49  HOH HOH A . 
B 2 HOH 50  220 50  HOH HOH A . 
B 2 HOH 51  221 51  HOH HOH A . 
B 2 HOH 52  222 52  HOH HOH A . 
B 2 HOH 53  223 53  HOH HOH A . 
B 2 HOH 54  224 54  HOH HOH A . 
B 2 HOH 55  225 55  HOH HOH A . 
B 2 HOH 56  226 56  HOH HOH A . 
B 2 HOH 57  227 57  HOH HOH A . 
B 2 HOH 58  228 58  HOH HOH A . 
B 2 HOH 59  229 59  HOH HOH A . 
B 2 HOH 60  230 60  HOH HOH A . 
B 2 HOH 61  231 61  HOH HOH A . 
B 2 HOH 62  232 62  HOH HOH A . 
B 2 HOH 63  233 63  HOH HOH A . 
B 2 HOH 64  234 64  HOH HOH A . 
B 2 HOH 65  235 65  HOH HOH A . 
B 2 HOH 66  236 66  HOH HOH A . 
B 2 HOH 67  237 67  HOH HOH A . 
B 2 HOH 68  238 68  HOH HOH A . 
B 2 HOH 69  239 69  HOH HOH A . 
B 2 HOH 70  240 70  HOH HOH A . 
B 2 HOH 71  241 71  HOH HOH A . 
B 2 HOH 72  242 72  HOH HOH A . 
B 2 HOH 73  243 73  HOH HOH A . 
B 2 HOH 74  244 74  HOH HOH A . 
B 2 HOH 75  245 75  HOH HOH A . 
B 2 HOH 76  246 76  HOH HOH A . 
B 2 HOH 77  247 77  HOH HOH A . 
B 2 HOH 78  248 78  HOH HOH A . 
B 2 HOH 79  249 79  HOH HOH A . 
B 2 HOH 80  250 80  HOH HOH A . 
B 2 HOH 81  251 81  HOH HOH A . 
B 2 HOH 82  252 82  HOH HOH A . 
B 2 HOH 83  253 83  HOH HOH A . 
B 2 HOH 84  254 84  HOH HOH A . 
B 2 HOH 85  255 85  HOH HOH A . 
B 2 HOH 86  256 86  HOH HOH A . 
B 2 HOH 87  257 87  HOH HOH A . 
B 2 HOH 88  258 88  HOH HOH A . 
B 2 HOH 89  259 89  HOH HOH A . 
B 2 HOH 90  260 90  HOH HOH A . 
B 2 HOH 91  261 91  HOH HOH A . 
B 2 HOH 92  262 92  HOH HOH A . 
B 2 HOH 93  263 93  HOH HOH A . 
B 2 HOH 94  264 94  HOH HOH A . 
B 2 HOH 95  265 95  HOH HOH A . 
B 2 HOH 96  266 96  HOH HOH A . 
B 2 HOH 97  267 97  HOH HOH A . 
B 2 HOH 98  268 98  HOH HOH A . 
B 2 HOH 99  269 99  HOH HOH A . 
B 2 HOH 100 270 100 HOH HOH A . 
B 2 HOH 101 271 101 HOH HOH A . 
B 2 HOH 102 272 102 HOH HOH A . 
B 2 HOH 103 273 103 HOH HOH A . 
B 2 HOH 104 274 104 HOH HOH A . 
B 2 HOH 105 275 105 HOH HOH A . 
B 2 HOH 106 276 106 HOH HOH A . 
B 2 HOH 107 277 107 HOH HOH A . 
B 2 HOH 108 278 108 HOH HOH A . 
B 2 HOH 109 279 109 HOH HOH A . 
B 2 HOH 110 280 110 HOH HOH A . 
B 2 HOH 111 281 111 HOH HOH A . 
B 2 HOH 112 282 112 HOH HOH A . 
B 2 HOH 113 283 113 HOH HOH A . 
B 2 HOH 114 284 114 HOH HOH A . 
B 2 HOH 115 285 115 HOH HOH A . 
B 2 HOH 116 286 116 HOH HOH A . 
B 2 HOH 117 287 117 HOH HOH A . 
B 2 HOH 118 288 118 HOH HOH A . 
B 2 HOH 119 289 119 HOH HOH A . 
B 2 HOH 120 290 120 HOH HOH A . 
B 2 HOH 121 291 121 HOH HOH A . 
B 2 HOH 122 292 122 HOH HOH A . 
B 2 HOH 123 293 123 HOH HOH A . 
B 2 HOH 124 294 124 HOH HOH A . 
B 2 HOH 125 295 125 HOH HOH A . 
B 2 HOH 126 296 126 HOH HOH A . 
B 2 HOH 127 297 127 HOH HOH A . 
B 2 HOH 128 298 128 HOH HOH A . 
B 2 HOH 129 299 129 HOH HOH A . 
B 2 HOH 130 300 130 HOH HOH A . 
B 2 HOH 131 301 131 HOH HOH A . 
B 2 HOH 132 302 132 HOH HOH A . 
B 2 HOH 133 303 133 HOH HOH A . 
B 2 HOH 134 304 134 HOH HOH A . 
B 2 HOH 135 305 135 HOH HOH A . 
B 2 HOH 136 306 136 HOH HOH A . 
B 2 HOH 137 307 137 HOH HOH A . 
B 2 HOH 138 308 138 HOH HOH A . 
B 2 HOH 139 309 139 HOH HOH A . 
B 2 HOH 140 310 140 HOH HOH A . 
B 2 HOH 141 311 141 HOH HOH A . 
B 2 HOH 142 312 142 HOH HOH A . 
B 2 HOH 143 313 143 HOH HOH A . 
B 2 HOH 144 314 144 HOH HOH A . 
B 2 HOH 145 315 145 HOH HOH A . 
B 2 HOH 146 316 146 HOH HOH A . 
B 2 HOH 147 317 147 HOH HOH A . 
B 2 HOH 148 318 148 HOH HOH A . 
B 2 HOH 149 319 149 HOH HOH A . 
B 2 HOH 150 320 150 HOH HOH A . 
B 2 HOH 151 321 151 HOH HOH A . 
# 
_pdbx_struct_assembly.id                   1 
_pdbx_struct_assembly.details              author_defined_assembly 
_pdbx_struct_assembly.method_details       ? 
_pdbx_struct_assembly.oligomeric_details   monomeric 
_pdbx_struct_assembly.oligomeric_count     1 
# 
_pdbx_struct_assembly_gen.assembly_id       1 
_pdbx_struct_assembly_gen.oper_expression   1 
_pdbx_struct_assembly_gen.asym_id_list      A,B 
# 
_pdbx_struct_oper_list.id                   1 
_pdbx_struct_oper_list.type                 'identity operation' 
_pdbx_struct_oper_list.name                 1_555 
_pdbx_struct_oper_list.symmetry_operation   x,y,z 
_pdbx_struct_oper_list.matrix[1][1]         1.0000000000 
_pdbx_struct_oper_list.matrix[1][2]         0.0000000000 
_pdbx_struct_oper_list.matrix[1][3]         0.0000000000 
_pdbx_struct_oper_list.vector[1]            0.0000000000 
_pdbx_struct_oper_list.matrix[2][1]         0.0000000000 
_pdbx_struct_oper_list.matrix[2][2]         1.0000000000 
_pdbx_struct_oper_list.matrix[2][3]         0.0000000000 
_pdbx_struct_oper_list.vector[2]            0.0000000000 
_pdbx_struct_oper_list.matrix[3][1]         0.0000000000 
_pdbx_struct_oper_list.matrix[3][2]         0.0000000000 
_pdbx_struct_oper_list.matrix[3][3]         1.0000000000 
_pdbx_struct_oper_list.vector[3]            0.0000000000 
# 
loop_
_pdbx_audit_revision_history.ordinal 
_pdbx_audit_revision_history.data_content_type 
_pdbx_audit_revision_history.major_revision 
_pdbx_audit_revision_history.minor_revision 
_pdbx_audit_revision_history.revision_date 
1 'Structure model' 1 0 2007-09-18 
2 'Structure model' 1 1 2011-07-13 
3 'Structure model' 1 2 2023-08-30 
# 
_pdbx_audit_revision_details.ordinal             1 
_pdbx_audit_revision_details.revision_ordinal    1 
_pdbx_audit_revision_details.data_content_type   'Structure model' 
_pdbx_audit_revision_details.provider            repository 
_pdbx_audit_revision_details.type                'Initial release' 
_pdbx_audit_revision_details.description         ? 
_pdbx_audit_revision_details.details             ? 
# 
loop_
_pdbx_audit_revision_group.ordinal 
_pdbx_audit_revision_group.revision_ordinal 
_pdbx_audit_revision_group.data_content_type 
_pdbx_audit_revision_group.group 
1 2 'Structure model' 'Version format compliance' 
2 3 'Structure model' 'Data collection'           
3 3 'Structure model' 'Database references'       
4 3 'Structure model' 'Refinement description'    
# 
loop_
_pdbx_audit_revision_category.ordinal 
_pdbx_audit_revision_category.revision_ordinal 
_pdbx_audit_revision_category.data_content_type 
_pdbx_audit_revision_category.category 
1 3 'Structure model' chem_comp_atom                
2 3 'Structure model' chem_comp_bond                
3 3 'Structure model' database_2                    
4 3 'Structure model' pdbx_initial_refinement_model 
5 3 'Structure model' struct_ref_seq_dif            
# 
loop_
_pdbx_audit_revision_item.ordinal 
_pdbx_audit_revision_item.revision_ordinal 
_pdbx_audit_revision_item.data_content_type 
_pdbx_audit_revision_item.item 
1 3 'Structure model' '_database_2.pdbx_DOI'                
2 3 'Structure model' '_database_2.pdbx_database_accession' 
3 3 'Structure model' '_struct_ref_seq_dif.details'         
# 
loop_
_software.name 
_software.classification 
_software.version 
_software.citation_id 
_software.pdbx_ordinal 
HKL-2000  'data collection' .      ? 1 
PHASER    phasing           .      ? 2 
REFMAC    refinement        5.1.19 ? 3 
HKL-2000  'data reduction'  .      ? 4 
SCALEPACK 'data scaling'    .      ? 5 
# 
loop_
_pdbx_validate_torsion.id 
_pdbx_validate_torsion.PDB_model_num 
_pdbx_validate_torsion.auth_comp_id 
_pdbx_validate_torsion.auth_asym_id 
_pdbx_validate_torsion.auth_seq_id 
_pdbx_validate_torsion.PDB_ins_code 
_pdbx_validate_torsion.label_alt_id 
_pdbx_validate_torsion.phi 
_pdbx_validate_torsion.psi 
1 1 ASP A 7  ? ? -106.82 43.50 
2 1 GLN A 45 ? ? -118.66 51.24 
# 
loop_
_pdbx_unobs_or_zero_occ_residues.id 
_pdbx_unobs_or_zero_occ_residues.PDB_model_num 
_pdbx_unobs_or_zero_occ_residues.polymer_flag 
_pdbx_unobs_or_zero_occ_residues.occupancy_flag 
_pdbx_unobs_or_zero_occ_residues.auth_asym_id 
_pdbx_unobs_or_zero_occ_residues.auth_comp_id 
_pdbx_unobs_or_zero_occ_residues.auth_seq_id 
_pdbx_unobs_or_zero_occ_residues.PDB_ins_code 
_pdbx_unobs_or_zero_occ_residues.label_asym_id 
_pdbx_unobs_or_zero_occ_residues.label_comp_id 
_pdbx_unobs_or_zero_occ_residues.label_seq_id 
1  1 Y 1 A MET -12 ? A MET 1  
2  1 Y 1 A ARG -11 ? A ARG 2  
3  1 Y 1 A GLY -10 ? A GLY 3  
4  1 Y 1 A SER -9  ? A SER 4  
5  1 Y 1 A HIS -8  ? A HIS 5  
6  1 Y 1 A HIS -7  ? A HIS 6  
7  1 Y 1 A HIS -6  ? A HIS 7  
8  1 Y 1 A HIS -5  ? A HIS 8  
9  1 Y 1 A HIS -4  ? A HIS 9  
10 1 Y 1 A HIS -3  ? A HIS 10 
11 1 Y 1 A GLY -2  ? A GLY 11 
12 1 Y 1 A SER -1  ? A SER 12 
13 1 Y 1 A ALA 0   ? A ALA 13 
14 1 Y 1 A CYS 1   ? A CYS 14 
15 1 Y 1 A CYS 2   ? A CYS 15 
16 1 Y 1 A ALA 3   ? A ALA 16 
17 1 Y 1 A SER 4   ? A SER 17 
18 1 Y 1 A ARG 5   ? A ARG 18 
# 
loop_
_chem_comp_atom.comp_id 
_chem_comp_atom.atom_id 
_chem_comp_atom.type_symbol 
_chem_comp_atom.pdbx_aromatic_flag 
_chem_comp_atom.pdbx_stereo_config 
_chem_comp_atom.pdbx_ordinal 
ALA N    N N N 1   
ALA CA   C N S 2   
ALA C    C N N 3   
ALA O    O N N 4   
ALA CB   C N N 5   
ALA OXT  O N N 6   
ALA H    H N N 7   
ALA H2   H N N 8   
ALA HA   H N N 9   
ALA HB1  H N N 10  
ALA HB2  H N N 11  
ALA HB3  H N N 12  
ALA HXT  H N N 13  
ARG N    N N N 14  
ARG CA   C N S 15  
ARG C    C N N 16  
ARG O    O N N 17  
ARG CB   C N N 18  
ARG CG   C N N 19  
ARG CD   C N N 20  
ARG NE   N N N 21  
ARG CZ   C N N 22  
ARG NH1  N N N 23  
ARG NH2  N N N 24  
ARG OXT  O N N 25  
ARG H    H N N 26  
ARG H2   H N N 27  
ARG HA   H N N 28  
ARG HB2  H N N 29  
ARG HB3  H N N 30  
ARG HG2  H N N 31  
ARG HG3  H N N 32  
ARG HD2  H N N 33  
ARG HD3  H N N 34  
ARG HE   H N N 35  
ARG HH11 H N N 36  
ARG HH12 H N N 37  
ARG HH21 H N N 38  
ARG HH22 H N N 39  
ARG HXT  H N N 40  
ASN N    N N N 41  
ASN CA   C N S 42  
ASN C    C N N 43  
ASN O    O N N 44  
ASN CB   C N N 45  
ASN CG   C N N 46  
ASN OD1  O N N 47  
ASN ND2  N N N 48  
ASN OXT  O N N 49  
ASN H    H N N 50  
ASN H2   H N N 51  
ASN HA   H N N 52  
ASN HB2  H N N 53  
ASN HB3  H N N 54  
ASN HD21 H N N 55  
ASN HD22 H N N 56  
ASN HXT  H N N 57  
ASP N    N N N 58  
ASP CA   C N S 59  
ASP C    C N N 60  
ASP O    O N N 61  
ASP CB   C N N 62  
ASP CG   C N N 63  
ASP OD1  O N N 64  
ASP OD2  O N N 65  
ASP OXT  O N N 66  
ASP H    H N N 67  
ASP H2   H N N 68  
ASP HA   H N N 69  
ASP HB2  H N N 70  
ASP HB3  H N N 71  
ASP HD2  H N N 72  
ASP HXT  H N N 73  
CYS N    N N N 74  
CYS CA   C N R 75  
CYS C    C N N 76  
CYS O    O N N 77  
CYS CB   C N N 78  
CYS SG   S N N 79  
CYS OXT  O N N 80  
CYS H    H N N 81  
CYS H2   H N N 82  
CYS HA   H N N 83  
CYS HB2  H N N 84  
CYS HB3  H N N 85  
CYS HG   H N N 86  
CYS HXT  H N N 87  
GLN N    N N N 88  
GLN CA   C N S 89  
GLN C    C N N 90  
GLN O    O N N 91  
GLN CB   C N N 92  
GLN CG   C N N 93  
GLN CD   C N N 94  
GLN OE1  O N N 95  
GLN NE2  N N N 96  
GLN OXT  O N N 97  
GLN H    H N N 98  
GLN H2   H N N 99  
GLN HA   H N N 100 
GLN HB2  H N N 101 
GLN HB3  H N N 102 
GLN HG2  H N N 103 
GLN HG3  H N N 104 
GLN HE21 H N N 105 
GLN HE22 H N N 106 
GLN HXT  H N N 107 
GLU N    N N N 108 
GLU CA   C N S 109 
GLU C    C N N 110 
GLU O    O N N 111 
GLU CB   C N N 112 
GLU CG   C N N 113 
GLU CD   C N N 114 
GLU OE1  O N N 115 
GLU OE2  O N N 116 
GLU OXT  O N N 117 
GLU H    H N N 118 
GLU H2   H N N 119 
GLU HA   H N N 120 
GLU HB2  H N N 121 
GLU HB3  H N N 122 
GLU HG2  H N N 123 
GLU HG3  H N N 124 
GLU HE2  H N N 125 
GLU HXT  H N N 126 
GLY N    N N N 127 
GLY CA   C N N 128 
GLY C    C N N 129 
GLY O    O N N 130 
GLY OXT  O N N 131 
GLY H    H N N 132 
GLY H2   H N N 133 
GLY HA2  H N N 134 
GLY HA3  H N N 135 
GLY HXT  H N N 136 
HIS N    N N N 137 
HIS CA   C N S 138 
HIS C    C N N 139 
HIS O    O N N 140 
HIS CB   C N N 141 
HIS CG   C Y N 142 
HIS ND1  N Y N 143 
HIS CD2  C Y N 144 
HIS CE1  C Y N 145 
HIS NE2  N Y N 146 
HIS OXT  O N N 147 
HIS H    H N N 148 
HIS H2   H N N 149 
HIS HA   H N N 150 
HIS HB2  H N N 151 
HIS HB3  H N N 152 
HIS HD1  H N N 153 
HIS HD2  H N N 154 
HIS HE1  H N N 155 
HIS HE2  H N N 156 
HIS HXT  H N N 157 
HOH O    O N N 158 
HOH H1   H N N 159 
HOH H2   H N N 160 
ILE N    N N N 161 
ILE CA   C N S 162 
ILE C    C N N 163 
ILE O    O N N 164 
ILE CB   C N S 165 
ILE CG1  C N N 166 
ILE CG2  C N N 167 
ILE CD1  C N N 168 
ILE OXT  O N N 169 
ILE H    H N N 170 
ILE H2   H N N 171 
ILE HA   H N N 172 
ILE HB   H N N 173 
ILE HG12 H N N 174 
ILE HG13 H N N 175 
ILE HG21 H N N 176 
ILE HG22 H N N 177 
ILE HG23 H N N 178 
ILE HD11 H N N 179 
ILE HD12 H N N 180 
ILE HD13 H N N 181 
ILE HXT  H N N 182 
LEU N    N N N 183 
LEU CA   C N S 184 
LEU C    C N N 185 
LEU O    O N N 186 
LEU CB   C N N 187 
LEU CG   C N N 188 
LEU CD1  C N N 189 
LEU CD2  C N N 190 
LEU OXT  O N N 191 
LEU H    H N N 192 
LEU H2   H N N 193 
LEU HA   H N N 194 
LEU HB2  H N N 195 
LEU HB3  H N N 196 
LEU HG   H N N 197 
LEU HD11 H N N 198 
LEU HD12 H N N 199 
LEU HD13 H N N 200 
LEU HD21 H N N 201 
LEU HD22 H N N 202 
LEU HD23 H N N 203 
LEU HXT  H N N 204 
LYS N    N N N 205 
LYS CA   C N S 206 
LYS C    C N N 207 
LYS O    O N N 208 
LYS CB   C N N 209 
LYS CG   C N N 210 
LYS CD   C N N 211 
LYS CE   C N N 212 
LYS NZ   N N N 213 
LYS OXT  O N N 214 
LYS H    H N N 215 
LYS H2   H N N 216 
LYS HA   H N N 217 
LYS HB2  H N N 218 
LYS HB3  H N N 219 
LYS HG2  H N N 220 
LYS HG3  H N N 221 
LYS HD2  H N N 222 
LYS HD3  H N N 223 
LYS HE2  H N N 224 
LYS HE3  H N N 225 
LYS HZ1  H N N 226 
LYS HZ2  H N N 227 
LYS HZ3  H N N 228 
LYS HXT  H N N 229 
MET N    N N N 230 
MET CA   C N S 231 
MET C    C N N 232 
MET O    O N N 233 
MET CB   C N N 234 
MET CG   C N N 235 
MET SD   S N N 236 
MET CE   C N N 237 
MET OXT  O N N 238 
MET H    H N N 239 
MET H2   H N N 240 
MET HA   H N N 241 
MET HB2  H N N 242 
MET HB3  H N N 243 
MET HG2  H N N 244 
MET HG3  H N N 245 
MET HE1  H N N 246 
MET HE2  H N N 247 
MET HE3  H N N 248 
MET HXT  H N N 249 
PHE N    N N N 250 
PHE CA   C N S 251 
PHE C    C N N 252 
PHE O    O N N 253 
PHE CB   C N N 254 
PHE CG   C Y N 255 
PHE CD1  C Y N 256 
PHE CD2  C Y N 257 
PHE CE1  C Y N 258 
PHE CE2  C Y N 259 
PHE CZ   C Y N 260 
PHE OXT  O N N 261 
PHE H    H N N 262 
PHE H2   H N N 263 
PHE HA   H N N 264 
PHE HB2  H N N 265 
PHE HB3  H N N 266 
PHE HD1  H N N 267 
PHE HD2  H N N 268 
PHE HE1  H N N 269 
PHE HE2  H N N 270 
PHE HZ   H N N 271 
PHE HXT  H N N 272 
PRO N    N N N 273 
PRO CA   C N S 274 
PRO C    C N N 275 
PRO O    O N N 276 
PRO CB   C N N 277 
PRO CG   C N N 278 
PRO CD   C N N 279 
PRO OXT  O N N 280 
PRO H    H N N 281 
PRO HA   H N N 282 
PRO HB2  H N N 283 
PRO HB3  H N N 284 
PRO HG2  H N N 285 
PRO HG3  H N N 286 
PRO HD2  H N N 287 
PRO HD3  H N N 288 
PRO HXT  H N N 289 
SER N    N N N 290 
SER CA   C N S 291 
SER C    C N N 292 
SER O    O N N 293 
SER CB   C N N 294 
SER OG   O N N 295 
SER OXT  O N N 296 
SER H    H N N 297 
SER H2   H N N 298 
SER HA   H N N 299 
SER HB2  H N N 300 
SER HB3  H N N 301 
SER HG   H N N 302 
SER HXT  H N N 303 
THR N    N N N 304 
THR CA   C N S 305 
THR C    C N N 306 
THR O    O N N 307 
THR CB   C N R 308 
THR OG1  O N N 309 
THR CG2  C N N 310 
THR OXT  O N N 311 
THR H    H N N 312 
THR H2   H N N 313 
THR HA   H N N 314 
THR HB   H N N 315 
THR HG1  H N N 316 
THR HG21 H N N 317 
THR HG22 H N N 318 
THR HG23 H N N 319 
THR HXT  H N N 320 
TRP N    N N N 321 
TRP CA   C N S 322 
TRP C    C N N 323 
TRP O    O N N 324 
TRP CB   C N N 325 
TRP CG   C Y N 326 
TRP CD1  C Y N 327 
TRP CD2  C Y N 328 
TRP NE1  N Y N 329 
TRP CE2  C Y N 330 
TRP CE3  C Y N 331 
TRP CZ2  C Y N 332 
TRP CZ3  C Y N 333 
TRP CH2  C Y N 334 
TRP OXT  O N N 335 
TRP H    H N N 336 
TRP H2   H N N 337 
TRP HA   H N N 338 
TRP HB2  H N N 339 
TRP HB3  H N N 340 
TRP HD1  H N N 341 
TRP HE1  H N N 342 
TRP HE3  H N N 343 
TRP HZ2  H N N 344 
TRP HZ3  H N N 345 
TRP HH2  H N N 346 
TRP HXT  H N N 347 
TYR N    N N N 348 
TYR CA   C N S 349 
TYR C    C N N 350 
TYR O    O N N 351 
TYR CB   C N N 352 
TYR CG   C Y N 353 
TYR CD1  C Y N 354 
TYR CD2  C Y N 355 
TYR CE1  C Y N 356 
TYR CE2  C Y N 357 
TYR CZ   C Y N 358 
TYR OH   O N N 359 
TYR OXT  O N N 360 
TYR H    H N N 361 
TYR H2   H N N 362 
TYR HA   H N N 363 
TYR HB2  H N N 364 
TYR HB3  H N N 365 
TYR HD1  H N N 366 
TYR HD2  H N N 367 
TYR HE1  H N N 368 
TYR HE2  H N N 369 
TYR HH   H N N 370 
TYR HXT  H N N 371 
VAL N    N N N 372 
VAL CA   C N S 373 
VAL C    C N N 374 
VAL O    O N N 375 
VAL CB   C N N 376 
VAL CG1  C N N 377 
VAL CG2  C N N 378 
VAL OXT  O N N 379 
VAL H    H N N 380 
VAL H2   H N N 381 
VAL HA   H N N 382 
VAL HB   H N N 383 
VAL HG11 H N N 384 
VAL HG12 H N N 385 
VAL HG13 H N N 386 
VAL HG21 H N N 387 
VAL HG22 H N N 388 
VAL HG23 H N N 389 
VAL HXT  H N N 390 
# 
loop_
_chem_comp_bond.comp_id 
_chem_comp_bond.atom_id_1 
_chem_comp_bond.atom_id_2 
_chem_comp_bond.value_order 
_chem_comp_bond.pdbx_aromatic_flag 
_chem_comp_bond.pdbx_stereo_config 
_chem_comp_bond.pdbx_ordinal 
ALA N   CA   sing N N 1   
ALA N   H    sing N N 2   
ALA N   H2   sing N N 3   
ALA CA  C    sing N N 4   
ALA CA  CB   sing N N 5   
ALA CA  HA   sing N N 6   
ALA C   O    doub N N 7   
ALA C   OXT  sing N N 8   
ALA CB  HB1  sing N N 9   
ALA CB  HB2  sing N N 10  
ALA CB  HB3  sing N N 11  
ALA OXT HXT  sing N N 12  
ARG N   CA   sing N N 13  
ARG N   H    sing N N 14  
ARG N   H2   sing N N 15  
ARG CA  C    sing N N 16  
ARG CA  CB   sing N N 17  
ARG CA  HA   sing N N 18  
ARG C   O    doub N N 19  
ARG C   OXT  sing N N 20  
ARG CB  CG   sing N N 21  
ARG CB  HB2  sing N N 22  
ARG CB  HB3  sing N N 23  
ARG CG  CD   sing N N 24  
ARG CG  HG2  sing N N 25  
ARG CG  HG3  sing N N 26  
ARG CD  NE   sing N N 27  
ARG CD  HD2  sing N N 28  
ARG CD  HD3  sing N N 29  
ARG NE  CZ   sing N N 30  
ARG NE  HE   sing N N 31  
ARG CZ  NH1  sing N N 32  
ARG CZ  NH2  doub N N 33  
ARG NH1 HH11 sing N N 34  
ARG NH1 HH12 sing N N 35  
ARG NH2 HH21 sing N N 36  
ARG NH2 HH22 sing N N 37  
ARG OXT HXT  sing N N 38  
ASN N   CA   sing N N 39  
ASN N   H    sing N N 40  
ASN N   H2   sing N N 41  
ASN CA  C    sing N N 42  
ASN CA  CB   sing N N 43  
ASN CA  HA   sing N N 44  
ASN C   O    doub N N 45  
ASN C   OXT  sing N N 46  
ASN CB  CG   sing N N 47  
ASN CB  HB2  sing N N 48  
ASN CB  HB3  sing N N 49  
ASN CG  OD1  doub N N 50  
ASN CG  ND2  sing N N 51  
ASN ND2 HD21 sing N N 52  
ASN ND2 HD22 sing N N 53  
ASN OXT HXT  sing N N 54  
ASP N   CA   sing N N 55  
ASP N   H    sing N N 56  
ASP N   H2   sing N N 57  
ASP CA  C    sing N N 58  
ASP CA  CB   sing N N 59  
ASP CA  HA   sing N N 60  
ASP C   O    doub N N 61  
ASP C   OXT  sing N N 62  
ASP CB  CG   sing N N 63  
ASP CB  HB2  sing N N 64  
ASP CB  HB3  sing N N 65  
ASP CG  OD1  doub N N 66  
ASP CG  OD2  sing N N 67  
ASP OD2 HD2  sing N N 68  
ASP OXT HXT  sing N N 69  
CYS N   CA   sing N N 70  
CYS N   H    sing N N 71  
CYS N   H2   sing N N 72  
CYS CA  C    sing N N 73  
CYS CA  CB   sing N N 74  
CYS CA  HA   sing N N 75  
CYS C   O    doub N N 76  
CYS C   OXT  sing N N 77  
CYS CB  SG   sing N N 78  
CYS CB  HB2  sing N N 79  
CYS CB  HB3  sing N N 80  
CYS SG  HG   sing N N 81  
CYS OXT HXT  sing N N 82  
GLN N   CA   sing N N 83  
GLN N   H    sing N N 84  
GLN N   H2   sing N N 85  
GLN CA  C    sing N N 86  
GLN CA  CB   sing N N 87  
GLN CA  HA   sing N N 88  
GLN C   O    doub N N 89  
GLN C   OXT  sing N N 90  
GLN CB  CG   sing N N 91  
GLN CB  HB2  sing N N 92  
GLN CB  HB3  sing N N 93  
GLN CG  CD   sing N N 94  
GLN CG  HG2  sing N N 95  
GLN CG  HG3  sing N N 96  
GLN CD  OE1  doub N N 97  
GLN CD  NE2  sing N N 98  
GLN NE2 HE21 sing N N 99  
GLN NE2 HE22 sing N N 100 
GLN OXT HXT  sing N N 101 
GLU N   CA   sing N N 102 
GLU N   H    sing N N 103 
GLU N   H2   sing N N 104 
GLU CA  C    sing N N 105 
GLU CA  CB   sing N N 106 
GLU CA  HA   sing N N 107 
GLU C   O    doub N N 108 
GLU C   OXT  sing N N 109 
GLU CB  CG   sing N N 110 
GLU CB  HB2  sing N N 111 
GLU CB  HB3  sing N N 112 
GLU CG  CD   sing N N 113 
GLU CG  HG2  sing N N 114 
GLU CG  HG3  sing N N 115 
GLU CD  OE1  doub N N 116 
GLU CD  OE2  sing N N 117 
GLU OE2 HE2  sing N N 118 
GLU OXT HXT  sing N N 119 
GLY N   CA   sing N N 120 
GLY N   H    sing N N 121 
GLY N   H2   sing N N 122 
GLY CA  C    sing N N 123 
GLY CA  HA2  sing N N 124 
GLY CA  HA3  sing N N 125 
GLY C   O    doub N N 126 
GLY C   OXT  sing N N 127 
GLY OXT HXT  sing N N 128 
HIS N   CA   sing N N 129 
HIS N   H    sing N N 130 
HIS N   H2   sing N N 131 
HIS CA  C    sing N N 132 
HIS CA  CB   sing N N 133 
HIS CA  HA   sing N N 134 
HIS C   O    doub N N 135 
HIS C   OXT  sing N N 136 
HIS CB  CG   sing N N 137 
HIS CB  HB2  sing N N 138 
HIS CB  HB3  sing N N 139 
HIS CG  ND1  sing Y N 140 
HIS CG  CD2  doub Y N 141 
HIS ND1 CE1  doub Y N 142 
HIS ND1 HD1  sing N N 143 
HIS CD2 NE2  sing Y N 144 
HIS CD2 HD2  sing N N 145 
HIS CE1 NE2  sing Y N 146 
HIS CE1 HE1  sing N N 147 
HIS NE2 HE2  sing N N 148 
HIS OXT HXT  sing N N 149 
HOH O   H1   sing N N 150 
HOH O   H2   sing N N 151 
ILE N   CA   sing N N 152 
ILE N   H    sing N N 153 
ILE N   H2   sing N N 154 
ILE CA  C    sing N N 155 
ILE CA  CB   sing N N 156 
ILE CA  HA   sing N N 157 
ILE C   O    doub N N 158 
ILE C   OXT  sing N N 159 
ILE CB  CG1  sing N N 160 
ILE CB  CG2  sing N N 161 
ILE CB  HB   sing N N 162 
ILE CG1 CD1  sing N N 163 
ILE CG1 HG12 sing N N 164 
ILE CG1 HG13 sing N N 165 
ILE CG2 HG21 sing N N 166 
ILE CG2 HG22 sing N N 167 
ILE CG2 HG23 sing N N 168 
ILE CD1 HD11 sing N N 169 
ILE CD1 HD12 sing N N 170 
ILE CD1 HD13 sing N N 171 
ILE OXT HXT  sing N N 172 
LEU N   CA   sing N N 173 
LEU N   H    sing N N 174 
LEU N   H2   sing N N 175 
LEU CA  C    sing N N 176 
LEU CA  CB   sing N N 177 
LEU CA  HA   sing N N 178 
LEU C   O    doub N N 179 
LEU C   OXT  sing N N 180 
LEU CB  CG   sing N N 181 
LEU CB  HB2  sing N N 182 
LEU CB  HB3  sing N N 183 
LEU CG  CD1  sing N N 184 
LEU CG  CD2  sing N N 185 
LEU CG  HG   sing N N 186 
LEU CD1 HD11 sing N N 187 
LEU CD1 HD12 sing N N 188 
LEU CD1 HD13 sing N N 189 
LEU CD2 HD21 sing N N 190 
LEU CD2 HD22 sing N N 191 
LEU CD2 HD23 sing N N 192 
LEU OXT HXT  sing N N 193 
LYS N   CA   sing N N 194 
LYS N   H    sing N N 195 
LYS N   H2   sing N N 196 
LYS CA  C    sing N N 197 
LYS CA  CB   sing N N 198 
LYS CA  HA   sing N N 199 
LYS C   O    doub N N 200 
LYS C   OXT  sing N N 201 
LYS CB  CG   sing N N 202 
LYS CB  HB2  sing N N 203 
LYS CB  HB3  sing N N 204 
LYS CG  CD   sing N N 205 
LYS CG  HG2  sing N N 206 
LYS CG  HG3  sing N N 207 
LYS CD  CE   sing N N 208 
LYS CD  HD2  sing N N 209 
LYS CD  HD3  sing N N 210 
LYS CE  NZ   sing N N 211 
LYS CE  HE2  sing N N 212 
LYS CE  HE3  sing N N 213 
LYS NZ  HZ1  sing N N 214 
LYS NZ  HZ2  sing N N 215 
LYS NZ  HZ3  sing N N 216 
LYS OXT HXT  sing N N 217 
MET N   CA   sing N N 218 
MET N   H    sing N N 219 
MET N   H2   sing N N 220 
MET CA  C    sing N N 221 
MET CA  CB   sing N N 222 
MET CA  HA   sing N N 223 
MET C   O    doub N N 224 
MET C   OXT  sing N N 225 
MET CB  CG   sing N N 226 
MET CB  HB2  sing N N 227 
MET CB  HB3  sing N N 228 
MET CG  SD   sing N N 229 
MET CG  HG2  sing N N 230 
MET CG  HG3  sing N N 231 
MET SD  CE   sing N N 232 
MET CE  HE1  sing N N 233 
MET CE  HE2  sing N N 234 
MET CE  HE3  sing N N 235 
MET OXT HXT  sing N N 236 
PHE N   CA   sing N N 237 
PHE N   H    sing N N 238 
PHE N   H2   sing N N 239 
PHE CA  C    sing N N 240 
PHE CA  CB   sing N N 241 
PHE CA  HA   sing N N 242 
PHE C   O    doub N N 243 
PHE C   OXT  sing N N 244 
PHE CB  CG   sing N N 245 
PHE CB  HB2  sing N N 246 
PHE CB  HB3  sing N N 247 
PHE CG  CD1  doub Y N 248 
PHE CG  CD2  sing Y N 249 
PHE CD1 CE1  sing Y N 250 
PHE CD1 HD1  sing N N 251 
PHE CD2 CE2  doub Y N 252 
PHE CD2 HD2  sing N N 253 
PHE CE1 CZ   doub Y N 254 
PHE CE1 HE1  sing N N 255 
PHE CE2 CZ   sing Y N 256 
PHE CE2 HE2  sing N N 257 
PHE CZ  HZ   sing N N 258 
PHE OXT HXT  sing N N 259 
PRO N   CA   sing N N 260 
PRO N   CD   sing N N 261 
PRO N   H    sing N N 262 
PRO CA  C    sing N N 263 
PRO CA  CB   sing N N 264 
PRO CA  HA   sing N N 265 
PRO C   O    doub N N 266 
PRO C   OXT  sing N N 267 
PRO CB  CG   sing N N 268 
PRO CB  HB2  sing N N 269 
PRO CB  HB3  sing N N 270 
PRO CG  CD   sing N N 271 
PRO CG  HG2  sing N N 272 
PRO CG  HG3  sing N N 273 
PRO CD  HD2  sing N N 274 
PRO CD  HD3  sing N N 275 
PRO OXT HXT  sing N N 276 
SER N   CA   sing N N 277 
SER N   H    sing N N 278 
SER N   H2   sing N N 279 
SER CA  C    sing N N 280 
SER CA  CB   sing N N 281 
SER CA  HA   sing N N 282 
SER C   O    doub N N 283 
SER C   OXT  sing N N 284 
SER CB  OG   sing N N 285 
SER CB  HB2  sing N N 286 
SER CB  HB3  sing N N 287 
SER OG  HG   sing N N 288 
SER OXT HXT  sing N N 289 
THR N   CA   sing N N 290 
THR N   H    sing N N 291 
THR N   H2   sing N N 292 
THR CA  C    sing N N 293 
THR CA  CB   sing N N 294 
THR CA  HA   sing N N 295 
THR C   O    doub N N 296 
THR C   OXT  sing N N 297 
THR CB  OG1  sing N N 298 
THR CB  CG2  sing N N 299 
THR CB  HB   sing N N 300 
THR OG1 HG1  sing N N 301 
THR CG2 HG21 sing N N 302 
THR CG2 HG22 sing N N 303 
THR CG2 HG23 sing N N 304 
THR OXT HXT  sing N N 305 
TRP N   CA   sing N N 306 
TRP N   H    sing N N 307 
TRP N   H2   sing N N 308 
TRP CA  C    sing N N 309 
TRP CA  CB   sing N N 310 
TRP CA  HA   sing N N 311 
TRP C   O    doub N N 312 
TRP C   OXT  sing N N 313 
TRP CB  CG   sing N N 314 
TRP CB  HB2  sing N N 315 
TRP CB  HB3  sing N N 316 
TRP CG  CD1  doub Y N 317 
TRP CG  CD2  sing Y N 318 
TRP CD1 NE1  sing Y N 319 
TRP CD1 HD1  sing N N 320 
TRP CD2 CE2  doub Y N 321 
TRP CD2 CE3  sing Y N 322 
TRP NE1 CE2  sing Y N 323 
TRP NE1 HE1  sing N N 324 
TRP CE2 CZ2  sing Y N 325 
TRP CE3 CZ3  doub Y N 326 
TRP CE3 HE3  sing N N 327 
TRP CZ2 CH2  doub Y N 328 
TRP CZ2 HZ2  sing N N 329 
TRP CZ3 CH2  sing Y N 330 
TRP CZ3 HZ3  sing N N 331 
TRP CH2 HH2  sing N N 332 
TRP OXT HXT  sing N N 333 
TYR N   CA   sing N N 334 
TYR N   H    sing N N 335 
TYR N   H2   sing N N 336 
TYR CA  C    sing N N 337 
TYR CA  CB   sing N N 338 
TYR CA  HA   sing N N 339 
TYR C   O    doub N N 340 
TYR C   OXT  sing N N 341 
TYR CB  CG   sing N N 342 
TYR CB  HB2  sing N N 343 
TYR CB  HB3  sing N N 344 
TYR CG  CD1  doub Y N 345 
TYR CG  CD2  sing Y N 346 
TYR CD1 CE1  sing Y N 347 
TYR CD1 HD1  sing N N 348 
TYR CD2 CE2  doub Y N 349 
TYR CD2 HD2  sing N N 350 
TYR CE1 CZ   doub Y N 351 
TYR CE1 HE1  sing N N 352 
TYR CE2 CZ   sing Y N 353 
TYR CE2 HE2  sing N N 354 
TYR CZ  OH   sing N N 355 
TYR OH  HH   sing N N 356 
TYR OXT HXT  sing N N 357 
VAL N   CA   sing N N 358 
VAL N   H    sing N N 359 
VAL N   H2   sing N N 360 
VAL CA  C    sing N N 361 
VAL CA  CB   sing N N 362 
VAL CA  HA   sing N N 363 
VAL C   O    doub N N 364 
VAL C   OXT  sing N N 365 
VAL CB  CG1  sing N N 366 
VAL CB  CG2  sing N N 367 
VAL CB  HB   sing N N 368 
VAL CG1 HG11 sing N N 369 
VAL CG1 HG12 sing N N 370 
VAL CG1 HG13 sing N N 371 
VAL CG2 HG21 sing N N 372 
VAL CG2 HG22 sing N N 373 
VAL CG2 HG23 sing N N 374 
VAL OXT HXT  sing N N 375 
# 
_pdbx_entity_nonpoly.entity_id   2 
_pdbx_entity_nonpoly.name        water 
_pdbx_entity_nonpoly.comp_id     HOH 
# 
_pdbx_initial_refinement_model.id               1 
_pdbx_initial_refinement_model.entity_id_list   ? 
_pdbx_initial_refinement_model.type             'experimental model' 
_pdbx_initial_refinement_model.source_name      PDB 
_pdbx_initial_refinement_model.accession_code   1GP1 
_pdbx_initial_refinement_model.details          'PDB ENTRY 1GP1' 
# 
